data_3N2K
#
_entry.id   3N2K
#
_cell.length_a   326.321
_cell.length_b   326.321
_cell.length_c   54.057
_cell.angle_alpha   90.00
_cell.angle_beta   90.00
_cell.angle_gamma   120.00
#
_symmetry.space_group_name_H-M   'P 65'
#
loop_
_entity.id
_entity.type
_entity.pdbx_description
1 polymer 'Tubulin alpha chain'
2 polymer 'Tubulin beta chain'
3 polymer Stathmin-4
4 non-polymer "GUANOSINE-5'-TRIPHOSPHATE"
5 non-polymer 'MAGNESIUM ION'
6 non-polymer "GUANOSINE-5'-DIPHOSPHATE"
7 non-polymer 'ethyl [(2S)-5-amino-2-methyl-3-phenyl-1,2-dihydropyrido[3,4-b]pyrazin-7-yl]carbamate'
#
loop_
_entity_poly.entity_id
_entity_poly.type
_entity_poly.pdbx_seq_one_letter_code
_entity_poly.pdbx_strand_id
1 'polypeptide(L)'
;MRECISIHVGQAGVQIGNACWELYCLEHGIQPDGQMPSDKTIGGGDDSFNTFFSETGAGKHVPRAVFVDLEPTVIDEVRT
GTYRQLFHPEQLITGKEDAANNYARGHYTIGKEIIDLVLDRIRKLADQCTGLQGFLVFHSFGGGTGSGFTSLLMERLSVD
YGKKSKLEFSIYPAPQVSTAVVEPYNSILTTHTTLEHSDCAFMVDNEAIYDICRRNLDIERPTYTNLNRLIGQIVSSITA
SLRFDGALNVDLTEFQTNLVPYPRIHFPLATYAPVISAEKAYHEQLSVAEITNACFEPANQMVKCDPRHGKYMACCLLYR
GDVVPKDVNAAIATIKTKRTIQFVDWCPTGFKVGINYQPPTVVPGGDLAKVQRAVCMLSNTTAIAEAWARLDHKFDLMYA
KRAFVHWYVGEGMEEGEFSEAREDMAALEKDYEEVGVDSVEGEGEEEGEEY
;
A,C
2 'polypeptide(L)'
;MREIVHIQAGQCGNQIGAKFWEVISDEHGIDPTGSYHGDSDLQLERINVYYNEATGNKYVPRAILVDLEPGTMDSVRSGP
FGQIFRPDNFVFGQSGAGNNWAKGHYTEGAELVDSVLDVVRKESESCDCLQGFQLTHSLGGGTGSGMGTLLISKIREEYP
DRIMNTFSVMPSPKVSDTVVEPYNATLSVHQLVENTDETYSIDNEALYDICFRTLKLTTPTYGDLNHLVSATMSGVTTCL
RFPGQLNADLRKLAVNMVPFPRLHFFMPGFAPLTSRGSQQYRALTVPELTQQMFDSKNMMAACDPRHGRYLTVAAVFRGR
MSMKEVDEQMLNVQNKNSSYFVEWIPNNVKTAVCDIPPRGLKMSATFIGNSTAIQELFKRISEQFTAMFRRKAFLHWYTG
EGMDEMEFTEAESNMNDLVSEYQQYQDATADEQGEFEEEEGEDEA
;
B,D
3 'polypeptide(L)'
;ADMEVIELNKCTSGQSFEVILKPPSFDGVPEFNASLPRRRDPSLEEIQKKLEAAEERRKYQEAELLKHLAEKREHEREVI
QKAIEENNNFIKMAKEKLAQKMESNKENREAHLAAMLERLQEKDKHAEEVRKNKELKEEASR
;
E
#
loop_
_chem_comp.id
_chem_comp.type
_chem_comp.name
_chem_comp.formula
GDP RNA linking GUANOSINE-5'-DIPHOSPHATE 'C10 H15 N5 O11 P2'
GTP non-polymer GUANOSINE-5'-TRIPHOSPHATE 'C10 H16 N5 O14 P3'
K2N non-polymer 'ethyl [(2S)-5-amino-2-methyl-3-phenyl-1,2-dihydropyrido[3,4-b]pyrazin-7-yl]carbamate' 'C17 H19 N5 O2'
MG non-polymer 'MAGNESIUM ION' 'Mg 2'
#
# COMPACT_ATOMS: atom_id res chain seq x y z
N ARG A 2 11.02 -77.05 -2.87
CA ARG A 2 12.18 -77.13 -1.94
C ARG A 2 12.32 -75.87 -1.06
N GLU A 3 12.78 -74.76 -1.65
CA GLU A 3 13.04 -73.51 -0.93
C GLU A 3 11.99 -72.44 -1.23
N CYS A 4 12.08 -71.27 -0.59
CA CYS A 4 10.89 -70.41 -0.57
C CYS A 4 11.03 -68.96 -0.04
N ILE A 5 11.14 -67.99 -0.92
CA ILE A 5 11.45 -66.63 -0.50
C ILE A 5 10.25 -65.73 -0.33
N SER A 6 10.27 -64.99 0.76
CA SER A 6 9.25 -64.02 1.06
C SER A 6 9.71 -62.58 0.74
N ILE A 7 8.97 -61.88 -0.13
CA ILE A 7 9.16 -60.44 -0.36
C ILE A 7 8.00 -59.65 0.19
N HIS A 8 8.25 -58.71 1.09
CA HIS A 8 7.18 -57.88 1.63
C HIS A 8 7.39 -56.44 1.27
N VAL A 9 6.67 -55.94 0.28
CA VAL A 9 6.84 -54.54 -0.06
C VAL A 9 5.72 -53.73 0.54
N GLY A 10 6.08 -52.56 1.05
CA GLY A 10 5.10 -51.57 1.42
C GLY A 10 4.57 -51.67 2.83
N GLN A 11 4.44 -50.54 3.49
CA GLN A 11 4.10 -50.50 4.92
C GLN A 11 3.19 -51.66 5.38
N ALA A 12 2.08 -51.86 4.67
CA ALA A 12 1.10 -52.87 5.05
C ALA A 12 1.78 -54.19 4.91
N GLY A 13 2.32 -54.45 3.72
CA GLY A 13 3.08 -55.68 3.50
C GLY A 13 4.05 -55.98 4.64
N VAL A 14 4.92 -55.01 4.92
CA VAL A 14 5.96 -55.18 5.91
C VAL A 14 5.38 -55.54 7.28
N GLN A 15 4.29 -54.88 7.67
CA GLN A 15 3.80 -55.16 9.00
C GLN A 15 3.11 -56.50 9.08
N ILE A 16 2.35 -56.86 8.04
CA ILE A 16 1.74 -58.19 7.94
C ILE A 16 2.86 -59.19 8.03
N GLY A 17 3.94 -58.88 7.32
CA GLY A 17 5.12 -59.71 7.34
C GLY A 17 5.64 -59.85 8.75
N ASN A 18 5.98 -58.71 9.34
CA ASN A 18 6.58 -58.72 10.63
C ASN A 18 5.77 -59.45 11.66
N ALA A 19 4.45 -59.49 11.46
CA ALA A 19 3.58 -60.16 12.42
C ALA A 19 3.31 -61.61 12.06
N CYS A 20 3.82 -62.05 10.92
CA CYS A 20 3.75 -63.45 10.68
C CYS A 20 5.09 -64.15 10.67
N TRP A 21 6.17 -63.44 10.39
CA TRP A 21 7.47 -64.06 10.63
C TRP A 21 7.59 -64.29 12.11
N GLU A 22 6.93 -63.42 12.89
CA GLU A 22 6.84 -63.56 14.34
C GLU A 22 6.16 -64.85 14.69
N LEU A 23 5.09 -65.16 13.97
CA LEU A 23 4.27 -66.32 14.27
C LEU A 23 4.84 -67.60 13.71
N TYR A 24 5.63 -67.50 12.65
CA TYR A 24 6.40 -68.65 12.19
C TYR A 24 7.36 -68.94 13.30
N CYS A 25 8.03 -67.90 13.77
CA CYS A 25 9.02 -68.07 14.81
C CYS A 25 8.53 -68.80 16.02
N LEU A 26 7.32 -68.48 16.48
CA LEU A 26 6.78 -69.11 17.67
C LEU A 26 6.57 -70.57 17.35
N GLU A 27 5.95 -70.85 16.20
CA GLU A 27 5.55 -72.19 15.75
C GLU A 27 6.73 -73.15 15.61
N HIS A 28 7.86 -72.68 15.10
CA HIS A 28 9.01 -73.55 14.96
C HIS A 28 10.01 -73.36 16.10
N GLY A 29 9.58 -72.65 17.15
CA GLY A 29 10.38 -72.41 18.35
C GLY A 29 11.77 -71.85 18.10
N ILE A 30 11.82 -70.63 17.57
CA ILE A 30 13.07 -69.91 17.39
C ILE A 30 13.06 -68.67 18.28
N GLN A 31 13.97 -68.64 19.24
CA GLN A 31 14.14 -67.42 20.00
C GLN A 31 14.59 -66.27 19.09
N PRO A 32 13.94 -65.12 19.21
CA PRO A 32 14.32 -63.91 18.51
C PRO A 32 15.74 -63.90 17.96
N ASP A 33 16.75 -64.05 18.80
CA ASP A 33 18.15 -63.98 18.32
C ASP A 33 18.44 -64.88 17.11
N GLY A 34 17.51 -65.78 16.79
CA GLY A 34 17.66 -66.67 15.65
C GLY A 34 18.00 -68.11 15.99
N GLN A 35 18.67 -68.31 17.13
CA GLN A 35 19.03 -69.66 17.58
C GLN A 35 17.80 -70.35 18.11
N MET A 36 17.63 -71.61 17.72
CA MET A 36 16.60 -72.48 18.29
C MET A 36 17.27 -73.73 18.88
N PRO A 37 16.90 -74.11 20.10
CA PRO A 37 17.39 -75.37 20.63
C PRO A 37 16.52 -76.56 20.17
N ASP A 47 16.32 -80.24 6.56
CA ASP A 47 14.95 -80.56 6.12
C ASP A 47 13.80 -80.01 7.05
N SER A 48 12.54 -80.20 6.63
CA SER A 48 11.29 -79.84 7.36
C SER A 48 10.86 -78.39 7.20
N PHE A 49 11.47 -77.54 8.02
CA PHE A 49 11.17 -76.13 8.09
C PHE A 49 12.23 -75.29 7.43
N ASN A 50 13.21 -75.96 6.83
CA ASN A 50 14.23 -75.28 6.04
C ASN A 50 13.59 -74.63 4.82
N THR A 51 12.31 -74.95 4.62
CA THR A 51 11.52 -74.40 3.56
C THR A 51 11.46 -72.88 3.63
N PHE A 52 11.65 -72.28 4.81
CA PHE A 52 11.49 -70.83 5.00
C PHE A 52 12.69 -70.13 5.59
N PHE A 53 13.34 -70.78 6.54
CA PHE A 53 14.54 -70.23 7.17
C PHE A 53 15.75 -70.89 6.55
N SER A 54 16.94 -70.29 6.71
CA SER A 54 18.21 -70.83 6.20
C SER A 54 19.18 -70.96 7.35
N GLU A 55 19.79 -72.14 7.46
CA GLU A 55 20.63 -72.47 8.61
C GLU A 55 21.98 -71.71 8.56
N THR A 56 21.93 -70.38 8.31
CA THR A 56 23.12 -69.50 8.15
C THR A 56 24.02 -69.42 9.39
N GLY A 57 25.34 -69.59 9.18
CA GLY A 57 26.34 -69.59 10.24
C GLY A 57 26.08 -70.73 11.21
N ALA A 58 26.82 -70.72 12.32
CA ALA A 58 26.61 -71.75 13.33
C ALA A 58 25.97 -71.23 14.60
N GLY A 59 24.66 -71.04 14.55
CA GLY A 59 23.90 -70.63 15.71
C GLY A 59 22.53 -70.15 15.34
N LYS A 60 22.48 -69.29 14.31
CA LYS A 60 21.30 -68.46 13.90
C LYS A 60 20.42 -69.08 12.82
N HIS A 61 19.18 -68.60 12.67
CA HIS A 61 18.24 -69.20 11.73
C HIS A 61 17.52 -68.17 10.90
N VAL A 62 18.24 -67.41 10.08
CA VAL A 62 17.67 -66.24 9.35
C VAL A 62 16.48 -66.59 8.45
N PRO A 63 15.42 -65.78 8.45
CA PRO A 63 14.33 -65.92 7.49
C PRO A 63 14.80 -65.66 6.09
N ARG A 64 14.26 -66.41 5.15
CA ARG A 64 14.56 -66.15 3.78
C ARG A 64 13.54 -65.14 3.35
N ALA A 65 13.82 -63.90 3.70
CA ALA A 65 12.91 -62.81 3.40
C ALA A 65 13.66 -61.61 2.94
N VAL A 66 12.97 -60.75 2.22
CA VAL A 66 13.48 -59.44 1.89
C VAL A 66 12.36 -58.46 2.10
N PHE A 67 12.70 -57.34 2.69
CA PHE A 67 11.75 -56.36 3.11
C PHE A 67 12.04 -55.04 2.41
N VAL A 68 11.09 -54.54 1.62
CA VAL A 68 11.29 -53.26 0.95
C VAL A 68 10.18 -52.31 1.26
N ASP A 69 10.58 -51.09 1.58
CA ASP A 69 9.62 -50.00 1.72
C ASP A 69 10.31 -48.76 1.20
N LEU A 70 9.55 -47.72 0.84
CA LEU A 70 10.17 -46.52 0.25
C LEU A 70 10.53 -45.34 1.19
N GLU A 71 9.85 -45.26 2.34
CA GLU A 71 10.30 -44.49 3.51
C GLU A 71 11.18 -45.46 4.32
N PRO A 72 11.85 -45.04 5.39
CA PRO A 72 12.42 -46.01 6.33
C PRO A 72 11.31 -46.31 7.30
N THR A 73 11.13 -45.50 8.33
CA THR A 73 9.98 -45.59 9.25
C THR A 73 9.62 -47.00 9.60
N VAL A 74 8.93 -47.69 8.70
CA VAL A 74 8.42 -49.02 9.02
C VAL A 74 9.47 -50.13 9.05
N ILE A 75 10.35 -50.18 8.04
CA ILE A 75 11.49 -51.08 8.02
C ILE A 75 12.36 -50.77 9.21
N ASP A 76 12.31 -49.52 9.66
CA ASP A 76 13.05 -49.04 10.82
C ASP A 76 12.66 -49.63 12.16
N GLU A 77 11.36 -49.77 12.38
CA GLU A 77 10.83 -50.49 13.54
C GLU A 77 11.44 -51.89 13.66
N VAL A 78 11.74 -52.58 12.56
CA VAL A 78 12.27 -53.95 12.61
C VAL A 78 13.68 -53.98 13.16
N ARG A 79 14.56 -53.12 12.67
CA ARG A 79 15.91 -53.06 13.22
C ARG A 79 15.92 -52.35 14.56
N THR A 80 14.79 -52.39 15.29
CA THR A 80 14.64 -51.78 16.64
C THR A 80 14.21 -52.78 17.74
N GLY A 81 13.03 -53.38 17.56
CA GLY A 81 12.40 -54.28 18.52
C GLY A 81 12.77 -55.72 18.25
N THR A 82 13.16 -56.41 19.31
CA THR A 82 13.78 -57.74 19.21
C THR A 82 13.13 -58.56 18.15
N TYR A 83 14.02 -59.16 17.37
CA TYR A 83 13.82 -59.55 15.98
C TYR A 83 14.90 -58.75 15.24
N ARG A 84 15.18 -57.55 15.72
CA ARG A 84 16.36 -56.81 15.31
C ARG A 84 17.52 -57.78 15.16
N GLN A 85 17.43 -58.90 15.87
CA GLN A 85 18.44 -59.94 15.86
C GLN A 85 18.20 -61.02 14.80
N LEU A 86 17.00 -61.05 14.25
CA LEU A 86 16.55 -62.16 13.46
C LEU A 86 16.93 -62.13 12.00
N PHE A 87 16.95 -60.96 11.39
CA PHE A 87 17.25 -60.89 9.97
C PHE A 87 18.68 -60.47 9.70
N HIS A 88 19.02 -60.27 8.44
CA HIS A 88 20.31 -59.68 8.10
C HIS A 88 20.10 -58.24 7.67
N PRO A 89 20.90 -57.33 8.22
CA PRO A 89 20.77 -55.91 7.89
C PRO A 89 20.56 -55.76 6.41
N GLU A 90 21.12 -56.67 5.61
CA GLU A 90 20.89 -56.58 4.17
C GLU A 90 19.45 -56.78 3.78
N GLN A 91 18.73 -57.69 4.40
CA GLN A 91 17.45 -58.05 3.83
C GLN A 91 16.38 -57.00 4.00
N LEU A 92 16.69 -55.88 4.64
CA LEU A 92 15.68 -54.83 4.77
C LEU A 92 16.03 -53.57 3.99
N ILE A 93 15.43 -53.40 2.82
CA ILE A 93 15.73 -52.24 2.01
C ILE A 93 14.72 -51.10 2.22
N THR A 94 15.26 -49.95 2.58
CA THR A 94 14.52 -48.72 2.78
C THR A 94 14.99 -47.77 1.71
N GLY A 95 14.24 -46.70 1.48
CA GLY A 95 14.55 -45.87 0.36
C GLY A 95 14.43 -44.36 0.42
N LYS A 96 14.49 -43.77 1.62
CA LYS A 96 14.55 -42.29 1.78
C LYS A 96 13.23 -41.50 1.56
N GLU A 97 12.72 -41.44 0.33
CA GLU A 97 11.49 -40.71 0.11
C GLU A 97 10.32 -41.62 -0.16
N ASP A 98 9.15 -41.18 0.30
CA ASP A 98 7.89 -41.90 0.11
C ASP A 98 7.33 -42.03 -1.32
N ALA A 99 6.40 -42.96 -1.50
CA ALA A 99 5.69 -43.17 -2.76
C ALA A 99 4.47 -42.28 -2.85
N ALA A 100 4.14 -41.69 -1.71
CA ALA A 100 2.95 -40.87 -1.54
C ALA A 100 1.67 -41.43 -2.16
N ASN A 101 1.10 -42.44 -1.52
CA ASN A 101 -0.23 -42.88 -1.86
C ASN A 101 -0.53 -42.82 -3.38
N ASN A 102 0.49 -43.09 -4.21
CA ASN A 102 0.33 -43.07 -5.67
C ASN A 102 1.23 -44.01 -6.51
N TYR A 103 0.54 -44.83 -7.29
CA TYR A 103 1.11 -45.90 -8.11
C TYR A 103 2.15 -45.39 -9.06
N ALA A 104 1.78 -44.39 -9.84
CA ALA A 104 2.72 -43.82 -10.78
C ALA A 104 4.04 -43.65 -10.09
N ARG A 105 4.01 -43.00 -8.95
CA ARG A 105 5.24 -42.70 -8.27
C ARG A 105 5.96 -44.00 -8.03
N GLY A 106 5.23 -44.99 -7.50
CA GLY A 106 5.81 -46.27 -7.12
C GLY A 106 6.47 -47.02 -8.28
N HIS A 107 5.75 -47.10 -9.39
CA HIS A 107 6.19 -47.85 -10.55
C HIS A 107 7.34 -47.13 -11.21
N TYR A 108 7.07 -45.90 -11.63
CA TYR A 108 7.94 -45.22 -12.58
C TYR A 108 8.96 -44.25 -12.00
N THR A 109 8.56 -43.46 -11.01
CA THR A 109 9.40 -42.36 -10.62
C THR A 109 10.36 -42.77 -9.56
N ILE A 110 9.83 -43.18 -8.42
CA ILE A 110 10.68 -43.59 -7.32
C ILE A 110 11.10 -45.06 -7.45
N GLY A 111 10.31 -45.88 -8.16
CA GLY A 111 10.61 -47.28 -8.35
C GLY A 111 11.94 -47.50 -9.05
N LYS A 112 11.98 -47.10 -10.31
CA LYS A 112 13.18 -47.02 -11.13
C LYS A 112 14.50 -47.19 -10.40
N GLU A 113 14.62 -46.46 -9.29
CA GLU A 113 15.89 -46.23 -8.62
C GLU A 113 16.34 -47.37 -7.74
N ILE A 114 15.39 -47.90 -6.99
CA ILE A 114 15.69 -48.88 -5.96
C ILE A 114 15.55 -50.30 -6.50
N ILE A 115 14.75 -50.44 -7.54
CA ILE A 115 14.38 -51.76 -8.06
C ILE A 115 15.57 -52.62 -8.38
N ASP A 116 16.59 -52.00 -8.95
CA ASP A 116 17.79 -52.69 -9.38
C ASP A 116 18.54 -53.29 -8.21
N LEU A 117 18.43 -52.63 -7.08
CA LEU A 117 19.07 -53.11 -5.86
C LEU A 117 18.30 -54.25 -5.23
N VAL A 118 17.02 -54.00 -4.95
CA VAL A 118 16.16 -55.01 -4.38
C VAL A 118 16.33 -56.28 -5.16
N LEU A 119 15.98 -56.21 -6.45
CA LEU A 119 16.00 -57.37 -7.36
C LEU A 119 17.23 -58.25 -7.24
N ASP A 120 18.33 -57.59 -6.88
CA ASP A 120 19.62 -58.25 -6.74
C ASP A 120 19.83 -58.80 -5.33
N ARG A 121 19.36 -58.08 -4.32
CA ARG A 121 19.48 -58.58 -2.95
C ARG A 121 18.62 -59.81 -2.71
N ILE A 122 17.62 -59.97 -3.58
CA ILE A 122 16.77 -61.16 -3.66
C ILE A 122 17.60 -62.29 -4.25
N ARG A 123 18.28 -61.99 -5.36
CA ARG A 123 19.19 -62.91 -6.05
C ARG A 123 20.29 -63.52 -5.18
N LYS A 124 20.61 -62.84 -4.08
CA LYS A 124 21.52 -63.35 -3.05
C LYS A 124 20.89 -64.52 -2.32
N LEU A 125 19.61 -64.35 -1.95
CA LEU A 125 18.84 -65.33 -1.20
C LEU A 125 18.43 -66.54 -2.01
N ALA A 126 18.18 -66.35 -3.30
CA ALA A 126 17.90 -67.46 -4.20
C ALA A 126 19.16 -68.29 -4.46
N ASP A 127 20.32 -67.68 -4.25
CA ASP A 127 21.56 -68.32 -4.57
C ASP A 127 22.03 -69.23 -3.47
N GLN A 128 21.65 -68.94 -2.25
CA GLN A 128 21.92 -69.86 -1.15
C GLN A 128 20.81 -70.93 -1.06
N CYS A 129 20.26 -71.35 -2.21
CA CYS A 129 19.16 -72.32 -2.29
C CYS A 129 19.30 -73.28 -3.45
N THR A 130 19.21 -74.58 -3.18
CA THR A 130 19.36 -75.58 -4.24
C THR A 130 18.03 -76.17 -4.70
N GLY A 131 17.49 -75.57 -5.75
CA GLY A 131 16.14 -75.82 -6.22
C GLY A 131 15.11 -74.92 -5.54
N LEU A 132 15.17 -73.60 -5.78
CA LEU A 132 14.19 -72.68 -5.19
C LEU A 132 12.82 -72.89 -5.83
N GLN A 133 11.78 -72.74 -5.03
CA GLN A 133 10.42 -72.92 -5.50
C GLN A 133 9.84 -71.65 -6.10
N GLY A 134 9.45 -70.71 -5.24
CA GLY A 134 8.84 -69.49 -5.71
C GLY A 134 8.90 -68.36 -4.70
N PHE A 135 8.06 -67.36 -4.90
CA PHE A 135 8.05 -66.25 -4.00
C PHE A 135 6.72 -66.01 -3.45
N LEU A 136 6.73 -65.55 -2.21
CA LEU A 136 5.55 -65.04 -1.59
C LEU A 136 5.70 -63.55 -1.54
N VAL A 137 4.82 -62.84 -2.21
CA VAL A 137 4.88 -61.39 -2.24
C VAL A 137 3.77 -60.85 -1.36
N PHE A 138 4.10 -60.25 -0.23
CA PHE A 138 3.06 -59.61 0.59
C PHE A 138 3.01 -58.12 0.25
N HIS A 139 1.82 -57.57 -0.02
CA HIS A 139 1.72 -56.16 -0.40
C HIS A 139 0.31 -55.59 -0.29
N SER A 140 0.23 -54.27 -0.10
CA SER A 140 -1.04 -53.55 0.01
C SER A 140 -1.63 -53.29 -1.37
N PHE A 141 -2.93 -53.52 -1.51
CA PHE A 141 -3.57 -53.35 -2.80
C PHE A 141 -3.54 -51.91 -3.17
N GLY A 142 -4.42 -51.12 -2.57
CA GLY A 142 -4.35 -49.68 -2.69
C GLY A 142 -3.15 -49.16 -1.92
N GLY A 143 -2.79 -47.90 -2.14
CA GLY A 143 -1.61 -47.38 -1.50
C GLY A 143 -0.37 -47.65 -2.32
N GLY A 144 0.65 -46.81 -2.07
CA GLY A 144 1.61 -46.36 -3.07
C GLY A 144 2.69 -47.27 -3.55
N THR A 145 3.68 -47.49 -2.69
CA THR A 145 4.73 -48.44 -3.01
C THR A 145 4.08 -49.83 -3.12
N GLY A 146 3.10 -50.07 -2.24
CA GLY A 146 2.35 -51.30 -2.16
C GLY A 146 1.86 -51.75 -3.50
N SER A 147 1.23 -50.85 -4.25
CA SER A 147 0.70 -51.14 -5.59
C SER A 147 1.77 -51.05 -6.68
N GLY A 148 2.57 -49.99 -6.60
CA GLY A 148 3.46 -49.63 -7.68
C GLY A 148 4.76 -50.41 -7.76
N PHE A 149 5.40 -50.61 -6.62
CA PHE A 149 6.66 -51.28 -6.59
C PHE A 149 6.39 -52.73 -6.85
N THR A 150 5.49 -53.31 -6.06
CA THR A 150 5.05 -54.70 -6.24
C THR A 150 4.78 -55.03 -7.70
N SER A 151 4.03 -54.13 -8.37
CA SER A 151 3.80 -54.25 -9.80
C SER A 151 5.09 -54.28 -10.59
N LEU A 152 5.99 -53.32 -10.35
CA LEU A 152 7.31 -53.34 -10.99
C LEU A 152 8.18 -54.53 -10.62
N LEU A 153 8.15 -54.94 -9.36
CA LEU A 153 8.83 -56.15 -8.93
C LEU A 153 8.41 -57.32 -9.76
N MET A 154 7.14 -57.69 -9.66
CA MET A 154 6.60 -58.83 -10.40
C MET A 154 6.98 -58.84 -11.87
N GLU A 155 6.81 -57.74 -12.60
CA GLU A 155 7.19 -57.69 -14.01
C GLU A 155 8.58 -58.22 -14.11
N ARG A 156 9.43 -57.70 -13.25
CA ARG A 156 10.82 -58.03 -13.32
C ARG A 156 11.14 -59.42 -12.81
N LEU A 157 10.62 -59.76 -11.63
CA LEU A 157 10.77 -61.11 -11.09
C LEU A 157 10.28 -62.10 -12.12
N SER A 158 9.24 -61.72 -12.84
CA SER A 158 8.75 -62.58 -13.92
C SER A 158 9.83 -62.83 -14.95
N VAL A 159 10.69 -61.85 -15.18
CA VAL A 159 11.77 -62.02 -16.18
C VAL A 159 12.99 -62.77 -15.65
N ASP A 160 13.50 -62.32 -14.51
CA ASP A 160 14.69 -62.92 -13.89
C ASP A 160 14.46 -64.38 -13.41
N TYR A 161 13.20 -64.77 -13.16
CA TYR A 161 12.83 -66.11 -12.66
C TYR A 161 11.76 -66.86 -13.49
N GLY A 162 12.21 -67.93 -14.16
CA GLY A 162 11.46 -68.68 -15.17
C GLY A 162 10.11 -69.25 -14.78
N LYS A 163 10.08 -70.55 -14.52
CA LYS A 163 8.89 -71.24 -13.98
C LYS A 163 8.50 -70.61 -12.65
N LYS A 164 9.40 -70.78 -11.69
CA LYS A 164 9.36 -70.14 -10.36
C LYS A 164 8.14 -69.26 -10.10
N SER A 165 7.18 -69.90 -9.44
CA SER A 165 5.86 -69.36 -9.27
C SER A 165 5.79 -68.22 -8.26
N LYS A 166 4.71 -67.48 -8.33
CA LYS A 166 4.61 -66.32 -7.51
C LYS A 166 3.22 -66.33 -6.89
N LEU A 167 3.19 -66.30 -5.55
CA LEU A 167 1.96 -66.18 -4.78
C LEU A 167 1.86 -64.81 -4.15
N GLU A 168 0.75 -64.12 -4.38
CA GLU A 168 0.62 -62.82 -3.76
C GLU A 168 -0.45 -62.81 -2.67
N PHE A 169 -0.21 -62.02 -1.62
CA PHE A 169 -1.17 -61.76 -0.56
C PHE A 169 -1.44 -60.28 -0.61
N SER A 170 -2.61 -59.92 -1.13
CA SER A 170 -3.02 -58.54 -1.37
C SER A 170 -3.84 -58.03 -0.22
N ILE A 171 -3.61 -56.81 0.21
CA ILE A 171 -4.51 -56.25 1.20
C ILE A 171 -5.49 -55.25 0.59
N TYR A 172 -6.60 -55.85 0.16
CA TYR A 172 -7.75 -55.16 -0.46
C TYR A 172 -8.24 -54.15 0.57
N PRO A 173 -8.38 -52.91 0.13
CA PRO A 173 -8.31 -51.74 1.02
C PRO A 173 -9.68 -51.32 1.48
N ALA A 174 -9.78 -50.79 2.71
CA ALA A 174 -11.10 -50.54 3.30
C ALA A 174 -11.28 -49.20 3.97
N PRO A 175 -12.29 -48.46 3.48
CA PRO A 175 -12.60 -47.09 3.85
C PRO A 175 -12.43 -46.77 5.31
N GLN A 176 -12.88 -47.65 6.21
CA GLN A 176 -12.88 -47.38 7.67
C GLN A 176 -11.49 -47.31 8.24
N VAL A 177 -10.69 -48.36 8.12
CA VAL A 177 -9.30 -48.11 8.43
C VAL A 177 -8.38 -47.97 7.21
N SER A 178 -8.49 -46.80 6.58
CA SER A 178 -7.56 -46.32 5.55
C SER A 178 -7.33 -44.87 5.93
N THR A 179 -6.83 -44.08 5.01
CA THR A 179 -6.77 -42.63 5.18
C THR A 179 -6.89 -42.00 3.81
N ALA A 180 -6.48 -42.79 2.81
CA ALA A 180 -6.36 -42.43 1.40
C ALA A 180 -7.62 -42.63 0.52
N VAL A 181 -8.01 -41.55 -0.14
CA VAL A 181 -9.13 -41.51 -1.04
C VAL A 181 -8.80 -42.11 -2.39
N VAL A 182 -7.58 -41.85 -2.83
CA VAL A 182 -7.07 -42.26 -4.12
C VAL A 182 -6.90 -43.79 -4.24
N GLU A 183 -6.96 -44.50 -3.13
CA GLU A 183 -6.96 -45.97 -3.11
C GLU A 183 -7.37 -46.75 -4.38
N PRO A 184 -8.66 -46.73 -4.74
CA PRO A 184 -9.16 -47.54 -5.86
C PRO A 184 -8.30 -47.46 -7.08
N TYR A 185 -7.92 -46.25 -7.51
CA TYR A 185 -7.05 -46.10 -8.66
C TYR A 185 -5.91 -47.08 -8.56
N ASN A 186 -5.17 -47.00 -7.45
CA ASN A 186 -3.94 -47.76 -7.27
C ASN A 186 -4.08 -49.26 -7.33
N SER A 187 -5.17 -49.77 -6.74
CA SER A 187 -5.43 -51.20 -6.79
C SER A 187 -5.76 -51.68 -8.21
N ILE A 188 -6.64 -50.96 -8.91
CA ILE A 188 -7.11 -51.33 -10.26
C ILE A 188 -5.96 -51.24 -11.25
N LEU A 189 -5.04 -50.33 -10.92
CA LEU A 189 -3.83 -50.13 -11.69
C LEU A 189 -2.96 -51.35 -11.57
N THR A 190 -2.42 -51.58 -10.38
CA THR A 190 -1.51 -52.71 -10.17
C THR A 190 -2.14 -54.01 -10.67
N THR A 191 -3.26 -54.35 -10.05
CA THR A 191 -4.02 -55.55 -10.33
C THR A 191 -4.14 -55.88 -11.85
N HIS A 192 -3.95 -54.88 -12.68
CA HIS A 192 -3.93 -55.10 -14.10
C HIS A 192 -2.53 -55.61 -14.57
N THR A 193 -1.50 -54.80 -14.29
CA THR A 193 -0.13 -55.08 -14.74
C THR A 193 0.31 -56.39 -14.10
N THR A 194 -0.15 -56.55 -12.86
CA THR A 194 0.31 -57.56 -11.92
C THR A 194 -0.24 -58.96 -12.19
N LEU A 195 -1.48 -59.04 -12.69
CA LEU A 195 -2.22 -60.31 -12.77
C LEU A 195 -1.68 -61.36 -13.79
N GLU A 196 -1.00 -60.91 -14.84
CA GLU A 196 -0.44 -61.87 -15.79
C GLU A 196 0.96 -62.33 -15.36
N HIS A 197 1.47 -61.75 -14.28
CA HIS A 197 2.81 -62.06 -13.80
C HIS A 197 2.70 -62.80 -12.46
N SER A 198 1.47 -63.04 -12.00
CA SER A 198 1.18 -63.70 -10.70
C SER A 198 0.55 -65.08 -10.89
N ASP A 199 0.53 -65.94 -9.87
CA ASP A 199 0.07 -67.34 -10.06
C ASP A 199 -1.22 -67.74 -9.34
N CYS A 200 -1.24 -67.45 -8.04
CA CYS A 200 -2.41 -67.51 -7.18
C CYS A 200 -2.28 -66.37 -6.17
N ALA A 201 -3.40 -65.72 -5.89
CA ALA A 201 -3.32 -64.50 -5.11
C ALA A 201 -4.42 -64.39 -4.06
N PHE A 202 -4.01 -64.45 -2.80
CA PHE A 202 -4.97 -64.36 -1.69
C PHE A 202 -5.30 -62.93 -1.39
N MET A 203 -6.54 -62.54 -1.57
CA MET A 203 -6.90 -61.23 -1.15
C MET A 203 -7.34 -61.30 0.27
N VAL A 204 -7.11 -60.19 0.95
CA VAL A 204 -7.47 -60.01 2.35
C VAL A 204 -8.15 -58.64 2.49
N ASP A 205 -9.45 -58.66 2.59
CA ASP A 205 -10.23 -57.46 2.69
C ASP A 205 -10.12 -56.92 4.07
N ASN A 206 -9.32 -55.89 4.25
CA ASN A 206 -9.23 -55.19 5.53
C ASN A 206 -10.56 -55.06 6.25
N GLU A 207 -11.62 -54.71 5.55
CA GLU A 207 -12.89 -54.51 6.20
C GLU A 207 -13.38 -55.79 6.83
N ALA A 208 -13.08 -56.92 6.19
CA ALA A 208 -13.53 -58.19 6.73
C ALA A 208 -12.76 -58.59 7.98
N ILE A 209 -11.50 -58.18 8.07
CA ILE A 209 -10.69 -58.54 9.19
C ILE A 209 -11.07 -57.63 10.30
N TYR A 210 -11.23 -56.35 9.99
CA TYR A 210 -11.72 -55.38 10.96
C TYR A 210 -13.03 -55.87 11.54
N ASP A 211 -13.79 -56.58 10.72
CA ASP A 211 -15.13 -57.06 11.09
C ASP A 211 -15.08 -58.18 12.09
N ILE A 212 -14.24 -59.16 11.81
CA ILE A 212 -14.02 -60.29 12.70
C ILE A 212 -13.65 -59.76 14.10
N CYS A 213 -12.78 -58.77 14.17
CA CYS A 213 -12.29 -58.33 15.45
C CYS A 213 -13.32 -57.60 16.21
N ARG A 214 -14.21 -56.93 15.51
CA ARG A 214 -15.29 -56.21 16.18
C ARG A 214 -16.41 -57.13 16.69
N ARG A 215 -16.61 -58.24 16.00
CA ARG A 215 -17.62 -59.18 16.40
C ARG A 215 -17.02 -60.24 17.31
N ASN A 216 -15.93 -60.86 16.85
CA ASN A 216 -15.42 -62.09 17.45
C ASN A 216 -14.38 -61.88 18.54
N LEU A 217 -13.79 -60.69 18.58
CA LEU A 217 -12.75 -60.37 19.55
C LEU A 217 -13.12 -59.29 20.57
N ASP A 218 -14.25 -58.62 20.35
CA ASP A 218 -14.75 -57.63 21.29
C ASP A 218 -13.89 -56.37 21.38
N ILE A 219 -12.95 -56.24 20.44
CA ILE A 219 -12.11 -55.06 20.33
C ILE A 219 -12.95 -53.88 19.85
N GLU A 220 -12.93 -52.78 20.60
CA GLU A 220 -13.74 -51.62 20.25
C GLU A 220 -13.44 -51.05 18.87
N ARG A 221 -12.31 -50.33 18.71
CA ARG A 221 -11.84 -49.91 17.37
C ARG A 221 -10.43 -50.41 17.16
N PRO A 222 -10.33 -51.55 16.52
CA PRO A 222 -9.11 -52.34 16.43
C PRO A 222 -7.94 -51.70 15.68
N THR A 223 -6.73 -52.02 16.15
CA THR A 223 -5.49 -51.46 15.65
C THR A 223 -5.07 -52.13 14.40
N TYR A 224 -3.99 -51.64 13.80
CA TYR A 224 -3.31 -52.34 12.71
C TYR A 224 -2.68 -53.59 13.23
N THR A 225 -2.00 -53.47 14.37
CA THR A 225 -1.34 -54.62 14.95
C THR A 225 -2.38 -55.49 15.59
N ASN A 226 -3.62 -55.02 15.63
CA ASN A 226 -4.74 -55.91 15.91
C ASN A 226 -5.09 -56.78 14.70
N LEU A 227 -5.15 -56.14 13.54
CA LEU A 227 -5.50 -56.77 12.29
C LEU A 227 -4.37 -57.68 11.86
N ASN A 228 -3.16 -57.29 12.16
CA ASN A 228 -2.06 -58.04 11.63
C ASN A 228 -1.89 -59.38 12.33
N ARG A 229 -2.12 -59.43 13.64
CA ARG A 229 -2.07 -60.70 14.35
C ARG A 229 -2.98 -61.73 13.70
N LEU A 230 -4.17 -61.25 13.31
CA LEU A 230 -5.23 -62.03 12.67
C LEU A 230 -4.87 -62.53 11.27
N ILE A 231 -4.22 -61.70 10.48
CA ILE A 231 -3.83 -62.09 9.15
C ILE A 231 -2.62 -62.99 9.32
N GLY A 232 -1.79 -62.64 10.27
CA GLY A 232 -0.68 -63.46 10.67
C GLY A 232 -1.11 -64.89 10.88
N GLN A 233 -2.18 -65.08 11.61
CA GLN A 233 -2.70 -66.42 11.84
C GLN A 233 -3.18 -67.13 10.56
N ILE A 234 -3.81 -66.38 9.64
CA ILE A 234 -4.45 -67.00 8.48
C ILE A 234 -3.38 -67.46 7.53
N VAL A 235 -2.42 -66.58 7.28
CA VAL A 235 -1.30 -66.85 6.37
C VAL A 235 -0.51 -68.05 6.83
N SER A 236 -0.13 -68.03 8.09
CA SER A 236 0.54 -69.17 8.71
C SER A 236 -0.27 -70.47 8.68
N SER A 237 -1.55 -70.38 8.36
CA SER A 237 -2.36 -71.59 8.20
C SER A 237 -2.38 -72.00 6.72
N ILE A 238 -2.14 -71.03 5.84
CA ILE A 238 -2.07 -71.34 4.43
C ILE A 238 -0.72 -71.86 4.08
N THR A 239 0.34 -71.25 4.60
CA THR A 239 1.73 -71.69 4.35
C THR A 239 2.15 -72.90 5.18
N ALA A 240 1.40 -73.14 6.26
CA ALA A 240 1.56 -74.31 7.11
C ALA A 240 2.02 -75.53 6.31
N SER A 241 1.26 -75.82 5.27
CA SER A 241 1.48 -76.99 4.43
C SER A 241 2.95 -77.19 4.15
N LEU A 242 3.66 -76.13 3.71
CA LEU A 242 5.05 -76.24 3.17
C LEU A 242 6.17 -76.07 4.18
N ARG A 243 5.80 -75.95 5.46
CA ARG A 243 6.74 -75.64 6.53
C ARG A 243 6.99 -76.85 7.42
N PHE A 244 5.90 -77.56 7.71
CA PHE A 244 5.93 -78.84 8.41
C PHE A 244 6.06 -80.05 7.43
N ASP A 245 5.77 -79.78 6.16
CA ASP A 245 5.58 -80.80 5.13
C ASP A 245 4.56 -81.86 5.63
N GLY A 246 3.29 -81.57 5.35
CA GLY A 246 2.21 -82.51 5.61
C GLY A 246 1.40 -82.47 4.35
N ALA A 247 1.07 -83.66 3.82
CA ALA A 247 0.42 -83.86 2.50
C ALA A 247 -0.56 -82.76 2.06
N LEU A 248 -0.68 -82.53 0.75
CA LEU A 248 -1.49 -81.41 0.23
C LEU A 248 -0.79 -80.03 0.40
N ASN A 249 -0.66 -79.32 -0.73
CA ASN A 249 0.09 -78.08 -0.88
C ASN A 249 1.52 -78.18 -0.35
N VAL A 250 2.21 -79.26 -0.74
CA VAL A 250 3.60 -79.53 -0.36
C VAL A 250 4.53 -78.48 -0.97
N ASP A 251 4.09 -77.94 -2.11
CA ASP A 251 4.89 -77.13 -3.00
C ASP A 251 4.04 -76.13 -3.81
N LEU A 252 4.60 -74.95 -4.12
CA LEU A 252 3.82 -73.84 -4.70
C LEU A 252 3.04 -74.21 -5.96
N THR A 253 3.59 -75.09 -6.78
CA THR A 253 2.88 -75.57 -7.97
C THR A 253 1.48 -76.02 -7.59
N GLU A 254 1.41 -76.90 -6.60
CA GLU A 254 0.17 -77.52 -6.12
C GLU A 254 -0.89 -76.48 -5.76
N PHE A 255 -0.42 -75.38 -5.18
CA PHE A 255 -1.29 -74.33 -4.71
C PHE A 255 -2.25 -73.90 -5.76
N GLN A 256 -1.75 -73.83 -7.00
CA GLN A 256 -2.55 -73.43 -8.11
C GLN A 256 -3.30 -74.64 -8.67
N THR A 257 -2.65 -75.78 -8.54
CA THR A 257 -3.13 -76.95 -9.25
C THR A 257 -4.43 -77.35 -8.66
N ASN A 258 -4.58 -77.05 -7.38
CA ASN A 258 -5.82 -77.30 -6.69
C ASN A 258 -6.83 -76.17 -6.80
N LEU A 259 -6.36 -74.93 -6.79
CA LEU A 259 -7.25 -73.81 -6.64
C LEU A 259 -7.65 -73.11 -7.90
N VAL A 260 -6.72 -72.99 -8.83
CA VAL A 260 -7.01 -72.22 -10.03
C VAL A 260 -7.22 -73.14 -11.23
N PRO A 261 -8.45 -73.19 -11.74
CA PRO A 261 -8.76 -73.93 -12.95
C PRO A 261 -8.44 -73.07 -14.16
N TYR A 262 -8.40 -71.74 -13.99
CA TYR A 262 -8.19 -70.85 -15.12
C TYR A 262 -7.11 -69.81 -14.86
N PRO A 263 -6.22 -69.66 -15.85
CA PRO A 263 -5.05 -68.79 -15.73
C PRO A 263 -5.35 -67.51 -14.93
N ARG A 264 -6.44 -66.83 -15.31
CA ARG A 264 -6.79 -65.52 -14.78
C ARG A 264 -7.33 -65.66 -13.36
N ILE A 265 -8.43 -66.39 -13.23
CA ILE A 265 -9.04 -66.66 -11.96
C ILE A 265 -8.00 -67.19 -10.92
N HIS A 266 -7.34 -66.29 -10.18
CA HIS A 266 -6.41 -66.69 -9.10
C HIS A 266 -7.05 -66.66 -7.77
N PHE A 267 -8.03 -65.79 -7.63
CA PHE A 267 -8.35 -65.25 -6.33
C PHE A 267 -9.28 -66.19 -5.58
N PRO A 268 -8.67 -66.90 -4.63
CA PRO A 268 -9.40 -67.77 -3.73
C PRO A 268 -9.79 -66.96 -2.50
N LEU A 269 -10.81 -67.44 -1.82
CA LEU A 269 -11.41 -66.79 -0.70
C LEU A 269 -10.99 -67.64 0.48
N ALA A 270 -10.35 -67.06 1.48
CA ALA A 270 -9.96 -67.84 2.66
C ALA A 270 -10.97 -67.71 3.78
N THR A 271 -11.02 -68.66 4.68
CA THR A 271 -11.93 -68.54 5.82
C THR A 271 -11.28 -69.22 7.03
N TYR A 272 -10.99 -68.48 8.09
CA TYR A 272 -10.32 -69.10 9.24
C TYR A 272 -11.31 -69.49 10.30
N ALA A 273 -11.01 -70.59 10.98
CA ALA A 273 -11.99 -71.37 11.73
C ALA A 273 -12.43 -70.86 13.13
N PRO A 274 -11.72 -71.22 14.18
CA PRO A 274 -12.11 -70.80 15.52
C PRO A 274 -11.32 -69.58 16.00
N VAL A 275 -11.78 -68.38 15.65
CA VAL A 275 -11.20 -67.15 16.20
C VAL A 275 -11.97 -66.95 17.46
N ILE A 276 -11.33 -67.23 18.59
CA ILE A 276 -11.95 -66.97 19.88
C ILE A 276 -11.00 -66.41 20.92
N SER A 277 -11.48 -65.45 21.68
CA SER A 277 -10.64 -64.54 22.44
C SER A 277 -10.29 -65.04 23.82
N ALA A 278 -9.01 -65.08 24.16
CA ALA A 278 -8.56 -65.43 25.53
C ALA A 278 -9.28 -64.52 26.48
N GLU A 279 -9.65 -65.01 27.63
CA GLU A 279 -10.75 -64.41 28.37
C GLU A 279 -11.91 -65.31 28.11
N LYS A 280 -11.85 -66.00 26.97
CA LYS A 280 -12.78 -67.08 26.68
C LYS A 280 -11.94 -68.37 26.54
N ALA A 281 -10.66 -68.22 26.85
CA ALA A 281 -9.66 -69.27 26.67
C ALA A 281 -9.89 -70.60 27.41
N TYR A 282 -10.95 -70.71 28.17
CA TYR A 282 -11.14 -71.95 28.88
C TYR A 282 -12.49 -72.57 28.66
N HIS A 283 -13.30 -72.08 27.73
CA HIS A 283 -14.59 -72.75 27.46
C HIS A 283 -14.38 -74.14 26.77
N GLU A 284 -15.16 -75.20 27.13
CA GLU A 284 -15.01 -76.55 26.50
C GLU A 284 -14.93 -76.33 24.97
N GLN A 285 -13.71 -76.29 24.42
CA GLN A 285 -13.44 -75.75 23.07
C GLN A 285 -14.20 -76.47 21.94
N LEU A 286 -14.13 -75.93 20.73
CA LEU A 286 -15.06 -76.33 19.66
C LEU A 286 -14.84 -77.70 19.05
N SER A 287 -15.93 -78.24 18.50
CA SER A 287 -16.01 -79.58 17.90
C SER A 287 -15.62 -79.64 16.42
N VAL A 288 -14.91 -80.70 16.04
CA VAL A 288 -14.41 -80.87 14.67
C VAL A 288 -15.49 -80.53 13.69
N ALA A 289 -16.72 -80.87 14.05
CA ALA A 289 -17.87 -80.53 13.26
C ALA A 289 -18.01 -79.01 13.18
N GLU A 290 -18.26 -78.38 14.32
CA GLU A 290 -18.67 -76.97 14.36
C GLU A 290 -17.78 -75.98 13.62
N ILE A 291 -16.48 -76.19 13.70
CA ILE A 291 -15.52 -75.32 13.02
C ILE A 291 -15.58 -75.50 11.53
N THR A 292 -15.84 -76.72 11.07
CA THR A 292 -16.07 -76.95 9.65
C THR A 292 -17.30 -76.17 9.22
N ASN A 293 -18.33 -76.22 10.05
CA ASN A 293 -19.57 -75.53 9.79
C ASN A 293 -19.50 -74.05 10.03
N ALA A 294 -18.29 -73.53 10.21
CA ALA A 294 -18.11 -72.10 10.32
C ALA A 294 -17.51 -71.58 9.04
N CYS A 295 -16.62 -72.38 8.44
CA CYS A 295 -15.93 -72.02 7.19
C CYS A 295 -16.88 -71.49 6.14
N PHE A 296 -18.12 -71.97 6.26
CA PHE A 296 -19.20 -71.61 5.37
C PHE A 296 -20.13 -70.64 6.09
N GLU A 297 -19.53 -69.54 6.56
CA GLU A 297 -20.25 -68.49 7.25
C GLU A 297 -19.72 -67.14 6.82
N PRO A 298 -20.49 -66.43 6.00
CA PRO A 298 -20.07 -65.13 5.47
C PRO A 298 -19.37 -64.26 6.52
N ALA A 299 -19.77 -64.44 7.78
CA ALA A 299 -19.18 -63.65 8.87
C ALA A 299 -17.70 -63.90 8.94
N ASN A 300 -17.33 -65.19 9.08
CA ASN A 300 -15.96 -65.65 9.27
C ASN A 300 -15.08 -65.62 8.01
N GLN A 301 -15.65 -65.07 6.96
CA GLN A 301 -14.95 -64.89 5.72
C GLN A 301 -13.68 -64.02 5.80
N MET A 302 -13.09 -63.81 4.65
CA MET A 302 -11.79 -63.18 4.53
C MET A 302 -11.82 -62.03 3.55
N VAL A 303 -12.87 -62.00 2.74
CA VAL A 303 -13.17 -60.95 1.77
C VAL A 303 -14.68 -60.73 1.89
N LYS A 304 -15.05 -59.47 2.08
CA LYS A 304 -16.46 -59.14 2.27
C LYS A 304 -17.20 -59.47 0.99
N CYS A 305 -18.02 -60.52 1.03
CA CYS A 305 -18.89 -60.86 -0.11
C CYS A 305 -20.08 -61.70 0.36
N ASP A 306 -20.48 -62.67 -0.46
CA ASP A 306 -21.51 -63.64 -0.11
C ASP A 306 -21.50 -64.79 -1.10
N PRO A 307 -20.90 -65.92 -0.73
CA PRO A 307 -20.65 -67.02 -1.66
C PRO A 307 -21.81 -68.01 -1.73
N ARG A 308 -22.89 -67.73 -0.97
CA ARG A 308 -24.11 -68.55 -0.97
C ARG A 308 -24.83 -68.40 -2.29
N HIS A 309 -24.52 -67.32 -3.00
CA HIS A 309 -25.15 -67.04 -4.28
C HIS A 309 -24.21 -67.13 -5.51
N GLY A 310 -22.89 -67.00 -5.31
CA GLY A 310 -21.92 -67.33 -6.34
C GLY A 310 -21.60 -68.82 -6.29
N LYS A 311 -21.18 -69.39 -7.41
CA LYS A 311 -20.86 -70.83 -7.44
C LYS A 311 -19.41 -71.06 -7.01
N TYR A 312 -19.19 -72.12 -6.23
CA TYR A 312 -17.86 -72.66 -5.91
C TYR A 312 -17.31 -73.35 -7.15
N MET A 313 -16.01 -73.29 -7.35
CA MET A 313 -15.43 -74.01 -8.49
C MET A 313 -14.14 -74.76 -8.19
N ALA A 314 -13.77 -74.74 -6.91
CA ALA A 314 -12.71 -75.59 -6.37
C ALA A 314 -12.64 -75.35 -4.87
N CYS A 315 -12.65 -76.44 -4.09
CA CYS A 315 -12.65 -76.30 -2.65
C CYS A 315 -11.63 -77.14 -1.92
N CYS A 316 -11.01 -76.51 -0.95
CA CYS A 316 -9.99 -77.12 -0.14
C CYS A 316 -10.33 -76.85 1.30
N LEU A 317 -10.03 -77.80 2.17
CA LEU A 317 -10.20 -77.58 3.59
C LEU A 317 -8.90 -77.84 4.27
N LEU A 318 -8.26 -76.78 4.77
CA LEU A 318 -6.98 -76.95 5.48
C LEU A 318 -7.08 -77.00 7.02
N TYR A 319 -7.08 -78.23 7.57
CA TYR A 319 -7.22 -78.54 9.00
C TYR A 319 -5.89 -78.54 9.70
N ARG A 320 -5.87 -78.04 10.94
CA ARG A 320 -4.66 -77.97 11.72
C ARG A 320 -5.05 -78.34 13.12
N GLY A 321 -4.34 -79.29 13.69
CA GLY A 321 -4.51 -79.60 15.09
C GLY A 321 -4.75 -81.06 15.34
N ASP A 322 -5.44 -81.33 16.44
CA ASP A 322 -5.79 -82.69 16.78
C ASP A 322 -7.06 -83.11 16.03
N VAL A 323 -6.91 -83.93 14.98
CA VAL A 323 -8.05 -84.37 14.16
C VAL A 323 -7.79 -85.72 13.52
N VAL A 324 -8.72 -86.64 13.69
CA VAL A 324 -8.75 -87.86 12.89
C VAL A 324 -9.71 -87.59 11.73
N PRO A 325 -9.34 -87.99 10.51
CA PRO A 325 -10.20 -87.88 9.32
C PRO A 325 -11.55 -88.52 9.49
N LYS A 326 -11.61 -89.64 10.18
CA LYS A 326 -12.88 -90.25 10.56
C LYS A 326 -13.97 -89.18 10.82
N ASP A 327 -13.61 -88.12 11.55
CA ASP A 327 -14.52 -87.03 11.94
C ASP A 327 -14.83 -86.10 10.76
N VAL A 328 -13.75 -85.57 10.18
CA VAL A 328 -13.83 -84.61 9.10
C VAL A 328 -14.94 -85.01 8.17
N ASN A 329 -14.97 -86.28 7.85
CA ASN A 329 -15.87 -86.77 6.86
C ASN A 329 -17.31 -86.50 7.21
N ALA A 330 -17.79 -87.13 8.27
CA ALA A 330 -19.23 -87.06 8.57
C ALA A 330 -19.67 -85.63 8.83
N ALA A 331 -18.75 -84.81 9.31
CA ALA A 331 -18.98 -83.40 9.42
C ALA A 331 -19.27 -82.77 8.03
N ILE A 332 -18.38 -82.99 7.05
CA ILE A 332 -18.61 -82.54 5.67
C ILE A 332 -19.94 -83.04 5.18
N ALA A 333 -20.23 -84.33 5.43
CA ALA A 333 -21.48 -84.97 4.99
C ALA A 333 -22.71 -84.10 5.21
N THR A 334 -22.78 -83.47 6.39
CA THR A 334 -23.92 -82.63 6.75
C THR A 334 -23.67 -81.12 6.65
N ILE A 335 -22.56 -80.75 6.02
CA ILE A 335 -22.45 -79.44 5.43
C ILE A 335 -23.23 -79.50 4.10
N LYS A 336 -23.31 -80.68 3.49
CA LYS A 336 -24.01 -80.88 2.23
C LYS A 336 -25.48 -80.85 2.53
N THR A 337 -25.93 -81.86 3.28
CA THR A 337 -27.36 -82.12 3.53
C THR A 337 -28.05 -81.07 4.42
N LYS A 338 -27.30 -80.07 4.87
CA LYS A 338 -27.90 -78.92 5.56
C LYS A 338 -27.73 -77.65 4.74
N ARG A 339 -26.48 -77.19 4.57
CA ARG A 339 -26.19 -75.91 3.92
C ARG A 339 -26.24 -75.92 2.36
N THR A 340 -25.68 -74.85 1.78
CA THR A 340 -25.67 -74.61 0.32
C THR A 340 -24.40 -75.18 -0.37
N ILE A 341 -24.58 -76.42 -0.80
CA ILE A 341 -23.74 -77.12 -1.76
C ILE A 341 -23.01 -76.10 -2.65
N GLN A 342 -23.69 -75.65 -3.70
CA GLN A 342 -23.31 -74.50 -4.54
C GLN A 342 -22.17 -74.74 -5.55
N PHE A 343 -22.20 -75.85 -6.30
CA PHE A 343 -21.05 -76.12 -7.16
C PHE A 343 -21.23 -75.76 -8.60
N VAL A 344 -20.11 -75.62 -9.31
CA VAL A 344 -20.13 -75.23 -10.70
C VAL A 344 -20.63 -76.37 -11.58
N ASP A 345 -20.87 -76.06 -12.85
CA ASP A 345 -21.31 -77.04 -13.83
C ASP A 345 -20.37 -78.26 -14.01
N TRP A 346 -19.06 -78.04 -13.92
CA TRP A 346 -18.09 -78.98 -14.52
C TRP A 346 -16.87 -79.46 -13.73
N CYS A 347 -16.84 -79.22 -12.42
CA CYS A 347 -15.73 -79.71 -11.63
C CYS A 347 -16.22 -80.51 -10.40
N PRO A 348 -15.73 -81.73 -10.23
CA PRO A 348 -16.27 -82.70 -9.25
C PRO A 348 -17.31 -82.17 -8.24
N THR A 349 -17.04 -82.32 -6.95
CA THR A 349 -17.63 -81.51 -5.89
C THR A 349 -16.56 -81.45 -4.81
N GLY A 350 -15.38 -80.96 -5.24
CA GLY A 350 -14.24 -80.61 -4.43
C GLY A 350 -13.88 -81.33 -3.14
N PHE A 351 -13.33 -80.55 -2.23
CA PHE A 351 -12.85 -81.03 -0.93
C PHE A 351 -11.62 -81.91 -0.99
N LYS A 352 -10.50 -81.29 -1.34
CA LYS A 352 -9.18 -81.81 -1.01
C LYS A 352 -9.03 -81.40 0.46
N VAL A 353 -8.58 -82.33 1.29
CA VAL A 353 -8.59 -82.11 2.73
C VAL A 353 -7.24 -82.38 3.29
N GLY A 354 -6.78 -81.40 4.02
CA GLY A 354 -5.42 -81.39 4.48
C GLY A 354 -5.36 -81.43 5.98
N ILE A 355 -4.85 -82.53 6.52
CA ILE A 355 -4.66 -82.67 7.94
C ILE A 355 -3.22 -82.36 8.32
N ASN A 356 -3.04 -81.41 9.23
CA ASN A 356 -1.72 -81.17 9.85
C ASN A 356 -1.78 -81.24 11.36
N TYR A 357 -1.02 -82.17 11.92
CA TYR A 357 -1.15 -82.53 13.33
C TYR A 357 -0.63 -81.49 14.28
N GLN A 358 0.14 -80.54 13.75
CA GLN A 358 0.73 -79.48 14.57
C GLN A 358 -0.29 -78.50 15.20
N PRO A 359 -0.45 -78.50 16.52
CA PRO A 359 -1.49 -77.69 17.17
C PRO A 359 -1.16 -76.24 17.00
N PRO A 360 -2.18 -75.45 16.75
CA PRO A 360 -2.00 -74.06 16.35
C PRO A 360 -1.56 -73.18 17.49
N THR A 361 -0.50 -72.41 17.28
CA THR A 361 0.01 -71.55 18.35
C THR A 361 -0.43 -70.14 18.05
N VAL A 362 -0.72 -69.43 19.12
CA VAL A 362 -1.11 -68.05 19.03
C VAL A 362 -0.07 -67.19 19.76
N VAL A 363 0.06 -65.96 19.30
CA VAL A 363 0.93 -64.95 19.90
C VAL A 363 0.62 -64.76 21.40
N PRO A 364 1.65 -64.73 22.24
CA PRO A 364 1.51 -64.98 23.69
C PRO A 364 0.45 -64.11 24.42
N GLY A 365 0.73 -62.83 24.64
CA GLY A 365 -0.23 -61.92 25.24
C GLY A 365 -1.08 -61.29 24.16
N GLY A 366 -1.46 -62.09 23.18
CA GLY A 366 -2.26 -61.68 22.02
C GLY A 366 -3.72 -61.48 22.34
N ASP A 367 -4.60 -61.74 21.39
CA ASP A 367 -6.04 -61.52 21.61
C ASP A 367 -6.82 -62.81 21.61
N LEU A 368 -6.33 -63.78 20.85
CA LEU A 368 -6.97 -65.06 20.63
C LEU A 368 -6.39 -66.04 21.61
N ALA A 369 -7.01 -67.23 21.73
CA ALA A 369 -6.53 -68.29 22.63
C ALA A 369 -5.97 -69.52 21.90
N LYS A 370 -5.17 -70.30 22.61
CA LYS A 370 -4.60 -71.53 22.06
C LYS A 370 -5.77 -72.44 21.72
N VAL A 371 -5.86 -72.91 20.49
CA VAL A 371 -6.94 -73.84 20.18
C VAL A 371 -6.47 -75.25 19.91
N GLN A 372 -7.39 -76.19 19.99
CA GLN A 372 -7.07 -77.60 19.84
C GLN A 372 -7.07 -78.03 18.39
N ARG A 373 -8.03 -77.49 17.65
CA ARG A 373 -8.15 -77.73 16.22
C ARG A 373 -8.59 -76.41 15.57
N ALA A 374 -8.10 -76.16 14.35
CA ALA A 374 -8.49 -75.00 13.55
C ALA A 374 -8.64 -75.42 12.11
N VAL A 375 -9.49 -74.74 11.37
CA VAL A 375 -9.71 -75.11 10.00
C VAL A 375 -9.47 -73.91 9.10
N CYS A 376 -9.34 -74.14 7.81
CA CYS A 376 -8.94 -73.06 6.92
C CYS A 376 -9.56 -72.85 5.53
N MET A 377 -10.25 -73.84 4.98
CA MET A 377 -11.05 -73.59 3.78
C MET A 377 -10.53 -72.57 2.74
N LEU A 378 -9.95 -73.09 1.66
CA LEU A 378 -9.56 -72.27 0.54
C LEU A 378 -10.45 -72.54 -0.65
N SER A 379 -11.46 -71.69 -0.84
CA SER A 379 -12.45 -71.86 -1.88
C SER A 379 -12.18 -70.88 -3.03
N ASN A 380 -12.34 -71.34 -4.27
CA ASN A 380 -12.28 -70.44 -5.41
C ASN A 380 -13.66 -70.12 -5.98
N THR A 381 -14.41 -69.30 -5.25
CA THR A 381 -15.78 -69.00 -5.62
C THR A 381 -15.81 -67.87 -6.63
N THR A 382 -16.94 -67.75 -7.30
CA THR A 382 -17.18 -66.72 -8.29
C THR A 382 -17.83 -65.49 -7.68
N ALA A 383 -18.02 -65.53 -6.36
CA ALA A 383 -18.63 -64.40 -5.64
C ALA A 383 -17.58 -63.44 -5.15
N ILE A 384 -16.35 -63.94 -5.05
CA ILE A 384 -15.22 -63.08 -4.71
C ILE A 384 -14.99 -61.99 -5.77
N ALA A 385 -15.74 -62.04 -6.86
CA ALA A 385 -15.74 -60.95 -7.81
C ALA A 385 -16.80 -59.89 -7.46
N GLU A 386 -17.46 -60.06 -6.32
CA GLU A 386 -18.26 -59.00 -5.73
C GLU A 386 -17.39 -57.82 -5.39
N ALA A 387 -16.22 -58.10 -4.85
CA ALA A 387 -15.28 -57.08 -4.42
C ALA A 387 -14.44 -56.66 -5.59
N TRP A 388 -14.55 -57.38 -6.67
CA TRP A 388 -13.88 -56.90 -7.81
C TRP A 388 -14.66 -55.74 -8.40
N ALA A 389 -15.94 -55.65 -8.09
CA ALA A 389 -16.79 -54.57 -8.62
C ALA A 389 -16.96 -53.48 -7.59
N ARG A 390 -17.06 -53.88 -6.33
CA ARG A 390 -17.17 -52.92 -5.23
C ARG A 390 -15.97 -51.99 -5.19
N LEU A 391 -14.86 -52.39 -5.84
CA LEU A 391 -13.71 -51.51 -6.06
C LEU A 391 -13.92 -50.77 -7.32
N ASP A 392 -13.85 -51.49 -8.45
CA ASP A 392 -14.31 -50.99 -9.75
C ASP A 392 -15.26 -49.77 -9.74
N HIS A 393 -16.34 -49.85 -8.95
CA HIS A 393 -17.34 -48.76 -8.92
C HIS A 393 -16.74 -47.45 -8.47
N LYS A 394 -16.06 -47.43 -7.33
CA LYS A 394 -15.40 -46.22 -6.90
C LYS A 394 -14.52 -45.73 -8.03
N PHE A 395 -13.57 -46.55 -8.46
CA PHE A 395 -12.70 -46.21 -9.58
C PHE A 395 -13.49 -45.56 -10.71
N ASP A 396 -14.57 -46.20 -11.10
CA ASP A 396 -15.40 -45.71 -12.18
C ASP A 396 -15.87 -44.31 -11.92
N LEU A 397 -16.34 -44.09 -10.70
CA LEU A 397 -17.14 -42.92 -10.40
C LEU A 397 -16.22 -41.76 -10.10
N MET A 398 -14.93 -42.06 -10.00
CA MET A 398 -13.93 -41.04 -9.84
C MET A 398 -13.40 -40.65 -11.19
N TYR A 399 -12.72 -41.60 -11.86
CA TYR A 399 -12.14 -41.40 -13.20
C TYR A 399 -13.09 -40.69 -14.16
N ALA A 400 -14.39 -40.89 -13.98
CA ALA A 400 -15.42 -40.23 -14.77
C ALA A 400 -15.29 -38.71 -14.73
N LYS A 401 -14.54 -38.20 -13.75
CA LYS A 401 -14.35 -36.78 -13.55
C LYS A 401 -12.86 -36.45 -13.55
N ARG A 402 -12.08 -37.35 -14.10
CA ARG A 402 -10.64 -37.26 -14.00
C ARG A 402 -10.21 -37.07 -12.58
N ALA A 403 -11.18 -36.95 -11.69
CA ALA A 403 -10.95 -36.94 -10.24
C ALA A 403 -9.52 -36.64 -9.77
N PHE A 404 -8.69 -37.65 -9.50
CA PHE A 404 -7.39 -37.37 -8.95
C PHE A 404 -6.32 -37.55 -9.97
N VAL A 405 -6.74 -37.92 -11.17
CA VAL A 405 -5.83 -38.33 -12.23
C VAL A 405 -4.58 -37.49 -12.37
N HIS A 406 -4.70 -36.17 -12.33
CA HIS A 406 -3.55 -35.34 -12.65
C HIS A 406 -2.30 -35.64 -11.81
N TRP A 407 -2.45 -36.18 -10.61
CA TRP A 407 -1.30 -36.52 -9.79
C TRP A 407 -0.44 -37.59 -10.42
N TYR A 408 -1.07 -38.37 -11.30
CA TYR A 408 -0.45 -39.52 -11.94
C TYR A 408 0.18 -39.08 -13.23
N VAL A 409 -0.64 -38.53 -14.13
CA VAL A 409 -0.14 -37.94 -15.36
C VAL A 409 1.04 -37.07 -14.98
N GLY A 410 0.98 -36.58 -13.74
CA GLY A 410 2.02 -35.78 -13.14
C GLY A 410 3.33 -36.52 -13.13
N GLU A 411 3.40 -37.60 -12.34
CA GLU A 411 4.65 -38.34 -12.12
C GLU A 411 5.21 -38.96 -13.37
N GLY A 412 4.34 -39.29 -14.31
CA GLY A 412 4.81 -39.55 -15.64
C GLY A 412 3.86 -40.38 -16.46
N MET A 413 2.69 -40.70 -15.90
CA MET A 413 1.85 -41.72 -16.52
C MET A 413 1.00 -41.29 -17.71
N GLU A 414 0.18 -42.23 -18.19
CA GLU A 414 -0.68 -42.02 -19.33
C GLU A 414 -2.18 -42.03 -19.00
N GLU A 415 -2.86 -40.95 -19.34
CA GLU A 415 -4.31 -40.87 -19.27
C GLU A 415 -4.98 -42.15 -19.73
N GLY A 416 -4.42 -42.78 -20.76
CA GLY A 416 -4.94 -44.02 -21.32
C GLY A 416 -4.59 -45.34 -20.61
N GLU A 417 -3.54 -45.31 -19.80
CA GLU A 417 -3.12 -46.50 -19.07
C GLU A 417 -4.14 -46.79 -17.99
N PHE A 418 -4.87 -45.74 -17.62
CA PHE A 418 -5.99 -45.83 -16.68
C PHE A 418 -7.17 -46.46 -17.35
N SER A 419 -7.60 -45.91 -18.50
CA SER A 419 -8.65 -46.49 -19.33
C SER A 419 -8.43 -47.99 -19.44
N GLU A 420 -7.24 -48.31 -19.94
CA GLU A 420 -6.77 -49.65 -20.26
C GLU A 420 -6.70 -50.66 -19.11
N ALA A 421 -6.67 -50.16 -17.88
CA ALA A 421 -6.69 -51.01 -16.69
C ALA A 421 -8.10 -51.28 -16.16
N ARG A 422 -9.00 -50.33 -16.32
CA ARG A 422 -10.39 -50.57 -15.97
C ARG A 422 -10.88 -51.59 -16.94
N GLU A 423 -10.47 -51.41 -18.20
CA GLU A 423 -10.79 -52.32 -19.30
C GLU A 423 -10.60 -53.78 -18.93
N ASP A 424 -9.50 -54.05 -18.21
CA ASP A 424 -9.11 -55.40 -17.85
C ASP A 424 -10.03 -55.96 -16.80
N MET A 425 -10.35 -55.14 -15.81
CA MET A 425 -11.30 -55.54 -14.80
C MET A 425 -12.62 -55.81 -15.48
N ALA A 426 -13.07 -54.88 -16.31
CA ALA A 426 -14.31 -55.07 -17.05
C ALA A 426 -14.32 -56.48 -17.63
N ALA A 427 -13.23 -56.83 -18.33
CA ALA A 427 -13.09 -58.15 -18.93
C ALA A 427 -12.97 -59.30 -17.92
N LEU A 428 -12.34 -59.05 -16.77
CA LEU A 428 -12.24 -60.07 -15.73
C LEU A 428 -13.59 -60.31 -15.10
N GLU A 429 -14.17 -59.26 -14.52
CA GLU A 429 -15.56 -59.23 -14.02
C GLU A 429 -16.48 -60.04 -14.91
N LYS A 430 -16.09 -60.14 -16.17
CA LYS A 430 -16.81 -60.85 -17.21
C LYS A 430 -16.49 -62.34 -17.17
N ASP A 431 -15.20 -62.71 -17.14
CA ASP A 431 -14.84 -64.12 -17.08
C ASP A 431 -15.43 -64.72 -15.84
N TYR A 432 -15.36 -64.00 -14.73
CA TYR A 432 -15.89 -64.46 -13.46
C TYR A 432 -17.40 -64.64 -13.49
N GLU A 433 -18.07 -63.88 -14.33
CA GLU A 433 -19.51 -64.06 -14.53
C GLU A 433 -19.78 -65.23 -15.49
N GLU A 434 -18.86 -65.38 -16.44
CA GLU A 434 -18.95 -66.37 -17.52
C GLU A 434 -18.61 -67.79 -17.06
N VAL A 435 -18.49 -68.00 -15.76
CA VAL A 435 -18.20 -69.34 -15.29
C VAL A 435 -19.44 -69.94 -14.63
N GLY A 436 -20.51 -69.15 -14.56
CA GLY A 436 -21.78 -69.65 -14.06
C GLY A 436 -22.59 -70.52 -15.03
N VAL A 437 -23.04 -71.69 -14.55
CA VAL A 437 -23.94 -72.66 -15.25
C VAL A 437 -23.70 -72.95 -16.74
N ASP A 438 -24.79 -73.30 -17.44
CA ASP A 438 -24.81 -73.49 -18.90
C ASP A 438 -26.18 -74.02 -19.34
N ARG B 2 8.91 -35.11 6.86
CA ARG B 2 10.33 -35.55 7.09
C ARG B 2 11.15 -34.36 7.61
N GLU B 3 10.69 -33.13 7.30
CA GLU B 3 11.34 -31.87 7.71
C GLU B 3 10.77 -30.70 6.93
N ILE B 4 10.34 -29.64 7.62
CA ILE B 4 9.73 -28.48 6.92
C ILE B 4 10.28 -27.09 7.33
N VAL B 5 10.65 -26.22 6.38
CA VAL B 5 11.03 -24.83 6.72
C VAL B 5 9.87 -23.86 6.57
N HIS B 6 9.97 -22.74 7.23
CA HIS B 6 8.87 -21.83 7.35
C HIS B 6 9.29 -20.45 6.92
N ILE B 7 8.56 -19.89 5.97
CA ILE B 7 8.75 -18.53 5.50
C ILE B 7 7.58 -17.67 5.93
N GLN B 8 7.88 -16.55 6.55
CA GLN B 8 6.87 -15.82 7.28
C GLN B 8 7.07 -14.36 6.97
N ALA B 9 6.40 -13.85 5.94
CA ALA B 9 6.74 -12.55 5.40
C ALA B 9 5.60 -11.54 5.47
N GLY B 10 5.89 -10.32 5.88
CA GLY B 10 4.88 -9.29 5.92
C GLY B 10 4.26 -9.04 7.28
N GLN B 11 3.92 -7.78 7.59
CA GLN B 11 3.42 -7.36 8.91
C GLN B 11 2.31 -8.29 9.38
N CYS B 12 1.44 -8.67 8.45
CA CYS B 12 0.37 -9.58 8.75
C CYS B 12 0.92 -10.98 8.82
N GLY B 13 1.64 -11.36 7.78
CA GLY B 13 2.31 -12.64 7.79
C GLY B 13 3.11 -12.86 9.06
N ASN B 14 3.88 -11.86 9.48
CA ASN B 14 4.81 -12.01 10.59
C ASN B 14 4.10 -12.08 11.91
N GLN B 15 3.18 -11.17 12.16
CA GLN B 15 2.48 -11.19 13.43
C GLN B 15 1.63 -12.47 13.59
N ILE B 16 1.38 -13.20 12.49
CA ILE B 16 0.73 -14.54 12.54
C ILE B 16 1.79 -15.55 12.90
N GLY B 17 2.89 -15.45 12.19
CA GLY B 17 4.01 -16.34 12.39
C GLY B 17 4.49 -16.26 13.81
N ALA B 18 4.45 -15.08 14.41
CA ALA B 18 4.88 -14.93 15.79
C ALA B 18 3.98 -15.76 16.66
N LYS B 19 2.67 -15.58 16.52
CA LYS B 19 1.71 -16.24 17.41
C LYS B 19 1.74 -17.75 17.16
N PHE B 20 1.76 -18.17 15.90
CA PHE B 20 1.93 -19.58 15.60
C PHE B 20 3.05 -20.19 16.44
N TRP B 21 4.25 -19.62 16.30
CA TRP B 21 5.48 -20.21 16.81
C TRP B 21 5.50 -20.35 18.29
N GLU B 22 5.00 -19.36 19.01
CA GLU B 22 5.02 -19.49 20.45
C GLU B 22 3.95 -20.46 20.92
N VAL B 23 2.90 -20.70 20.13
CA VAL B 23 1.87 -21.67 20.54
C VAL B 23 2.36 -23.09 20.32
N ILE B 24 2.93 -23.35 19.14
CA ILE B 24 3.53 -24.65 18.86
C ILE B 24 4.77 -24.85 19.72
N SER B 25 5.45 -23.78 20.03
CA SER B 25 6.63 -23.91 20.86
C SER B 25 6.23 -24.26 22.26
N ASP B 26 5.01 -23.88 22.60
CA ASP B 26 4.49 -24.26 23.87
C ASP B 26 4.25 -25.75 23.85
N GLU B 27 3.48 -26.23 22.88
CA GLU B 27 3.04 -27.64 22.87
C GLU B 27 4.23 -28.57 23.08
N HIS B 28 5.35 -28.25 22.42
CA HIS B 28 6.56 -29.02 22.56
C HIS B 28 7.28 -28.68 23.85
N GLY B 29 7.11 -27.44 24.29
CA GLY B 29 7.73 -26.98 25.52
C GLY B 29 9.15 -26.56 25.26
N ILE B 30 9.31 -25.29 24.91
CA ILE B 30 10.63 -24.71 24.70
C ILE B 30 10.72 -23.34 25.39
N ASP B 31 11.78 -23.16 26.17
CA ASP B 31 12.05 -21.91 26.86
C ASP B 31 12.19 -20.83 25.85
N PRO B 32 11.76 -19.61 26.17
CA PRO B 32 11.95 -18.48 25.27
C PRO B 32 13.31 -18.52 24.58
N THR B 33 14.25 -19.26 25.16
CA THR B 33 15.48 -19.56 24.46
C THR B 33 15.70 -21.04 24.44
N GLY B 34 15.94 -21.57 25.63
CA GLY B 34 16.53 -22.88 25.79
C GLY B 34 15.79 -24.05 25.19
N SER B 35 15.75 -25.11 26.00
CA SER B 35 15.26 -26.40 25.55
C SER B 35 14.03 -26.84 26.30
N TYR B 36 13.77 -28.14 26.21
CA TYR B 36 12.59 -28.74 26.75
C TYR B 36 12.40 -28.44 28.25
N HIS B 37 11.17 -28.14 28.64
CA HIS B 37 10.78 -28.12 30.04
C HIS B 37 9.31 -28.56 30.08
N GLY B 38 9.08 -29.84 30.40
CA GLY B 38 7.74 -30.45 30.41
C GLY B 38 7.67 -31.91 30.81
N ASP B 39 6.62 -32.29 31.54
CA ASP B 39 6.50 -33.67 32.03
C ASP B 39 6.04 -34.64 30.93
N SER B 40 5.54 -34.10 29.83
CA SER B 40 5.29 -34.91 28.63
C SER B 40 6.66 -35.42 28.05
N ASP B 41 6.62 -36.37 27.13
CA ASP B 41 7.84 -36.91 26.53
C ASP B 41 7.78 -37.06 25.01
N LEU B 42 6.57 -37.31 24.50
CA LEU B 42 6.30 -37.34 23.06
C LEU B 42 7.00 -36.14 22.42
N GLN B 43 6.33 -34.98 22.44
CA GLN B 43 6.86 -33.73 21.90
C GLN B 43 7.98 -33.97 20.89
N LEU B 44 9.12 -34.38 21.44
CA LEU B 44 10.39 -34.46 20.74
C LEU B 44 10.51 -35.44 19.55
N GLU B 45 9.61 -36.41 19.41
CA GLU B 45 9.59 -37.26 18.20
C GLU B 45 9.64 -36.46 16.90
N ARG B 46 8.72 -35.53 16.78
CA ARG B 46 8.46 -34.90 15.53
C ARG B 46 8.83 -33.43 15.67
N ILE B 47 9.62 -33.11 16.70
CA ILE B 47 10.15 -31.76 16.89
C ILE B 47 11.22 -31.57 15.86
N ASN B 48 11.83 -32.69 15.48
CA ASN B 48 12.71 -32.70 14.37
C ASN B 48 12.18 -31.90 13.20
N VAL B 49 10.87 -31.90 13.01
CA VAL B 49 10.26 -31.41 11.78
C VAL B 49 10.18 -29.92 11.65
N TYR B 50 9.85 -29.25 12.75
CA TYR B 50 9.70 -27.80 12.72
C TYR B 50 10.84 -27.01 13.36
N TYR B 51 11.81 -27.71 13.96
CA TYR B 51 12.92 -27.07 14.65
C TYR B 51 14.23 -27.70 14.23
N ASN B 52 15.07 -26.93 13.56
CA ASN B 52 16.47 -27.32 13.36
C ASN B 52 17.21 -26.94 14.63
N GLU B 53 17.80 -27.91 15.30
CA GLU B 53 18.40 -27.67 16.61
C GLU B 53 19.87 -27.31 16.51
N ALA B 54 20.33 -26.42 17.39
CA ALA B 54 21.73 -25.93 17.37
C ALA B 54 22.48 -26.27 18.67
N THR B 55 23.71 -25.77 18.80
CA THR B 55 24.64 -26.17 19.89
C THR B 55 24.19 -25.79 21.31
N GLY B 56 24.84 -26.37 22.32
CA GLY B 56 24.35 -26.34 23.70
C GLY B 56 23.14 -27.27 23.84
N ASN B 57 22.12 -26.85 24.59
CA ASN B 57 20.83 -27.54 24.59
C ASN B 57 20.12 -27.11 23.32
N LYS B 58 19.30 -26.04 23.43
CA LYS B 58 18.80 -25.21 22.32
C LYS B 58 18.02 -25.85 21.20
N TYR B 59 17.12 -25.09 20.60
CA TYR B 59 16.26 -25.73 19.64
C TYR B 59 15.92 -24.95 18.38
N VAL B 60 16.03 -23.63 18.41
CA VAL B 60 15.78 -22.71 17.25
C VAL B 60 14.89 -23.14 16.06
N PRO B 61 13.70 -22.53 15.92
CA PRO B 61 12.86 -22.71 14.75
C PRO B 61 13.60 -22.69 13.41
N ARG B 62 13.03 -23.40 12.44
CA ARG B 62 13.46 -23.33 11.07
C ARG B 62 12.57 -22.26 10.52
N ALA B 63 12.99 -21.01 10.70
CA ALA B 63 12.18 -19.87 10.31
C ALA B 63 12.96 -18.82 9.53
N ILE B 64 12.28 -18.17 8.59
CA ILE B 64 12.84 -17.03 7.91
C ILE B 64 11.79 -15.95 8.04
N LEU B 65 12.21 -14.76 8.42
CA LEU B 65 11.28 -13.67 8.55
C LEU B 65 11.60 -12.56 7.57
N VAL B 66 10.73 -12.35 6.60
CA VAL B 66 10.98 -11.34 5.63
C VAL B 66 10.05 -10.18 5.81
N ASP B 67 10.59 -8.98 5.79
CA ASP B 67 9.78 -7.77 5.69
C ASP B 67 10.56 -6.73 4.89
N LEU B 68 9.83 -5.77 4.33
CA LEU B 68 10.48 -4.67 3.61
C LEU B 68 10.60 -3.40 4.44
N GLU B 69 10.65 -3.57 5.77
CA GLU B 69 10.94 -2.50 6.72
C GLU B 69 11.13 -3.01 8.15
N PRO B 70 12.12 -2.46 8.86
CA PRO B 70 12.46 -2.91 10.23
C PRO B 70 11.26 -3.04 11.16
N GLY B 71 10.56 -1.93 11.38
CA GLY B 71 9.38 -1.87 12.23
C GLY B 71 8.92 -3.17 12.86
N THR B 72 8.29 -4.05 12.06
CA THR B 72 7.57 -5.22 12.59
C THR B 72 8.46 -6.40 12.89
N MET B 73 9.73 -6.29 12.58
CA MET B 73 10.67 -7.37 12.87
C MET B 73 11.13 -7.27 14.31
N ASP B 74 11.30 -6.03 14.75
CA ASP B 74 11.75 -5.74 16.10
C ASP B 74 10.57 -5.78 17.07
N SER B 75 9.41 -6.10 16.53
CA SER B 75 8.21 -6.30 17.33
C SER B 75 8.31 -7.69 17.91
N VAL B 76 8.57 -8.64 17.03
CA VAL B 76 8.75 -10.00 17.44
C VAL B 76 9.93 -10.05 18.38
N ARG B 77 11.10 -9.66 17.91
CA ARG B 77 12.29 -9.81 18.75
C ARG B 77 12.16 -9.11 20.11
N SER B 78 11.25 -8.16 20.18
CA SER B 78 11.04 -7.37 21.40
C SER B 78 9.85 -7.84 22.25
N GLY B 79 9.08 -8.80 21.74
CA GLY B 79 7.82 -9.17 22.34
C GLY B 79 7.78 -10.45 23.18
N PRO B 80 7.13 -11.49 22.66
CA PRO B 80 6.76 -12.66 23.47
C PRO B 80 7.89 -13.69 23.58
N PHE B 81 7.96 -14.57 22.58
CA PHE B 81 9.09 -15.46 22.36
C PHE B 81 10.07 -14.77 21.44
N GLY B 82 10.81 -13.83 22.00
CA GLY B 82 11.49 -12.87 21.18
C GLY B 82 12.68 -13.46 20.50
N GLN B 83 13.77 -13.49 21.24
CA GLN B 83 15.04 -13.93 20.69
C GLN B 83 15.05 -15.46 20.62
N ILE B 84 13.96 -16.05 20.14
CA ILE B 84 13.98 -17.50 19.88
C ILE B 84 14.57 -17.83 18.51
N PHE B 85 14.28 -17.00 17.50
CA PHE B 85 14.70 -17.24 16.12
C PHE B 85 16.15 -16.84 15.93
N ARG B 86 16.86 -17.56 15.06
CA ARG B 86 18.27 -17.28 14.84
C ARG B 86 18.48 -15.87 14.27
N PRO B 87 19.25 -15.05 14.98
CA PRO B 87 19.46 -13.65 14.64
C PRO B 87 19.49 -13.34 13.15
N ASP B 88 20.33 -14.00 12.36
CA ASP B 88 20.33 -13.68 10.93
C ASP B 88 19.51 -14.68 10.14
N ASN B 89 18.27 -14.82 10.57
CA ASN B 89 17.25 -15.41 9.76
C ASN B 89 16.26 -14.30 9.50
N PHE B 90 16.58 -13.13 10.04
CA PHE B 90 15.81 -11.92 9.83
C PHE B 90 16.28 -11.21 8.54
N VAL B 91 15.44 -11.20 7.52
CA VAL B 91 15.77 -10.47 6.31
C VAL B 91 15.10 -9.09 6.31
N PHE B 92 15.89 -8.04 6.60
CA PHE B 92 15.39 -6.66 6.76
C PHE B 92 14.97 -5.99 5.48
N GLY B 93 14.25 -4.89 5.61
CA GLY B 93 13.71 -4.25 4.44
C GLY B 93 14.24 -2.88 4.16
N GLN B 94 14.19 -2.05 5.20
CA GLN B 94 14.65 -0.64 5.18
C GLN B 94 13.73 0.23 4.37
N SER B 95 13.42 -0.24 3.17
CA SER B 95 12.76 0.53 2.11
C SER B 95 11.28 0.71 2.37
N GLY B 96 10.55 1.20 1.38
CA GLY B 96 9.11 1.19 1.44
C GLY B 96 8.58 -0.23 1.24
N ALA B 97 7.29 -0.39 1.52
CA ALA B 97 6.51 -1.58 1.19
C ALA B 97 5.40 -1.10 0.27
N GLY B 98 4.73 -0.05 0.73
CA GLY B 98 3.75 0.69 -0.06
C GLY B 98 2.31 0.29 0.19
N ASN B 99 2.12 -0.90 0.78
CA ASN B 99 0.83 -1.57 0.75
C ASN B 99 0.48 -1.70 -0.75
N ASN B 100 1.48 -2.09 -1.54
CA ASN B 100 1.35 -2.16 -2.98
C ASN B 100 2.03 -3.40 -3.56
N TRP B 101 1.30 -4.19 -4.34
CA TRP B 101 1.81 -5.46 -4.83
C TRP B 101 3.07 -5.33 -5.65
N ALA B 102 3.11 -4.37 -6.55
CA ALA B 102 4.20 -4.30 -7.49
C ALA B 102 5.51 -4.10 -6.76
N LYS B 103 5.54 -3.11 -5.87
CA LYS B 103 6.74 -2.80 -5.11
C LYS B 103 7.30 -4.08 -4.53
N GLY B 104 6.44 -4.89 -3.92
CA GLY B 104 6.86 -6.12 -3.30
C GLY B 104 7.21 -7.24 -4.25
N HIS B 105 6.60 -7.25 -5.43
CA HIS B 105 6.82 -8.34 -6.37
C HIS B 105 7.84 -7.90 -7.44
N TYR B 106 7.91 -6.60 -7.69
CA TYR B 106 8.77 -6.15 -8.76
C TYR B 106 9.99 -5.39 -8.30
N THR B 107 9.80 -4.15 -7.83
CA THR B 107 10.92 -3.24 -7.55
C THR B 107 11.64 -3.48 -6.24
N GLU B 108 11.10 -2.95 -5.15
CA GLU B 108 11.73 -3.09 -3.83
C GLU B 108 11.84 -4.53 -3.35
N GLY B 109 10.99 -5.40 -3.92
CA GLY B 109 10.95 -6.80 -3.59
C GLY B 109 12.13 -7.53 -4.20
N ALA B 110 12.16 -7.63 -5.52
CA ALA B 110 13.28 -8.27 -6.19
C ALA B 110 14.61 -7.68 -5.74
N GLU B 111 14.54 -6.48 -5.15
CA GLU B 111 15.70 -5.79 -4.55
C GLU B 111 16.30 -6.60 -3.43
N LEU B 112 15.44 -7.24 -2.63
CA LEU B 112 15.82 -8.11 -1.53
C LEU B 112 15.87 -9.52 -2.07
N VAL B 113 14.78 -10.27 -1.88
CA VAL B 113 14.55 -11.58 -2.51
C VAL B 113 15.70 -12.52 -2.45
N ASP B 114 16.74 -12.16 -3.16
CA ASP B 114 17.94 -12.97 -3.27
C ASP B 114 18.62 -13.18 -1.92
N SER B 115 18.45 -12.24 -1.01
CA SER B 115 18.99 -12.42 0.34
C SER B 115 18.11 -13.37 1.14
N VAL B 116 16.81 -13.39 0.83
CA VAL B 116 15.88 -14.35 1.42
C VAL B 116 16.25 -15.72 0.89
N LEU B 117 16.15 -15.90 -0.42
CA LEU B 117 16.51 -17.17 -1.02
C LEU B 117 17.79 -17.67 -0.37
N ASP B 118 18.67 -16.76 0.03
CA ASP B 118 19.95 -17.14 0.59
C ASP B 118 19.82 -17.82 1.96
N VAL B 119 18.90 -17.37 2.81
CA VAL B 119 18.72 -18.01 4.11
C VAL B 119 18.01 -19.31 3.89
N VAL B 120 16.97 -19.26 3.07
CA VAL B 120 16.17 -20.44 2.79
C VAL B 120 17.04 -21.55 2.20
N ARG B 121 17.89 -21.18 1.24
CA ARG B 121 18.84 -22.12 0.65
C ARG B 121 19.68 -22.82 1.73
N LYS B 122 20.15 -22.07 2.72
CA LYS B 122 21.05 -22.59 3.74
C LYS B 122 20.36 -23.17 4.96
N GLU B 123 19.03 -23.08 5.03
CA GLU B 123 18.29 -23.81 6.05
C GLU B 123 17.82 -25.11 5.45
N SER B 124 17.37 -25.02 4.21
CA SER B 124 16.81 -26.15 3.52
C SER B 124 17.92 -27.04 3.00
N GLU B 125 19.03 -26.44 2.64
CA GLU B 125 20.16 -27.24 2.20
C GLU B 125 20.80 -27.96 3.40
N SER B 126 20.53 -27.46 4.61
CA SER B 126 21.05 -28.06 5.86
C SER B 126 20.16 -29.20 6.35
N CYS B 127 18.87 -28.85 6.45
CA CYS B 127 17.75 -29.76 6.59
C CYS B 127 17.93 -31.08 5.87
N ASP B 128 18.10 -32.14 6.64
CA ASP B 128 18.54 -33.43 6.16
C ASP B 128 17.63 -34.13 5.10
N CYS B 129 16.33 -33.95 5.18
CA CYS B 129 15.43 -34.36 4.10
C CYS B 129 14.22 -33.42 4.12
N LEU B 130 14.41 -32.24 3.55
CA LEU B 130 13.39 -31.22 3.52
C LEU B 130 12.18 -31.70 2.75
N GLN B 131 11.03 -31.74 3.39
CA GLN B 131 9.85 -32.25 2.73
C GLN B 131 9.07 -31.16 2.02
N GLY B 132 9.20 -29.91 2.50
CA GLY B 132 8.53 -28.77 1.89
C GLY B 132 8.55 -27.49 2.71
N PHE B 133 8.05 -26.40 2.11
CA PHE B 133 7.95 -25.16 2.86
C PHE B 133 6.51 -24.83 3.07
N GLN B 134 6.27 -24.08 4.14
CA GLN B 134 5.00 -23.41 4.36
C GLN B 134 5.31 -21.93 4.52
N LEU B 135 4.34 -21.07 4.21
CA LEU B 135 4.54 -19.63 4.27
C LEU B 135 3.27 -18.99 4.78
N THR B 136 3.41 -17.90 5.52
CA THR B 136 2.26 -17.17 6.07
C THR B 136 2.29 -15.76 5.53
N HIS B 137 1.15 -15.14 5.25
CA HIS B 137 1.14 -13.75 4.77
C HIS B 137 -0.22 -13.21 4.37
N SER B 138 -0.36 -11.88 4.43
CA SER B 138 -1.52 -11.14 3.92
C SER B 138 -1.63 -11.17 2.39
N LEU B 139 -2.82 -10.89 1.86
CA LEU B 139 -3.01 -10.96 0.42
C LEU B 139 -3.33 -9.61 -0.14
N GLY B 140 -3.74 -8.72 0.75
CA GLY B 140 -3.98 -7.35 0.38
C GLY B 140 -2.92 -6.47 1.01
N GLY B 141 -1.87 -6.20 0.26
CA GLY B 141 -0.74 -5.49 0.83
C GLY B 141 0.55 -6.14 0.47
N GLY B 142 1.52 -5.32 0.06
CA GLY B 142 2.59 -5.73 -0.81
C GLY B 142 3.70 -6.62 -0.30
N THR B 143 4.19 -6.33 0.89
CA THR B 143 5.36 -7.03 1.35
C THR B 143 5.06 -8.52 1.51
N GLY B 144 3.84 -8.86 1.92
CA GLY B 144 3.43 -10.26 2.06
C GLY B 144 2.99 -10.90 0.77
N SER B 145 1.88 -10.38 0.25
CA SER B 145 1.29 -10.88 -0.98
C SER B 145 2.15 -10.69 -2.23
N GLY B 146 2.93 -9.62 -2.27
CA GLY B 146 3.78 -9.35 -3.42
C GLY B 146 5.11 -10.06 -3.37
N MET B 147 5.83 -9.90 -2.27
CA MET B 147 7.11 -10.54 -2.16
C MET B 147 6.96 -12.02 -2.04
N GLY B 148 6.00 -12.43 -1.23
CA GLY B 148 5.73 -13.83 -0.98
C GLY B 148 5.38 -14.60 -2.25
N THR B 149 4.47 -14.02 -3.05
CA THR B 149 4.11 -14.63 -4.31
C THR B 149 5.32 -14.69 -5.20
N LEU B 150 6.21 -13.72 -5.03
CA LEU B 150 7.49 -13.76 -5.72
C LEU B 150 8.33 -14.85 -5.11
N LEU B 151 8.46 -14.80 -3.80
CA LEU B 151 9.21 -15.80 -3.09
C LEU B 151 8.83 -17.16 -3.64
N ILE B 152 7.56 -17.54 -3.52
CA ILE B 152 7.11 -18.89 -3.89
C ILE B 152 7.40 -19.26 -5.33
N SER B 153 7.40 -18.26 -6.22
CA SER B 153 7.73 -18.50 -7.62
C SER B 153 9.19 -18.80 -7.68
N LYS B 154 9.98 -18.08 -6.88
CA LYS B 154 11.42 -18.25 -6.89
C LYS B 154 11.83 -19.42 -6.04
N ILE B 155 10.94 -19.82 -5.13
CA ILE B 155 11.12 -20.97 -4.25
C ILE B 155 10.94 -22.26 -5.04
N ARG B 156 9.85 -22.37 -5.81
CA ARG B 156 9.75 -23.41 -6.84
C ARG B 156 10.83 -23.07 -7.82
N GLU B 157 10.94 -23.80 -8.90
CA GLU B 157 12.06 -23.53 -9.80
C GLU B 157 13.39 -23.94 -9.15
N GLU B 158 13.60 -23.55 -7.90
CA GLU B 158 14.78 -23.96 -7.18
C GLU B 158 14.48 -25.31 -6.61
N TYR B 159 13.25 -25.42 -6.10
CA TYR B 159 12.71 -26.60 -5.45
C TYR B 159 11.41 -26.91 -6.15
N PRO B 160 11.44 -27.63 -7.26
CA PRO B 160 10.23 -28.01 -8.00
C PRO B 160 9.55 -29.14 -7.21
N ASP B 161 10.02 -30.37 -7.42
CA ASP B 161 10.42 -31.25 -6.32
C ASP B 161 9.62 -31.35 -5.02
N ARG B 162 9.63 -30.26 -4.27
CA ARG B 162 9.09 -30.20 -2.92
C ARG B 162 7.82 -29.39 -2.89
N ILE B 163 6.95 -29.73 -1.95
CA ILE B 163 5.63 -29.13 -1.95
C ILE B 163 5.53 -27.82 -1.17
N MET B 164 4.79 -26.91 -1.78
CA MET B 164 4.57 -25.58 -1.28
C MET B 164 3.18 -25.40 -0.61
N ASN B 165 3.04 -24.38 0.21
CA ASN B 165 1.95 -24.39 1.16
C ASN B 165 1.81 -23.09 1.90
N THR B 166 0.63 -22.50 1.92
CA THR B 166 0.51 -21.20 2.57
C THR B 166 -0.74 -20.98 3.32
N PHE B 167 -0.63 -20.28 4.43
CA PHE B 167 -1.78 -19.68 5.05
C PHE B 167 -1.79 -18.24 4.60
N SER B 168 -2.77 -17.92 3.76
CA SER B 168 -2.94 -16.57 3.22
C SER B 168 -4.23 -15.92 3.75
N VAL B 169 -4.18 -14.64 3.99
CA VAL B 169 -5.25 -14.00 4.67
C VAL B 169 -5.96 -13.12 3.68
N MET B 170 -7.08 -13.61 3.15
CA MET B 170 -7.87 -12.85 2.14
C MET B 170 -8.54 -11.62 2.69
N PRO B 171 -8.19 -10.46 2.17
CA PRO B 171 -8.56 -9.22 2.84
C PRO B 171 -9.98 -8.83 2.56
N SER B 172 -10.59 -8.21 3.54
CA SER B 172 -11.96 -7.86 3.39
C SER B 172 -12.04 -6.33 3.21
N PRO B 173 -13.17 -5.89 2.62
CA PRO B 173 -13.60 -4.46 2.62
C PRO B 173 -13.80 -3.83 4.02
N LYS B 174 -14.47 -4.54 4.92
CA LYS B 174 -14.54 -4.16 6.34
C LYS B 174 -13.36 -4.76 7.15
N VAL B 175 -12.79 -3.95 8.03
CA VAL B 175 -11.54 -4.26 8.78
C VAL B 175 -10.30 -4.51 7.87
N SER B 176 -9.85 -3.36 7.35
CA SER B 176 -8.67 -3.19 6.49
C SER B 176 -8.22 -1.72 6.49
N ASP B 177 -6.99 -1.54 6.02
CA ASP B 177 -6.27 -0.27 6.07
C ASP B 177 -6.34 0.44 4.69
N THR B 178 -6.18 -0.37 3.62
CA THR B 178 -5.96 0.11 2.26
C THR B 178 -7.17 -0.01 1.34
N VAL B 179 -7.43 1.08 0.64
CA VAL B 179 -8.38 1.14 -0.44
C VAL B 179 -8.12 0.07 -1.53
N VAL B 180 -6.85 -0.18 -1.83
CA VAL B 180 -6.49 -0.97 -3.02
C VAL B 180 -6.54 -2.48 -2.91
N GLU B 181 -6.48 -3.01 -1.71
CA GLU B 181 -6.33 -4.47 -1.48
C GLU B 181 -6.97 -5.45 -2.51
N PRO B 182 -8.23 -5.26 -2.92
CA PRO B 182 -8.77 -5.99 -4.08
C PRO B 182 -7.75 -6.19 -5.21
N TYR B 183 -6.99 -5.15 -5.56
CA TYR B 183 -5.95 -5.24 -6.59
C TYR B 183 -4.85 -6.18 -6.14
N ASN B 184 -4.25 -5.89 -4.98
CA ASN B 184 -3.22 -6.75 -4.42
C ASN B 184 -3.67 -8.23 -4.33
N ALA B 185 -4.90 -8.47 -3.91
CA ALA B 185 -5.41 -9.83 -3.77
C ALA B 185 -5.45 -10.55 -5.12
N THR B 186 -6.15 -9.97 -6.08
CA THR B 186 -6.38 -10.60 -7.36
C THR B 186 -5.07 -10.95 -8.03
N LEU B 187 -4.04 -10.18 -7.73
CA LEU B 187 -2.73 -10.36 -8.34
C LEU B 187 -1.92 -11.53 -7.81
N SER B 188 -2.13 -11.80 -6.53
CA SER B 188 -1.47 -12.91 -5.86
C SER B 188 -2.32 -14.20 -6.00
N VAL B 189 -3.65 -14.06 -5.92
CA VAL B 189 -4.58 -15.19 -6.07
C VAL B 189 -4.16 -15.94 -7.31
N HIS B 190 -4.06 -15.17 -8.40
CA HIS B 190 -3.46 -15.62 -9.64
C HIS B 190 -2.15 -16.35 -9.32
N GLN B 191 -1.14 -15.64 -8.82
CA GLN B 191 0.18 -16.23 -8.52
C GLN B 191 0.11 -17.58 -7.80
N LEU B 192 -0.70 -17.60 -6.74
CA LEU B 192 -0.89 -18.75 -5.87
C LEU B 192 -1.44 -19.89 -6.69
N VAL B 193 -2.55 -19.64 -7.34
CA VAL B 193 -3.23 -20.69 -8.04
C VAL B 193 -2.39 -21.43 -9.07
N GLU B 194 -1.12 -21.09 -9.24
CA GLU B 194 -0.26 -21.86 -10.14
C GLU B 194 1.03 -22.34 -9.56
N ASN B 195 1.29 -21.96 -8.31
CA ASN B 195 2.56 -22.24 -7.64
C ASN B 195 2.50 -22.88 -6.24
N THR B 196 1.34 -22.89 -5.60
CA THR B 196 1.23 -23.55 -4.30
C THR B 196 0.58 -24.88 -4.51
N ASP B 197 0.51 -25.67 -3.45
CA ASP B 197 0.03 -27.03 -3.55
C ASP B 197 -1.16 -27.22 -2.71
N GLU B 198 -1.22 -26.42 -1.64
CA GLU B 198 -2.42 -26.18 -0.82
C GLU B 198 -2.36 -24.75 -0.25
N THR B 199 -3.53 -24.15 -0.04
CA THR B 199 -3.58 -22.79 0.43
C THR B 199 -4.74 -22.55 1.33
N TYR B 200 -4.46 -22.48 2.62
CA TYR B 200 -5.45 -22.16 3.61
C TYR B 200 -5.95 -20.74 3.47
N SER B 201 -7.23 -20.62 3.13
CA SER B 201 -7.90 -19.36 2.94
C SER B 201 -8.35 -18.93 4.30
N ILE B 202 -8.04 -17.69 4.66
CA ILE B 202 -8.42 -17.14 5.95
C ILE B 202 -8.88 -15.76 5.66
N ASP B 203 -10.16 -15.55 5.84
CA ASP B 203 -10.77 -14.27 5.59
C ASP B 203 -10.72 -13.48 6.88
N ASN B 204 -10.39 -12.20 6.80
CA ASN B 204 -10.50 -11.37 7.98
C ASN B 204 -11.93 -10.97 8.19
N GLU B 205 -12.77 -11.14 7.16
CA GLU B 205 -14.22 -10.95 7.28
C GLU B 205 -14.76 -12.04 8.21
N ALA B 206 -14.22 -13.24 8.06
CA ALA B 206 -14.55 -14.31 8.98
C ALA B 206 -13.94 -13.97 10.33
N LEU B 207 -12.62 -13.89 10.37
CA LEU B 207 -11.89 -13.83 11.63
C LEU B 207 -12.55 -12.83 12.52
N TYR B 208 -12.91 -11.68 11.98
CA TYR B 208 -13.57 -10.62 12.74
C TYR B 208 -14.99 -11.01 13.11
N ASP B 209 -15.67 -11.74 12.22
CA ASP B 209 -17.07 -12.08 12.49
C ASP B 209 -17.18 -13.12 13.63
N ILE B 210 -16.22 -14.06 13.65
CA ILE B 210 -16.09 -15.07 14.71
C ILE B 210 -15.92 -14.45 16.11
N CYS B 211 -15.70 -13.15 16.18
CA CYS B 211 -15.42 -12.50 17.45
C CYS B 211 -16.59 -11.67 17.92
N PHE B 212 -17.42 -11.22 16.99
CA PHE B 212 -18.49 -10.31 17.34
C PHE B 212 -19.89 -10.95 17.35
N ARG B 213 -20.17 -11.90 16.44
CA ARG B 213 -21.43 -12.67 16.57
C ARG B 213 -21.25 -13.86 17.55
N THR B 214 -19.98 -14.27 17.70
CA THR B 214 -19.59 -15.51 18.38
C THR B 214 -18.66 -15.32 19.62
N LEU B 215 -18.54 -14.11 20.20
CA LEU B 215 -17.59 -13.93 21.31
C LEU B 215 -17.72 -12.70 22.24
N LYS B 216 -18.62 -11.78 21.91
CA LYS B 216 -18.85 -10.53 22.69
C LYS B 216 -17.58 -9.81 23.16
N LEU B 217 -16.68 -9.58 22.22
CA LEU B 217 -15.48 -8.76 22.40
C LEU B 217 -15.52 -7.57 21.43
N THR B 218 -15.96 -6.43 21.95
CA THR B 218 -16.24 -5.19 21.19
C THR B 218 -15.16 -4.73 20.21
N THR B 219 -13.97 -4.40 20.74
CA THR B 219 -12.90 -3.80 19.96
C THR B 219 -11.89 -4.84 19.57
N PRO B 220 -12.14 -5.58 18.49
CA PRO B 220 -11.29 -6.71 18.13
C PRO B 220 -9.95 -6.20 17.56
N THR B 221 -8.85 -6.56 18.21
CA THR B 221 -7.51 -6.12 17.80
C THR B 221 -7.12 -6.78 16.50
N TYR B 222 -5.88 -6.54 16.11
CA TYR B 222 -5.17 -7.51 15.28
C TYR B 222 -4.58 -8.61 16.18
N GLY B 223 -4.77 -8.45 17.49
CA GLY B 223 -4.36 -9.43 18.49
C GLY B 223 -5.35 -10.58 18.56
N ASP B 224 -6.32 -10.47 19.46
CA ASP B 224 -7.38 -11.47 19.53
C ASP B 224 -8.10 -11.58 18.18
N LEU B 225 -7.57 -12.39 17.27
CA LEU B 225 -7.98 -12.37 15.87
C LEU B 225 -6.80 -12.96 15.11
N ASN B 226 -5.60 -12.56 15.49
CA ASN B 226 -4.44 -13.36 15.20
C ASN B 226 -4.62 -14.64 15.98
N HIS B 227 -4.99 -14.48 17.24
CA HIS B 227 -5.19 -15.59 18.16
C HIS B 227 -5.89 -16.82 17.57
N LEU B 228 -6.87 -16.59 16.70
CA LEU B 228 -7.60 -17.66 16.04
C LEU B 228 -6.69 -18.40 15.11
N VAL B 229 -6.13 -17.68 14.14
CA VAL B 229 -5.22 -18.20 13.10
C VAL B 229 -4.10 -19.02 13.68
N SER B 230 -3.51 -18.46 14.73
CA SER B 230 -2.48 -19.09 15.54
C SER B 230 -2.94 -20.44 15.99
N ALA B 231 -4.19 -20.49 16.43
CA ALA B 231 -4.75 -21.74 16.91
C ALA B 231 -5.00 -22.68 15.74
N THR B 232 -5.62 -22.14 14.69
CA THR B 232 -6.09 -22.97 13.59
C THR B 232 -4.90 -23.54 12.92
N MET B 233 -3.83 -22.75 12.90
CA MET B 233 -2.57 -23.19 12.34
C MET B 233 -1.87 -24.26 13.14
N SER B 234 -2.04 -24.26 14.45
CA SER B 234 -1.48 -25.37 15.17
C SER B 234 -2.30 -26.57 14.84
N GLY B 235 -3.61 -26.37 14.75
CA GLY B 235 -4.55 -27.43 14.45
C GLY B 235 -4.13 -28.22 13.23
N VAL B 236 -4.05 -27.54 12.10
CA VAL B 236 -3.74 -28.20 10.85
C VAL B 236 -2.45 -28.96 10.87
N THR B 237 -1.42 -28.40 11.49
CA THR B 237 -0.08 -28.96 11.50
C THR B 237 0.09 -30.26 12.31
N THR B 238 -0.52 -30.29 13.49
CA THR B 238 -0.23 -31.29 14.54
C THR B 238 0.31 -32.62 14.06
N CYS B 239 -0.46 -33.30 13.24
CA CYS B 239 -0.13 -34.66 12.89
C CYS B 239 1.01 -34.81 11.88
N LEU B 240 1.64 -33.72 11.45
CA LEU B 240 2.98 -33.89 10.90
C LEU B 240 4.02 -33.68 11.98
N ARG B 241 3.57 -33.09 13.09
CA ARG B 241 4.50 -32.75 14.19
C ARG B 241 4.32 -33.47 15.56
N PHE B 242 3.62 -34.61 15.61
CA PHE B 242 3.28 -35.19 16.93
C PHE B 242 3.21 -36.72 17.17
N PRO B 243 2.14 -37.39 16.69
CA PRO B 243 1.77 -38.71 17.26
C PRO B 243 2.63 -39.77 16.63
N GLY B 244 1.98 -40.50 15.73
CA GLY B 244 2.50 -41.63 14.99
C GLY B 244 1.32 -42.52 14.60
N GLN B 245 0.12 -41.94 14.64
CA GLN B 245 -1.13 -42.62 14.22
C GLN B 245 -1.55 -42.18 12.80
N LEU B 246 -1.00 -41.02 12.34
CA LEU B 246 -1.05 -40.61 10.94
C LEU B 246 0.26 -40.98 10.25
N ASN B 247 0.80 -40.06 9.49
CA ASN B 247 2.23 -39.96 9.32
C ASN B 247 2.61 -39.11 8.09
N ALA B 248 1.61 -38.84 7.27
CA ALA B 248 1.39 -37.48 6.78
C ALA B 248 2.55 -36.83 6.05
N ASP B 249 2.94 -37.44 4.94
CA ASP B 249 4.05 -36.95 4.13
C ASP B 249 4.12 -35.48 3.75
N LEU B 250 3.01 -34.78 3.92
CA LEU B 250 2.80 -33.44 3.40
C LEU B 250 2.50 -33.59 1.96
N ARG B 251 3.20 -34.48 1.28
CA ARG B 251 2.79 -34.76 -0.06
C ARG B 251 1.60 -35.67 -0.05
N LYS B 252 1.70 -36.76 0.68
CA LYS B 252 0.58 -37.65 0.79
C LYS B 252 -0.53 -36.73 1.10
N LEU B 253 -0.37 -36.01 2.20
CA LEU B 253 -1.40 -35.09 2.67
C LEU B 253 -2.06 -34.27 1.59
N ALA B 254 -1.28 -33.84 0.59
CA ALA B 254 -1.78 -33.04 -0.51
C ALA B 254 -2.46 -33.93 -1.52
N VAL B 255 -1.76 -34.93 -2.05
CA VAL B 255 -2.36 -35.86 -3.01
C VAL B 255 -3.82 -36.24 -2.65
N ASN B 256 -4.09 -36.50 -1.38
CA ASN B 256 -5.39 -37.00 -0.95
C ASN B 256 -6.40 -35.95 -0.61
N MET B 257 -6.00 -34.72 -0.88
CA MET B 257 -6.77 -33.55 -0.54
C MET B 257 -7.12 -32.78 -1.81
N VAL B 258 -6.28 -32.91 -2.84
CA VAL B 258 -6.52 -32.17 -4.08
C VAL B 258 -6.83 -33.00 -5.31
N PRO B 259 -8.07 -32.91 -5.75
CA PRO B 259 -8.55 -33.60 -6.93
C PRO B 259 -7.98 -32.99 -8.21
N PHE B 260 -8.10 -31.67 -8.32
CA PHE B 260 -7.80 -30.94 -9.53
C PHE B 260 -6.83 -29.80 -9.30
N PRO B 261 -5.82 -29.71 -10.15
CA PRO B 261 -4.51 -29.19 -9.73
C PRO B 261 -4.55 -27.71 -9.39
N ARG B 262 -5.46 -27.00 -10.04
CA ARG B 262 -5.76 -25.64 -9.62
C ARG B 262 -6.46 -25.80 -8.28
N LEU B 263 -7.46 -24.98 -7.97
CA LEU B 263 -8.35 -25.22 -6.82
C LEU B 263 -7.82 -26.06 -5.60
N HIS B 264 -6.86 -25.51 -4.86
CA HIS B 264 -6.41 -26.15 -3.64
C HIS B 264 -6.81 -25.26 -2.48
N PHE B 265 -8.07 -24.89 -2.43
CA PHE B 265 -8.40 -23.79 -1.55
C PHE B 265 -9.23 -24.18 -0.35
N PHE B 266 -8.54 -24.82 0.58
CA PHE B 266 -9.14 -25.26 1.82
C PHE B 266 -9.55 -24.07 2.65
N MET B 267 -10.86 -23.85 2.82
CA MET B 267 -11.33 -22.97 3.89
C MET B 267 -11.29 -23.80 5.18
N PRO B 268 -10.63 -23.31 6.23
CA PRO B 268 -10.52 -24.05 7.48
C PRO B 268 -11.58 -23.68 8.52
N GLY B 269 -11.45 -24.23 9.72
CA GLY B 269 -12.43 -24.07 10.77
C GLY B 269 -11.91 -24.68 12.06
N PHE B 270 -12.50 -24.26 13.18
CA PHE B 270 -12.03 -24.69 14.50
C PHE B 270 -13.14 -25.15 15.43
N ALA B 271 -12.73 -25.77 16.55
CA ALA B 271 -13.65 -26.32 17.55
C ALA B 271 -14.13 -25.31 18.61
N PRO B 272 -13.39 -25.12 19.69
CA PRO B 272 -13.70 -24.07 20.66
C PRO B 272 -12.97 -22.73 20.41
N LEU B 273 -13.28 -21.72 21.21
CA LEU B 273 -12.79 -20.39 20.88
C LEU B 273 -12.34 -19.49 22.07
N THR B 274 -11.16 -18.85 21.85
CA THR B 274 -10.57 -17.69 22.63
C THR B 274 -9.68 -18.05 23.88
N SER B 275 -9.34 -17.05 24.72
CA SER B 275 -8.72 -17.26 26.06
C SER B 275 -9.71 -16.99 27.22
N LEU B 284 -17.36 -29.26 25.90
CA LEU B 284 -16.79 -29.90 24.72
C LEU B 284 -16.96 -31.39 24.87
N THR B 285 -17.85 -31.95 24.05
CA THR B 285 -18.42 -33.26 24.30
C THR B 285 -18.09 -34.32 23.24
N VAL B 286 -17.89 -33.86 22.00
CA VAL B 286 -17.59 -34.65 20.79
C VAL B 286 -18.75 -34.45 19.81
N PRO B 287 -19.97 -34.87 20.13
CA PRO B 287 -21.09 -34.42 19.30
C PRO B 287 -21.04 -32.89 19.19
N GLU B 288 -21.19 -32.18 20.30
CA GLU B 288 -21.28 -30.72 20.31
C GLU B 288 -20.02 -30.09 19.74
N LEU B 289 -18.94 -30.87 19.74
CA LEU B 289 -17.69 -30.45 19.13
C LEU B 289 -17.77 -30.58 17.62
N THR B 290 -18.36 -31.68 17.15
CA THR B 290 -18.36 -32.00 15.73
C THR B 290 -19.36 -31.15 14.96
N GLN B 291 -20.57 -31.00 15.49
CA GLN B 291 -21.51 -30.09 14.86
C GLN B 291 -21.17 -28.65 15.19
N GLN B 292 -19.88 -28.40 15.38
CA GLN B 292 -19.33 -27.05 15.56
C GLN B 292 -18.20 -26.74 14.55
N MET B 293 -17.43 -27.76 14.17
CA MET B 293 -16.42 -27.62 13.12
C MET B 293 -17.06 -27.87 11.73
N PHE B 294 -18.35 -28.14 11.76
CA PHE B 294 -19.16 -28.24 10.57
C PHE B 294 -20.31 -27.23 10.58
N ASP B 295 -20.12 -26.18 11.37
CA ASP B 295 -20.92 -24.97 11.23
C ASP B 295 -20.09 -23.92 10.51
N SER B 296 -20.76 -23.05 9.77
CA SER B 296 -20.13 -21.97 9.02
C SER B 296 -19.74 -20.78 9.92
N LYS B 297 -20.62 -20.45 10.86
CA LYS B 297 -20.40 -19.52 11.96
C LYS B 297 -19.14 -19.89 12.76
N ASN B 298 -18.29 -20.69 12.11
CA ASN B 298 -17.06 -21.29 12.66
C ASN B 298 -16.00 -21.68 11.60
N MET B 299 -16.27 -21.28 10.36
CA MET B 299 -15.33 -21.43 9.26
C MET B 299 -14.35 -20.25 9.28
N MET B 300 -13.13 -20.51 8.80
CA MET B 300 -12.06 -19.50 8.75
C MET B 300 -12.16 -18.54 7.53
N ALA B 301 -12.62 -19.09 6.39
CA ALA B 301 -12.94 -18.27 5.22
C ALA B 301 -14.34 -17.73 5.42
N ALA B 302 -14.64 -16.60 4.80
CA ALA B 302 -15.99 -16.06 4.79
C ALA B 302 -16.79 -16.69 3.66
N CYS B 303 -17.33 -17.88 3.93
CA CYS B 303 -18.17 -18.60 2.99
C CYS B 303 -19.35 -19.05 3.74
N ASP B 304 -20.12 -19.94 3.13
CA ASP B 304 -21.11 -20.71 3.84
C ASP B 304 -21.16 -22.02 3.10
N PRO B 305 -20.41 -22.98 3.61
CA PRO B 305 -20.29 -24.30 2.99
C PRO B 305 -21.64 -24.99 2.75
N ARG B 306 -22.68 -24.20 2.46
CA ARG B 306 -23.98 -24.75 2.06
C ARG B 306 -24.25 -24.51 0.57
N HIS B 307 -23.91 -23.32 0.06
CA HIS B 307 -23.93 -23.11 -1.39
C HIS B 307 -22.56 -23.50 -1.92
N GLY B 308 -22.40 -24.78 -2.19
CA GLY B 308 -21.12 -25.36 -2.51
C GLY B 308 -20.94 -26.59 -1.66
N ARG B 309 -20.86 -27.72 -2.33
CA ARG B 309 -20.71 -28.97 -1.66
C ARG B 309 -19.21 -29.18 -1.49
N TYR B 310 -18.80 -29.99 -0.52
CA TYR B 310 -17.37 -30.22 -0.29
C TYR B 310 -16.77 -31.24 -1.26
N LEU B 311 -15.57 -30.94 -1.70
CA LEU B 311 -14.83 -31.86 -2.53
C LEU B 311 -14.27 -32.93 -1.63
N THR B 312 -13.34 -32.55 -0.75
CA THR B 312 -12.80 -33.44 0.29
C THR B 312 -12.66 -32.67 1.57
N VAL B 313 -12.64 -33.41 2.67
CA VAL B 313 -12.75 -32.84 3.99
C VAL B 313 -11.91 -33.66 4.97
N ALA B 314 -10.98 -33.00 5.67
CA ALA B 314 -10.15 -33.65 6.69
C ALA B 314 -10.30 -32.98 8.04
N ALA B 315 -10.33 -33.77 9.10
CA ALA B 315 -10.35 -33.18 10.42
C ALA B 315 -9.49 -33.99 11.37
N VAL B 316 -8.71 -33.30 12.20
CA VAL B 316 -7.92 -33.93 13.26
C VAL B 316 -8.51 -33.53 14.58
N PHE B 317 -8.86 -34.54 15.37
CA PHE B 317 -9.39 -34.33 16.71
C PHE B 317 -8.27 -34.41 17.74
N ARG B 318 -8.47 -33.79 18.90
CA ARG B 318 -7.45 -33.73 19.98
C ARG B 318 -7.99 -33.83 21.41
N GLY B 319 -7.50 -34.82 22.13
CA GLY B 319 -7.97 -35.07 23.48
C GLY B 319 -8.07 -36.56 23.77
N ARG B 320 -7.56 -36.97 24.93
CA ARG B 320 -7.58 -38.37 25.34
C ARG B 320 -9.03 -38.75 25.47
N MET B 321 -9.67 -38.96 24.32
CA MET B 321 -11.10 -39.29 24.28
C MET B 321 -11.41 -40.45 23.34
N SER B 322 -12.58 -41.05 23.58
CA SER B 322 -13.06 -42.21 22.83
C SER B 322 -13.43 -41.83 21.39
N MET B 323 -12.57 -42.21 20.45
CA MET B 323 -12.90 -42.07 19.03
C MET B 323 -13.85 -43.19 18.57
N LYS B 324 -14.03 -44.19 19.41
CA LYS B 324 -15.16 -45.09 19.29
C LYS B 324 -16.47 -44.26 19.19
N GLU B 325 -16.43 -43.04 19.73
CA GLU B 325 -17.51 -42.07 19.58
C GLU B 325 -17.32 -41.20 18.35
N VAL B 326 -16.05 -40.98 17.97
CA VAL B 326 -15.63 -40.07 16.90
C VAL B 326 -16.15 -40.40 15.47
N ASP B 327 -15.89 -41.59 14.93
CA ASP B 327 -16.51 -42.00 13.64
C ASP B 327 -18.01 -42.24 13.77
N GLU B 328 -18.49 -42.35 15.01
CA GLU B 328 -19.92 -42.48 15.34
C GLU B 328 -20.64 -41.15 15.21
N GLN B 329 -19.88 -40.07 15.34
CA GLN B 329 -20.39 -38.73 15.07
C GLN B 329 -19.98 -38.22 13.69
N MET B 330 -18.83 -38.70 13.19
CA MET B 330 -18.29 -38.29 11.89
C MET B 330 -19.19 -38.73 10.77
N LEU B 331 -19.53 -40.01 10.79
CA LEU B 331 -20.58 -40.53 9.94
C LEU B 331 -21.77 -39.59 10.04
N ASN B 332 -22.28 -39.42 11.26
CA ASN B 332 -23.49 -38.64 11.48
C ASN B 332 -23.61 -37.36 10.67
N VAL B 333 -22.57 -36.54 10.64
CA VAL B 333 -22.59 -35.32 9.81
C VAL B 333 -22.80 -35.66 8.32
N GLN B 334 -22.05 -36.66 7.83
CA GLN B 334 -22.15 -37.11 6.44
C GLN B 334 -23.50 -37.68 6.08
N ASN B 335 -24.37 -37.87 7.06
CA ASN B 335 -25.71 -38.37 6.79
C ASN B 335 -26.77 -37.30 7.05
N LYS B 336 -26.63 -36.55 8.16
CA LYS B 336 -27.58 -35.47 8.50
C LYS B 336 -27.28 -34.27 7.63
N ASN B 337 -26.08 -34.29 7.04
CA ASN B 337 -25.68 -33.38 6.00
C ASN B 337 -25.13 -34.15 4.81
N SER B 338 -25.98 -34.97 4.20
CA SER B 338 -25.52 -35.99 3.24
C SER B 338 -25.36 -35.50 1.82
N SER B 339 -26.26 -34.64 1.38
CA SER B 339 -26.19 -34.15 0.03
C SER B 339 -24.95 -33.30 -0.16
N TYR B 340 -24.39 -32.73 0.91
CA TYR B 340 -23.35 -31.69 0.77
C TYR B 340 -21.89 -32.12 0.81
N PHE B 341 -21.67 -33.33 0.32
CA PHE B 341 -20.37 -33.80 -0.05
C PHE B 341 -20.59 -34.32 -1.42
N VAL B 342 -19.63 -34.14 -2.29
CA VAL B 342 -19.78 -34.65 -3.63
C VAL B 342 -19.89 -36.18 -3.54
N GLU B 343 -20.53 -36.88 -4.48
CA GLU B 343 -20.51 -38.35 -4.41
C GLU B 343 -19.43 -38.90 -5.25
N TRP B 344 -19.07 -38.19 -6.31
CA TRP B 344 -18.11 -38.73 -7.25
C TRP B 344 -16.66 -38.89 -6.76
N ILE B 345 -16.33 -38.36 -5.58
CA ILE B 345 -15.21 -38.92 -4.86
C ILE B 345 -15.74 -39.73 -3.70
N PRO B 346 -15.39 -41.01 -3.67
CA PRO B 346 -15.93 -41.97 -2.71
C PRO B 346 -15.65 -41.58 -1.29
N ASN B 347 -14.64 -42.11 -0.61
CA ASN B 347 -14.57 -41.84 0.82
C ASN B 347 -13.92 -40.54 1.16
N ASN B 348 -14.60 -39.50 0.76
CA ASN B 348 -14.06 -38.18 0.76
C ASN B 348 -14.20 -37.41 2.05
N VAL B 349 -14.49 -38.06 3.19
CA VAL B 349 -14.26 -37.41 4.52
C VAL B 349 -13.65 -38.32 5.61
N LYS B 350 -12.32 -38.32 5.60
CA LYS B 350 -11.46 -39.05 6.52
C LYS B 350 -11.02 -38.12 7.66
N THR B 351 -10.88 -38.71 8.85
CA THR B 351 -10.45 -38.00 10.07
C THR B 351 -9.57 -38.85 10.92
N ALA B 352 -8.72 -38.17 11.70
CA ALA B 352 -7.88 -38.84 12.67
C ALA B 352 -7.70 -38.00 13.92
N VAL B 353 -7.14 -38.62 14.96
CA VAL B 353 -7.23 -38.16 16.34
C VAL B 353 -5.93 -38.25 17.07
N CYS B 354 -5.42 -37.14 17.56
CA CYS B 354 -4.28 -37.20 18.45
C CYS B 354 -4.68 -36.57 19.74
N ASP B 355 -4.08 -37.04 20.83
CA ASP B 355 -4.66 -36.83 22.13
C ASP B 355 -3.88 -35.88 23.01
N ILE B 356 -2.88 -35.22 22.49
CA ILE B 356 -2.21 -34.24 23.32
C ILE B 356 -2.80 -32.84 23.06
N PRO B 357 -3.55 -32.34 24.05
CA PRO B 357 -4.41 -31.15 23.89
C PRO B 357 -3.59 -29.89 23.66
N PRO B 358 -4.23 -28.74 23.37
CA PRO B 358 -3.48 -27.49 23.10
C PRO B 358 -3.13 -26.70 24.38
N ARG B 359 -2.48 -25.54 24.25
CA ARG B 359 -2.42 -24.62 25.38
C ARG B 359 -3.83 -24.58 26.02
N GLY B 360 -3.96 -25.03 27.27
CA GLY B 360 -5.27 -25.14 27.93
C GLY B 360 -6.18 -26.21 27.32
N LEU B 361 -7.49 -25.94 27.28
CA LEU B 361 -8.48 -26.75 26.53
C LEU B 361 -8.35 -28.29 26.56
N LYS B 362 -9.36 -28.97 27.12
CA LYS B 362 -9.39 -30.43 27.19
C LYS B 362 -9.60 -31.12 25.81
N MET B 363 -10.62 -30.68 25.08
CA MET B 363 -10.98 -31.24 23.79
C MET B 363 -10.94 -30.16 22.71
N SER B 364 -10.50 -30.52 21.52
CA SER B 364 -10.51 -29.58 20.41
C SER B 364 -10.41 -30.31 19.09
N ALA B 365 -10.66 -29.60 18.00
CA ALA B 365 -10.58 -30.19 16.69
C ALA B 365 -10.45 -29.13 15.66
N THR B 366 -9.92 -29.50 14.52
CA THR B 366 -9.68 -28.53 13.51
C THR B 366 -10.14 -29.12 12.19
N PHE B 367 -10.49 -28.26 11.26
CA PHE B 367 -11.16 -28.72 10.06
C PHE B 367 -10.52 -28.05 8.86
N ILE B 368 -10.00 -28.85 7.93
CA ILE B 368 -9.59 -28.36 6.63
C ILE B 368 -10.73 -28.76 5.69
N GLY B 369 -11.15 -27.88 4.78
CA GLY B 369 -12.20 -28.32 3.88
C GLY B 369 -12.06 -27.76 2.49
N ASN B 370 -11.96 -28.62 1.48
CA ASN B 370 -11.89 -28.15 0.11
C ASN B 370 -13.26 -27.95 -0.46
N SER B 371 -13.91 -26.84 -0.15
CA SER B 371 -15.31 -26.64 -0.55
C SER B 371 -15.33 -25.72 -1.77
N THR B 372 -16.24 -25.98 -2.71
CA THR B 372 -16.32 -25.17 -3.90
C THR B 372 -17.08 -23.95 -3.53
N ALA B 373 -17.63 -23.94 -2.32
CA ALA B 373 -18.27 -22.77 -1.75
C ALA B 373 -17.29 -21.63 -1.62
N ILE B 374 -16.01 -21.99 -1.66
CA ILE B 374 -14.90 -21.03 -1.62
C ILE B 374 -15.01 -20.09 -2.80
N GLN B 375 -15.63 -20.57 -3.90
CA GLN B 375 -15.93 -19.77 -5.08
C GLN B 375 -16.57 -18.47 -4.68
N GLU B 376 -17.27 -18.50 -3.54
CA GLU B 376 -18.00 -17.36 -2.98
C GLU B 376 -17.12 -16.21 -2.48
N LEU B 377 -15.92 -16.58 -2.03
CA LEU B 377 -14.90 -15.65 -1.58
C LEU B 377 -14.14 -15.10 -2.77
N PHE B 378 -13.79 -15.93 -3.73
CA PHE B 378 -13.14 -15.41 -4.92
C PHE B 378 -14.03 -14.46 -5.68
N LYS B 379 -15.28 -14.86 -5.88
CA LYS B 379 -16.24 -14.02 -6.57
C LYS B 379 -16.30 -12.65 -5.93
N ARG B 380 -16.43 -12.67 -4.60
CA ARG B 380 -16.54 -11.46 -3.76
C ARG B 380 -15.38 -10.47 -3.97
N ILE B 381 -14.14 -10.97 -4.13
CA ILE B 381 -13.00 -10.08 -4.35
C ILE B 381 -13.02 -9.65 -5.80
N SER B 382 -13.29 -10.58 -6.72
CA SER B 382 -13.26 -10.18 -8.11
C SER B 382 -14.39 -9.22 -8.39
N GLU B 383 -15.30 -9.12 -7.43
CA GLU B 383 -16.49 -8.27 -7.52
C GLU B 383 -16.23 -6.76 -7.26
N GLN B 384 -15.47 -6.45 -6.20
CA GLN B 384 -14.97 -5.11 -5.97
C GLN B 384 -13.71 -4.89 -6.79
N PHE B 385 -13.35 -5.84 -7.65
CA PHE B 385 -12.17 -5.62 -8.47
C PHE B 385 -12.55 -5.00 -9.76
N THR B 386 -13.47 -5.62 -10.50
CA THR B 386 -13.83 -5.07 -11.81
C THR B 386 -14.54 -3.77 -11.57
N ALA B 387 -15.32 -3.75 -10.51
CA ALA B 387 -15.92 -2.52 -10.06
C ALA B 387 -14.87 -1.42 -9.85
N MET B 388 -13.60 -1.77 -9.77
CA MET B 388 -12.54 -0.79 -9.59
C MET B 388 -11.77 -0.65 -10.89
N PHE B 389 -11.25 -1.77 -11.40
CA PHE B 389 -10.51 -1.77 -12.66
C PHE B 389 -11.37 -1.14 -13.72
N ARG B 390 -12.67 -1.14 -13.45
CA ARG B 390 -13.64 -0.33 -14.16
C ARG B 390 -12.92 0.78 -14.91
N ARG B 391 -13.04 2.02 -14.41
CA ARG B 391 -12.48 3.19 -15.06
C ARG B 391 -10.97 3.31 -14.79
N LYS B 392 -10.34 2.15 -14.62
CA LYS B 392 -8.91 2.07 -14.35
C LYS B 392 -8.57 2.98 -13.20
N ALA B 393 -8.90 2.53 -12.00
CA ALA B 393 -8.92 3.36 -10.81
C ALA B 393 -7.57 3.58 -10.18
N PHE B 394 -7.52 3.39 -8.88
CA PHE B 394 -6.32 3.60 -8.16
C PHE B 394 -5.20 2.86 -8.86
N LEU B 395 -5.42 2.45 -10.11
CA LEU B 395 -4.43 1.66 -10.86
C LEU B 395 -3.13 2.38 -11.11
N HIS B 396 -3.19 3.71 -11.26
CA HIS B 396 -2.00 4.47 -11.54
C HIS B 396 -0.84 4.26 -10.53
N TRP B 397 -1.09 3.72 -9.33
CA TRP B 397 0.00 3.48 -8.38
C TRP B 397 0.87 2.34 -8.86
N TYR B 398 0.36 1.54 -9.80
CA TYR B 398 1.09 0.41 -10.36
C TYR B 398 1.51 0.73 -11.78
N THR B 399 0.61 1.32 -12.55
CA THR B 399 0.96 1.92 -13.80
C THR B 399 2.43 2.25 -13.73
N GLY B 400 2.72 3.09 -12.75
CA GLY B 400 3.96 3.82 -12.69
C GLY B 400 5.05 2.99 -12.12
N GLU B 401 4.71 1.96 -11.38
CA GLU B 401 5.73 1.04 -10.85
C GLU B 401 6.31 0.12 -11.93
N GLY B 402 5.74 0.19 -13.13
CA GLY B 402 6.29 -0.52 -14.26
C GLY B 402 5.50 -1.75 -14.58
N MET B 403 4.24 -1.74 -14.23
CA MET B 403 3.42 -2.87 -14.55
C MET B 403 2.70 -2.57 -15.82
N ASP B 404 2.00 -3.56 -16.34
CA ASP B 404 1.20 -3.38 -17.53
C ASP B 404 -0.30 -3.22 -17.31
N GLU B 405 -0.85 -2.28 -18.07
CA GLU B 405 -2.28 -2.11 -18.24
C GLU B 405 -3.02 -3.45 -18.27
N MET B 406 -2.67 -4.31 -19.23
CA MET B 406 -3.42 -5.54 -19.55
C MET B 406 -3.08 -6.72 -18.62
N GLU B 407 -1.97 -6.57 -17.93
CA GLU B 407 -1.47 -7.57 -17.02
C GLU B 407 -2.42 -7.74 -15.85
N PHE B 408 -3.18 -6.67 -15.55
CA PHE B 408 -4.27 -6.74 -14.56
C PHE B 408 -5.42 -7.57 -15.12
N THR B 409 -5.99 -7.19 -16.26
CA THR B 409 -7.00 -8.04 -16.91
C THR B 409 -6.44 -9.43 -17.19
N GLU B 410 -5.12 -9.57 -17.33
CA GLU B 410 -4.50 -10.88 -17.56
C GLU B 410 -4.59 -11.82 -16.38
N ALA B 411 -4.87 -11.25 -15.21
CA ALA B 411 -5.01 -11.99 -13.95
C ALA B 411 -6.42 -11.88 -13.34
N GLU B 412 -7.20 -10.92 -13.82
CA GLU B 412 -8.59 -10.84 -13.43
C GLU B 412 -9.27 -12.01 -14.05
N SER B 413 -8.79 -12.43 -15.21
CA SER B 413 -9.44 -13.51 -15.89
C SER B 413 -9.10 -14.79 -15.21
N ASN B 414 -7.81 -15.03 -14.98
CA ASN B 414 -7.36 -16.27 -14.34
C ASN B 414 -8.27 -16.67 -13.19
N MET B 415 -8.83 -15.66 -12.56
CA MET B 415 -9.67 -15.86 -11.42
C MET B 415 -11.11 -16.19 -11.78
N ASN B 416 -11.59 -15.63 -12.89
CA ASN B 416 -12.97 -15.83 -13.35
C ASN B 416 -13.18 -17.19 -14.01
N ASP B 417 -12.08 -17.91 -14.20
CA ASP B 417 -12.16 -19.33 -14.55
C ASP B 417 -12.15 -20.11 -13.27
N LEU B 418 -11.14 -19.88 -12.43
CA LEU B 418 -11.12 -20.49 -11.11
C LEU B 418 -12.45 -20.30 -10.40
N VAL B 419 -13.18 -19.23 -10.71
CA VAL B 419 -14.54 -19.17 -10.20
C VAL B 419 -15.36 -20.21 -10.91
N SER B 420 -15.42 -20.14 -12.24
CA SER B 420 -16.33 -20.98 -13.02
C SER B 420 -15.85 -22.43 -13.32
N GLU B 421 -14.87 -22.89 -12.56
CA GLU B 421 -14.52 -24.31 -12.54
C GLU B 421 -14.95 -24.81 -11.20
N TYR B 422 -14.81 -23.95 -10.21
CA TYR B 422 -15.40 -24.21 -8.91
C TYR B 422 -16.91 -24.33 -9.14
N GLN B 423 -17.43 -23.48 -10.02
CA GLN B 423 -18.83 -23.56 -10.42
C GLN B 423 -19.09 -24.87 -11.16
N GLN B 424 -18.18 -25.21 -12.08
CA GLN B 424 -18.30 -26.41 -12.91
C GLN B 424 -18.23 -27.74 -12.12
N TYR B 425 -17.78 -27.73 -10.86
CA TYR B 425 -17.83 -28.94 -10.03
C TYR B 425 -19.02 -28.98 -9.08
N GLN B 426 -20.16 -28.64 -9.65
CA GLN B 426 -21.42 -29.01 -9.11
C GLN B 426 -22.07 -29.82 -10.23
N ASP B 427 -21.60 -31.08 -10.35
CA ASP B 427 -21.78 -31.91 -11.55
C ASP B 427 -22.90 -32.94 -11.47
N ALA B 428 -22.56 -34.22 -11.67
CA ALA B 428 -23.53 -35.33 -11.59
C ALA B 428 -22.81 -36.65 -11.29
N THR B 429 -23.58 -37.67 -10.86
CA THR B 429 -23.01 -38.98 -10.54
C THR B 429 -22.83 -39.83 -11.80
N ARG C 2 10.83 6.99 6.29
CA ARG C 2 11.83 7.19 7.37
C ARG C 2 11.98 8.67 7.78
N GLU C 3 12.64 9.50 6.97
CA GLU C 3 12.90 10.89 7.35
C GLU C 3 11.98 11.85 6.59
N CYS C 4 12.09 13.15 6.81
CA CYS C 4 11.06 14.03 6.25
C CYS C 4 11.25 15.56 6.24
N ILE C 5 11.69 16.14 5.13
CA ILE C 5 12.08 17.55 5.09
C ILE C 5 10.96 18.51 4.74
N SER C 6 10.83 19.56 5.54
CA SER C 6 9.91 20.64 5.29
C SER C 6 10.58 21.80 4.55
N ILE C 7 10.03 22.21 3.42
CA ILE C 7 10.40 23.46 2.77
C ILE C 7 9.24 24.44 2.91
N HIS C 8 9.51 25.63 3.42
CA HIS C 8 8.50 26.68 3.46
C HIS C 8 8.98 27.83 2.60
N VAL C 9 8.38 28.03 1.43
CA VAL C 9 8.71 29.21 0.66
C VAL C 9 7.61 30.22 0.81
N GLY C 10 7.99 31.48 0.95
CA GLY C 10 7.06 32.58 0.86
C GLY C 10 6.43 33.01 2.16
N GLN C 11 6.31 34.33 2.33
CA GLN C 11 5.78 34.92 3.55
C GLN C 11 4.72 34.07 4.23
N ALA C 12 3.70 33.69 3.48
CA ALA C 12 2.60 32.90 4.00
C ALA C 12 3.11 31.55 4.39
N GLY C 13 3.82 30.89 3.47
CA GLY C 13 4.47 29.62 3.76
C GLY C 13 5.22 29.68 5.07
N VAL C 14 6.18 30.61 5.16
CA VAL C 14 7.05 30.73 6.33
C VAL C 14 6.31 30.92 7.63
N GLN C 15 5.28 31.76 7.63
CA GLN C 15 4.53 32.01 8.85
C GLN C 15 3.63 30.86 9.28
N ILE C 16 3.00 30.18 8.30
CA ILE C 16 2.34 28.90 8.55
C ILE C 16 3.33 27.92 9.17
N GLY C 17 4.51 27.88 8.58
CA GLY C 17 5.58 27.05 9.10
C GLY C 17 5.86 27.41 10.52
N ASN C 18 6.28 28.65 10.73
CA ASN C 18 6.67 29.07 12.05
C ASN C 18 5.62 28.82 13.11
N ALA C 19 4.37 28.81 12.69
CA ALA C 19 3.27 28.56 13.62
C ALA C 19 2.82 27.10 13.67
N CYS C 20 3.51 26.24 12.95
CA CYS C 20 3.32 24.84 13.22
C CYS C 20 4.56 24.13 13.70
N TRP C 21 5.74 24.63 13.35
CA TRP C 21 6.93 24.06 13.99
C TRP C 21 6.85 24.40 15.44
N GLU C 22 6.22 25.53 15.75
CA GLU C 22 5.92 25.89 17.13
C GLU C 22 5.03 24.82 17.77
N LEU C 23 4.05 24.36 17.03
CA LEU C 23 3.07 23.46 17.60
C LEU C 23 3.58 22.05 17.64
N TYR C 24 4.47 21.71 16.72
CA TYR C 24 5.14 20.42 16.78
C TYR C 24 5.91 20.47 18.07
N CYS C 25 6.61 21.57 18.30
CA CYS C 25 7.52 21.72 19.43
C CYS C 25 6.83 21.55 20.77
N LEU C 26 5.60 22.05 20.87
CA LEU C 26 4.83 21.88 22.09
C LEU C 26 4.47 20.38 22.25
N GLU C 27 4.03 19.75 21.17
CA GLU C 27 3.58 18.35 21.16
C GLU C 27 4.65 17.31 21.56
N HIS C 28 5.87 17.49 21.10
CA HIS C 28 6.96 16.57 21.41
C HIS C 28 7.81 17.06 22.57
N GLY C 29 7.35 18.13 23.21
CA GLY C 29 8.02 18.73 24.34
C GLY C 29 9.46 19.11 24.10
N ILE C 30 9.66 20.14 23.28
CA ILE C 30 10.99 20.68 23.08
C ILE C 30 11.00 22.14 23.50
N GLN C 31 11.79 22.47 24.51
CA GLN C 31 11.95 23.87 24.87
C GLN C 31 12.71 24.60 23.78
N PRO C 32 12.17 25.77 23.41
CA PRO C 32 12.78 26.65 22.41
C PRO C 32 14.25 26.40 22.08
N ASP C 33 15.16 26.46 23.05
CA ASP C 33 16.58 26.28 22.74
C ASP C 33 16.93 25.00 21.96
N GLY C 34 15.99 24.07 21.86
CA GLY C 34 16.19 22.86 21.08
C GLY C 34 16.26 21.60 21.93
N GLN C 35 16.73 21.75 23.18
CA GLN C 35 16.90 20.63 24.11
C GLN C 35 15.56 20.20 24.69
N MET C 36 15.28 18.91 24.64
CA MET C 36 14.10 18.35 25.30
C MET C 36 14.55 17.33 26.36
N PRO C 37 14.01 17.42 27.57
CA PRO C 37 14.32 16.43 28.58
C PRO C 37 13.41 15.20 28.49
N SER C 38 13.40 14.55 27.34
CA SER C 38 12.98 13.14 27.31
C SER C 38 14.25 12.34 26.99
N ASP C 39 14.27 11.06 27.38
CA ASP C 39 15.42 10.17 27.15
C ASP C 39 15.54 9.73 25.68
N LYS C 40 14.64 10.25 24.84
CA LYS C 40 14.51 9.86 23.43
C LYS C 40 15.40 10.69 22.49
N THR C 41 16.72 10.61 22.71
CA THR C 41 17.70 10.89 21.66
C THR C 41 19.18 10.50 21.93
N ILE C 42 19.71 9.85 20.91
CA ILE C 42 21.07 9.99 20.46
C ILE C 42 20.83 10.21 18.93
N GLY C 43 21.91 10.21 18.16
CA GLY C 43 21.89 10.24 16.68
C GLY C 43 23.13 10.99 16.20
N ASP C 47 14.52 7.08 17.08
CA ASP C 47 13.23 6.67 16.56
C ASP C 47 12.01 7.55 17.02
N SER C 48 10.85 7.31 16.40
CA SER C 48 9.52 7.84 16.79
C SER C 48 9.16 9.26 16.30
N PHE C 49 9.86 10.26 16.80
CA PHE C 49 9.67 11.63 16.35
C PHE C 49 10.88 12.16 15.57
N ASN C 50 11.83 11.26 15.31
CA ASN C 50 13.01 11.55 14.50
C ASN C 50 12.66 11.78 13.04
N THR C 51 11.36 11.74 12.74
CA THR C 51 10.84 11.89 11.38
C THR C 51 11.05 13.29 10.88
N PHE C 52 10.95 14.22 11.82
CA PHE C 52 10.95 15.64 11.54
C PHE C 52 12.13 16.39 12.12
N PHE C 53 12.55 16.04 13.33
CA PHE C 53 13.72 16.66 13.94
C PHE C 53 14.96 15.78 13.75
N SER C 54 16.13 16.37 13.92
CA SER C 54 17.41 15.66 13.83
C SER C 54 18.26 15.91 15.07
N GLU C 55 18.77 14.83 15.65
CA GLU C 55 19.56 14.93 16.86
C GLU C 55 20.94 15.41 16.47
N THR C 56 20.99 16.68 16.10
CA THR C 56 22.25 17.34 15.81
C THR C 56 22.93 17.76 17.10
N GLY C 57 24.21 17.42 17.24
CA GLY C 57 24.99 17.76 18.41
C GLY C 57 24.53 17.02 19.66
N ALA C 58 25.18 17.29 20.78
CA ALA C 58 24.80 16.68 22.05
C ALA C 58 24.03 17.65 22.95
N GLY C 59 22.76 17.86 22.62
CA GLY C 59 21.88 18.70 23.43
C GLY C 59 20.63 19.15 22.70
N LYS C 60 20.80 19.60 21.44
CA LYS C 60 19.78 20.28 20.61
C LYS C 60 18.98 19.37 19.67
N HIS C 61 17.87 19.88 19.12
CA HIS C 61 16.97 19.06 18.34
C HIS C 61 16.46 19.74 17.08
N VAL C 62 17.36 20.13 16.17
CA VAL C 62 17.00 21.00 15.02
C VAL C 62 15.95 20.41 14.08
N PRO C 63 14.97 21.24 13.67
CA PRO C 63 13.98 20.82 12.67
C PRO C 63 14.68 20.52 11.37
N ARG C 64 14.14 19.57 10.64
CA ARG C 64 14.69 19.31 9.34
C ARG C 64 13.86 20.15 8.43
N ALA C 65 14.22 21.41 8.39
CA ALA C 65 13.46 22.38 7.63
C ALA C 65 14.40 23.32 6.93
N VAL C 66 13.94 23.91 5.85
CA VAL C 66 14.64 24.99 5.22
C VAL C 66 13.61 26.04 4.92
N PHE C 67 13.96 27.29 5.12
CA PHE C 67 13.01 28.37 5.03
C PHE C 67 13.50 29.29 3.93
N VAL C 68 12.67 29.56 2.94
CA VAL C 68 13.10 30.52 1.94
C VAL C 68 12.08 31.62 1.78
N ASP C 69 12.56 32.84 1.64
CA ASP C 69 11.71 33.94 1.25
C ASP C 69 12.57 34.85 0.40
N LEU C 70 11.97 35.74 -0.36
CA LEU C 70 12.80 36.59 -1.20
C LEU C 70 13.14 38.00 -0.67
N GLU C 71 12.35 38.52 0.28
CA GLU C 71 12.73 39.64 1.15
C GLU C 71 13.42 39.01 2.36
N PRO C 72 13.97 39.77 3.28
CA PRO C 72 14.31 39.17 4.56
C PRO C 72 13.05 39.27 5.35
N THR C 73 12.85 40.37 6.07
CA THR C 73 11.61 40.67 6.78
C THR C 73 11.00 39.54 7.59
N VAL C 74 10.40 38.56 6.89
CA VAL C 74 9.71 37.46 7.56
C VAL C 74 10.64 36.41 8.15
N ILE C 75 11.57 35.91 7.32
CA ILE C 75 12.64 35.00 7.75
C ILE C 75 13.41 35.66 8.89
N ASP C 76 13.47 36.97 8.81
CA ASP C 76 14.11 37.80 9.79
C ASP C 76 13.50 37.66 11.19
N GLU C 77 12.19 37.47 11.27
CA GLU C 77 11.56 37.49 12.57
C GLU C 77 11.53 36.10 13.20
N VAL C 78 12.21 35.18 12.52
CA VAL C 78 12.53 33.91 13.12
C VAL C 78 13.82 34.03 13.87
N ARG C 79 14.87 34.54 13.24
CA ARG C 79 16.14 34.72 13.93
C ARG C 79 16.04 35.86 14.94
N THR C 80 14.82 36.15 15.40
CA THR C 80 14.54 37.20 16.39
C THR C 80 13.90 36.64 17.66
N GLY C 81 12.67 36.14 17.53
CA GLY C 81 11.87 35.69 18.66
C GLY C 81 12.14 34.25 18.97
N THR C 82 12.29 33.94 20.26
CA THR C 82 12.84 32.66 20.69
C THR C 82 12.27 31.53 19.89
N TYR C 83 13.16 30.60 19.56
CA TYR C 83 13.12 29.67 18.44
C TYR C 83 14.30 30.12 17.62
N ARG C 84 14.61 31.41 17.70
CA ARG C 84 15.87 31.94 17.20
C ARG C 84 16.92 30.88 17.55
N GLN C 85 16.66 30.18 18.64
CA GLN C 85 17.55 29.17 19.15
C GLN C 85 17.35 27.81 18.49
N LEU C 86 16.28 27.66 17.72
CA LEU C 86 15.82 26.33 17.35
C LEU C 86 16.38 25.77 16.06
N PHE C 87 16.67 26.65 15.11
CA PHE C 87 17.13 26.25 13.79
C PHE C 87 18.63 26.41 13.66
N HIS C 88 19.16 26.12 12.49
CA HIS C 88 20.51 26.49 12.17
C HIS C 88 20.50 27.69 11.23
N PRO C 89 21.29 28.72 11.55
CA PRO C 89 21.37 29.92 10.71
C PRO C 89 21.40 29.63 9.20
N GLU C 90 21.96 28.48 8.82
CA GLU C 90 21.92 27.97 7.46
C GLU C 90 20.53 27.87 6.90
N GLN C 91 19.64 27.22 7.65
CA GLN C 91 18.35 26.76 7.12
C GLN C 91 17.37 27.86 6.79
N LEU C 92 17.78 29.11 6.98
CA LEU C 92 16.91 30.20 6.63
C LEU C 92 17.51 31.09 5.55
N ILE C 93 17.10 30.85 4.31
CA ILE C 93 17.57 31.65 3.21
C ILE C 93 16.63 32.83 2.91
N THR C 94 17.21 34.03 2.95
CA THR C 94 16.56 35.29 2.57
C THR C 94 17.24 35.81 1.32
N GLY C 95 16.63 36.76 0.62
CA GLY C 95 17.09 37.04 -0.73
C GLY C 95 17.17 38.48 -1.24
N LYS C 96 17.23 39.43 -0.31
CA LYS C 96 17.42 40.84 -0.64
C LYS C 96 16.25 41.58 -1.32
N GLU C 97 15.91 41.20 -2.55
CA GLU C 97 14.82 41.91 -3.20
C GLU C 97 13.55 41.05 -3.35
N ASP C 98 12.38 41.68 -3.14
CA ASP C 98 11.10 40.99 -3.21
C ASP C 98 10.70 40.40 -4.59
N ALA C 99 9.71 39.51 -4.60
CA ALA C 99 9.15 38.94 -5.84
C ALA C 99 8.07 39.81 -6.46
N ALA C 100 7.58 40.74 -5.65
CA ALA C 100 6.47 41.64 -5.96
C ALA C 100 5.24 40.94 -6.54
N ASN C 101 4.56 40.16 -5.70
CA ASN C 101 3.20 39.74 -5.99
C ASN C 101 3.10 39.27 -7.43
N ASN C 102 4.23 38.82 -8.00
CA ASN C 102 4.27 38.36 -9.41
C ASN C 102 5.14 37.14 -9.81
N TYR C 103 4.44 36.12 -10.31
CA TYR C 103 5.00 34.81 -10.57
C TYR C 103 6.18 34.93 -11.44
N ALA C 104 6.02 35.54 -12.59
CA ALA C 104 7.12 35.69 -13.50
C ALA C 104 8.35 36.06 -12.75
N ARG C 105 8.22 37.00 -11.82
CA ARG C 105 9.37 37.46 -11.08
C ARG C 105 9.97 36.33 -10.26
N GLY C 106 9.09 35.66 -9.53
CA GLY C 106 9.51 34.52 -8.73
C GLY C 106 10.17 33.33 -9.45
N HIS C 107 9.63 32.93 -10.59
CA HIS C 107 10.12 31.78 -11.32
C HIS C 107 11.38 32.14 -12.05
N TYR C 108 11.32 33.18 -12.88
CA TYR C 108 12.37 33.44 -13.88
C TYR C 108 13.42 34.47 -13.52
N THR C 109 13.02 35.61 -12.97
CA THR C 109 13.92 36.75 -12.86
C THR C 109 14.68 36.79 -11.57
N ILE C 110 13.95 36.79 -10.47
CA ILE C 110 14.56 36.75 -9.17
C ILE C 110 14.87 35.29 -8.70
N GLY C 111 14.13 34.31 -9.23
CA GLY C 111 14.30 32.92 -8.83
C GLY C 111 15.63 32.39 -9.26
N LYS C 112 15.80 32.29 -10.56
CA LYS C 112 17.08 32.05 -11.18
C LYS C 112 18.25 32.02 -10.21
N GLU C 113 18.36 33.09 -9.42
CA GLU C 113 19.55 33.47 -8.65
C GLU C 113 19.74 32.70 -7.37
N ILE C 114 18.66 32.51 -6.63
CA ILE C 114 18.74 31.93 -5.30
C ILE C 114 18.46 30.43 -5.30
N ILE C 115 17.82 29.96 -6.36
CA ILE C 115 17.42 28.57 -6.44
C ILE C 115 18.55 27.61 -6.25
N ASP C 116 19.67 27.91 -6.90
CA ASP C 116 20.86 27.07 -6.84
C ASP C 116 21.34 26.87 -5.42
N LEU C 117 21.29 27.94 -4.63
CA LEU C 117 21.71 27.87 -3.25
C LEU C 117 20.72 27.06 -2.42
N VAL C 118 19.44 27.43 -2.47
CA VAL C 118 18.40 26.71 -1.73
C VAL C 118 18.51 25.23 -2.03
N LEU C 119 18.33 24.90 -3.30
CA LEU C 119 18.40 23.53 -3.77
C LEU C 119 19.52 22.75 -3.13
N ASP C 120 20.63 23.44 -2.88
CA ASP C 120 21.76 22.80 -2.29
C ASP C 120 21.69 22.75 -0.76
N ARG C 121 21.19 23.81 -0.12
CA ARG C 121 21.08 23.77 1.35
C ARG C 121 20.04 22.75 1.84
N ILE C 122 19.16 22.37 0.93
CA ILE C 122 18.22 21.28 1.11
C ILE C 122 19.00 19.99 1.12
N ARG C 123 19.86 19.83 0.10
CA ARG C 123 20.73 18.66 -0.10
C ARG C 123 21.62 18.32 1.10
N LYS C 124 21.92 19.33 1.90
CA LYS C 124 22.61 19.15 3.17
C LYS C 124 21.77 18.36 4.16
N LEU C 125 20.48 18.68 4.21
CA LEU C 125 19.53 18.09 5.17
C LEU C 125 19.06 16.71 4.78
N ALA C 126 19.02 16.45 3.48
CA ALA C 126 18.73 15.12 2.93
C ALA C 126 19.91 14.16 3.13
N ASP C 127 21.09 14.73 3.31
CA ASP C 127 22.28 13.92 3.51
C ASP C 127 22.49 13.43 4.91
N GLN C 128 21.98 14.15 5.91
CA GLN C 128 22.01 13.66 7.29
C GLN C 128 20.77 12.82 7.55
N CYS C 129 20.33 12.08 6.52
CA CYS C 129 19.14 11.21 6.59
C CYS C 129 19.30 9.87 5.84
N THR C 130 19.11 8.73 6.52
CA THR C 130 19.33 7.44 5.87
C THR C 130 18.03 6.80 5.45
N GLY C 131 17.69 7.05 4.19
CA GLY C 131 16.38 6.76 3.65
C GLY C 131 15.39 7.90 3.80
N LEU C 132 15.61 9.00 3.11
CA LEU C 132 14.68 10.10 3.18
C LEU C 132 13.40 9.71 2.45
N GLN C 133 12.27 10.15 2.99
CA GLN C 133 10.96 9.87 2.41
C GLN C 133 10.58 10.89 1.37
N GLY C 134 10.08 12.04 1.81
CA GLY C 134 9.64 13.07 0.88
C GLY C 134 9.79 14.48 1.40
N PHE C 135 9.18 15.43 0.69
CA PHE C 135 9.15 16.78 1.17
C PHE C 135 7.78 17.32 1.46
N LEU C 136 7.74 18.19 2.44
CA LEU C 136 6.59 19.01 2.65
C LEU C 136 6.91 20.42 2.18
N VAL C 137 6.19 20.88 1.18
CA VAL C 137 6.37 22.21 0.67
C VAL C 137 5.20 23.05 1.17
N PHE C 138 5.45 23.97 2.08
CA PHE C 138 4.41 24.92 2.44
C PHE C 138 4.57 26.23 1.64
N HIS C 139 3.51 26.71 0.99
CA HIS C 139 3.57 27.91 0.14
C HIS C 139 2.23 28.52 -0.20
N SER C 140 2.26 29.81 -0.54
CA SER C 140 1.07 30.58 -0.87
C SER C 140 0.67 30.40 -2.32
N PHE C 141 -0.63 30.19 -2.55
CA PHE C 141 -1.12 29.98 -3.90
C PHE C 141 -0.82 31.21 -4.68
N GLY C 142 -1.70 32.20 -4.51
CA GLY C 142 -1.50 33.52 -5.07
C GLY C 142 -0.36 34.17 -4.34
N GLY C 143 0.24 35.16 -4.98
CA GLY C 143 1.37 35.81 -4.36
C GLY C 143 2.66 35.24 -4.88
N GLY C 144 3.71 36.06 -4.75
CA GLY C 144 4.86 36.07 -5.66
C GLY C 144 5.91 34.99 -5.62
N THR C 145 6.74 35.04 -4.59
CA THR C 145 7.72 33.98 -4.42
C THR C 145 6.93 32.68 -4.15
N GLY C 146 5.82 32.81 -3.41
CA GLY C 146 4.94 31.71 -3.05
C GLY C 146 4.50 30.81 -4.19
N SER C 147 4.10 31.40 -5.30
CA SER C 147 3.71 30.64 -6.47
C SER C 147 4.91 30.35 -7.37
N GLY C 148 5.80 31.33 -7.51
CA GLY C 148 6.80 31.30 -8.54
C GLY C 148 8.09 30.59 -8.20
N PHE C 149 8.51 30.65 -6.95
CA PHE C 149 9.71 29.96 -6.56
C PHE C 149 9.31 28.55 -6.33
N THR C 150 8.24 28.34 -5.55
CA THR C 150 7.65 27.02 -5.31
C THR C 150 7.50 26.23 -6.58
N SER C 151 6.97 26.86 -7.60
CA SER C 151 6.95 26.25 -8.91
C SER C 151 8.35 25.85 -9.40
N LEU C 152 9.31 26.74 -9.35
CA LEU C 152 10.62 26.41 -9.79
C LEU C 152 11.23 25.35 -8.92
N LEU C 153 11.05 25.45 -7.61
CA LEU C 153 11.63 24.46 -6.70
C LEU C 153 11.19 23.13 -7.17
N MET C 154 9.90 22.89 -7.14
CA MET C 154 9.36 21.60 -7.46
C MET C 154 9.90 21.06 -8.77
N GLU C 155 9.95 21.89 -9.82
CA GLU C 155 10.43 21.42 -11.12
C GLU C 155 11.74 20.81 -10.78
N ARG C 156 12.54 21.54 -10.01
CA ARG C 156 13.91 21.13 -9.75
C ARG C 156 14.07 19.95 -8.79
N LEU C 157 13.40 20.06 -7.64
CA LEU C 157 13.40 18.97 -6.68
C LEU C 157 12.97 17.75 -7.41
N SER C 158 12.01 17.89 -8.34
CA SER C 158 11.54 16.77 -9.15
C SER C 158 12.67 16.08 -9.90
N VAL C 159 13.67 16.87 -10.33
CA VAL C 159 14.82 16.32 -11.02
C VAL C 159 15.88 15.74 -10.09
N ASP C 160 16.28 16.51 -9.08
CA ASP C 160 17.32 16.10 -8.11
C ASP C 160 16.89 14.90 -7.22
N TYR C 161 15.57 14.70 -7.05
CA TYR C 161 14.95 13.68 -6.17
C TYR C 161 13.90 12.79 -6.86
N GLY C 162 14.30 11.54 -7.05
CA GLY C 162 13.56 10.56 -7.83
C GLY C 162 12.11 10.27 -7.44
N LYS C 163 11.92 9.09 -6.80
CA LYS C 163 10.64 8.67 -6.22
C LYS C 163 10.21 9.81 -5.31
N LYS C 164 11.00 9.97 -4.24
CA LYS C 164 10.86 11.01 -3.21
C LYS C 164 9.66 11.93 -3.50
N SER C 165 8.54 11.60 -2.85
CA SER C 165 7.29 12.25 -3.12
C SER C 165 7.29 13.68 -2.56
N LYS C 166 6.30 14.44 -2.99
CA LYS C 166 6.23 15.83 -2.61
C LYS C 166 4.82 16.12 -2.22
N LEU C 167 4.64 16.63 -1.01
CA LEU C 167 3.33 17.04 -0.50
C LEU C 167 3.26 18.54 -0.36
N GLU C 168 2.31 19.20 -1.00
CA GLU C 168 2.24 20.64 -0.90
C GLU C 168 1.05 21.09 -0.06
N PHE C 169 1.22 22.15 0.72
CA PHE C 169 0.13 22.79 1.43
C PHE C 169 -0.01 24.16 0.84
N SER C 170 -1.01 24.34 -0.02
CA SER C 170 -1.24 25.60 -0.72
C SER C 170 -2.15 26.54 0.08
N ILE C 171 -1.87 27.83 0.10
CA ILE C 171 -2.85 28.74 0.71
C ILE C 171 -3.66 29.49 -0.33
N TYR C 172 -4.79 28.86 -0.69
CA TYR C 172 -5.72 29.35 -1.69
C TYR C 172 -6.24 30.67 -1.16
N PRO C 173 -6.16 31.70 -2.00
CA PRO C 173 -6.09 33.11 -1.57
C PRO C 173 -7.45 33.78 -1.51
N ALA C 174 -7.62 34.69 -0.55
CA ALA C 174 -8.97 35.16 -0.28
C ALA C 174 -9.15 36.65 -0.18
N PRO C 175 -9.96 37.17 -1.08
CA PRO C 175 -10.15 38.59 -1.26
C PRO C 175 -10.07 39.36 0.05
N GLN C 176 -10.75 38.92 1.11
CA GLN C 176 -10.95 39.74 2.32
C GLN C 176 -9.67 39.98 3.11
N VAL C 177 -8.89 38.94 3.40
CA VAL C 177 -7.52 39.19 3.88
C VAL C 177 -6.45 38.86 2.87
N SER C 178 -6.45 39.68 1.83
CA SER C 178 -5.38 39.78 0.85
C SER C 178 -5.11 41.28 0.73
N THR C 179 -4.36 41.65 -0.29
CA THR C 179 -4.11 43.05 -0.60
C THR C 179 -3.99 43.09 -2.12
N ALA C 180 -3.64 41.92 -2.67
CA ALA C 180 -3.28 41.73 -4.07
C ALA C 180 -4.42 41.32 -5.02
N VAL C 181 -4.60 42.17 -6.01
CA VAL C 181 -5.54 41.98 -7.05
C VAL C 181 -5.08 40.89 -8.00
N VAL C 182 -3.80 40.90 -8.33
CA VAL C 182 -3.20 40.05 -9.37
C VAL C 182 -3.19 38.55 -8.99
N GLU C 183 -3.42 38.29 -7.72
CA GLU C 183 -3.59 36.95 -7.18
C GLU C 183 -3.91 35.83 -8.18
N PRO C 184 -5.16 35.74 -8.64
CA PRO C 184 -5.58 34.64 -9.49
C PRO C 184 -4.55 34.27 -10.50
N TYR C 185 -4.02 35.20 -11.28
CA TYR C 185 -3.00 34.86 -12.28
C TYR C 185 -1.95 33.91 -11.70
N ASN C 186 -1.36 34.34 -10.59
CA ASN C 186 -0.27 33.65 -9.96
C ASN C 186 -0.62 32.26 -9.56
N SER C 187 -1.83 32.02 -9.04
CA SER C 187 -2.21 30.65 -8.64
C SER C 187 -2.45 29.73 -9.83
N ILE C 188 -3.09 30.24 -10.87
CA ILE C 188 -3.40 29.45 -12.05
C ILE C 188 -2.16 29.24 -12.87
N LEU C 189 -1.21 30.13 -12.72
CA LEU C 189 0.09 29.91 -13.30
C LEU C 189 0.83 28.74 -12.68
N THR C 190 1.17 28.86 -11.38
CA THR C 190 2.00 27.88 -10.66
C THR C 190 1.32 26.52 -10.72
N THR C 191 0.11 26.50 -10.19
CA THR C 191 -0.76 25.34 -10.17
C THR C 191 -0.75 24.50 -11.45
N HIS C 192 -0.27 25.07 -12.55
CA HIS C 192 -0.14 24.36 -13.80
C HIS C 192 1.24 23.71 -13.97
N THR C 193 2.29 24.50 -13.80
CA THR C 193 3.66 23.98 -13.85
C THR C 193 3.87 22.96 -12.73
N THR C 194 3.25 23.28 -11.60
CA THR C 194 3.45 22.63 -10.32
C THR C 194 2.82 21.25 -10.22
N LEU C 195 1.66 21.06 -10.86
CA LEU C 195 0.80 19.91 -10.58
C LEU C 195 1.33 18.58 -11.12
N GLU C 196 2.18 18.61 -12.12
CA GLU C 196 2.69 17.32 -12.53
C GLU C 196 4.00 16.98 -11.82
N HIS C 197 4.41 17.86 -10.90
CA HIS C 197 5.61 17.63 -10.10
C HIS C 197 5.24 17.44 -8.62
N SER C 198 3.95 17.46 -8.33
CA SER C 198 3.45 17.26 -6.97
C SER C 198 2.71 15.90 -6.83
N ASP C 199 2.52 15.44 -5.60
CA ASP C 199 1.94 14.11 -5.35
C ASP C 199 0.56 14.15 -4.73
N CYS C 200 0.43 14.90 -3.64
CA CYS C 200 -0.84 15.18 -2.99
C CYS C 200 -0.72 16.58 -2.44
N ALA C 201 -1.77 17.37 -2.57
CA ALA C 201 -1.69 18.78 -2.22
C ALA C 201 -2.91 19.31 -1.42
N PHE C 202 -2.69 19.58 -0.14
CA PHE C 202 -3.74 20.12 0.68
C PHE C 202 -3.91 21.59 0.40
N MET C 203 -5.08 21.97 -0.09
CA MET C 203 -5.37 23.36 -0.17
C MET C 203 -5.97 23.84 1.14
N VAL C 204 -5.72 25.10 1.45
CA VAL C 204 -6.27 25.75 2.62
C VAL C 204 -6.80 27.10 2.18
N ASP C 205 -8.11 27.21 2.12
CA ASP C 205 -8.78 28.44 1.67
C ASP C 205 -8.76 29.43 2.78
N ASN C 206 -7.98 30.49 2.60
CA ASN C 206 -7.90 31.54 3.60
C ASN C 206 -9.28 31.97 4.08
N GLU C 207 -10.21 32.14 3.14
CA GLU C 207 -11.55 32.59 3.46
C GLU C 207 -12.22 31.67 4.47
N ALA C 208 -12.09 30.37 4.28
CA ALA C 208 -12.77 29.40 5.14
C ALA C 208 -12.18 29.42 6.54
N ILE C 209 -10.87 29.68 6.63
CA ILE C 209 -10.20 29.76 7.92
C ILE C 209 -10.64 31.02 8.60
N TYR C 210 -10.55 32.13 7.87
CA TYR C 210 -11.09 33.41 8.34
C TYR C 210 -12.51 33.19 8.83
N ASP C 211 -13.19 32.25 8.18
CA ASP C 211 -14.59 31.98 8.45
C ASP C 211 -14.74 31.31 9.78
N ILE C 212 -13.99 30.25 9.97
CA ILE C 212 -14.06 29.51 11.22
C ILE C 212 -13.86 30.44 12.41
N CYS C 213 -12.87 31.33 12.33
CA CYS C 213 -12.53 32.22 13.45
C CYS C 213 -13.61 33.25 13.78
N ARG C 214 -14.30 33.73 12.75
CA ARG C 214 -15.34 34.72 12.95
C ARG C 214 -16.57 34.08 13.57
N ARG C 215 -16.78 32.80 13.26
CA ARG C 215 -17.93 32.06 13.77
C ARG C 215 -17.58 31.38 15.08
N ASN C 216 -16.52 30.59 15.05
CA ASN C 216 -16.25 29.63 16.09
C ASN C 216 -15.31 30.12 17.17
N LEU C 217 -14.66 31.25 16.93
CA LEU C 217 -13.70 31.79 17.88
C LEU C 217 -14.07 33.17 18.40
N ASP C 218 -15.10 33.77 17.81
CA ASP C 218 -15.60 35.06 18.27
C ASP C 218 -14.62 36.22 18.04
N ILE C 219 -13.59 35.98 17.24
CA ILE C 219 -12.62 37.00 16.88
C ILE C 219 -13.25 37.97 15.89
N GLU C 220 -13.20 39.27 16.21
CA GLU C 220 -13.81 40.30 15.36
C GLU C 220 -13.27 40.32 13.91
N ARG C 221 -12.08 40.89 13.67
CA ARG C 221 -11.42 40.79 12.36
C ARG C 221 -10.05 40.18 12.54
N PRO C 222 -10.00 38.86 12.34
CA PRO C 222 -8.87 38.03 12.76
C PRO C 222 -7.53 38.28 12.05
N THR C 223 -6.44 38.08 12.78
CA THR C 223 -5.09 38.35 12.28
C THR C 223 -4.59 37.25 11.41
N TYR C 224 -3.40 37.45 10.85
CA TYR C 224 -2.67 36.37 10.22
C TYR C 224 -2.24 35.33 11.25
N THR C 225 -1.64 35.82 12.33
CA THR C 225 -1.20 34.94 13.40
C THR C 225 -2.43 34.34 14.09
N ASN C 226 -3.59 34.90 13.80
CA ASN C 226 -4.84 34.25 14.15
C ASN C 226 -5.07 33.03 13.26
N LEU C 227 -4.98 33.23 11.97
CA LEU C 227 -5.24 32.17 11.00
C LEU C 227 -4.19 31.09 11.05
N ASN C 228 -2.96 31.47 11.40
CA ASN C 228 -1.86 30.54 11.33
C ASN C 228 -1.87 29.53 12.44
N ARG C 229 -2.31 29.96 13.62
CA ARG C 229 -2.52 29.06 14.76
C ARG C 229 -3.45 27.90 14.37
N LEU C 230 -4.54 28.25 13.69
CA LEU C 230 -5.58 27.33 13.21
C LEU C 230 -5.10 26.34 12.16
N ILE C 231 -4.33 26.84 11.20
CA ILE C 231 -3.78 26.00 10.16
C ILE C 231 -2.73 25.13 10.81
N GLY C 232 -1.92 25.76 11.68
CA GLY C 232 -0.97 25.08 12.54
C GLY C 232 -1.55 23.82 13.15
N GLN C 233 -2.72 23.95 13.73
CA GLN C 233 -3.43 22.82 14.33
C GLN C 233 -3.79 21.74 13.30
N ILE C 234 -4.27 22.17 12.12
CA ILE C 234 -4.79 21.24 11.13
C ILE C 234 -3.66 20.44 10.56
N VAL C 235 -2.58 21.12 10.16
CA VAL C 235 -1.41 20.48 9.57
C VAL C 235 -0.84 19.47 10.54
N SER C 236 -0.72 19.88 11.78
CA SER C 236 -0.21 19.01 12.84
C SER C 236 -1.10 17.81 13.11
N SER C 237 -2.35 17.86 12.67
CA SER C 237 -3.22 16.70 12.76
C SER C 237 -3.15 15.83 11.51
N ILE C 238 -2.63 16.38 10.42
CA ILE C 238 -2.40 15.62 9.20
C ILE C 238 -1.06 14.95 9.29
N THR C 239 -0.04 15.68 9.71
CA THR C 239 1.31 15.14 9.85
C THR C 239 1.45 14.28 11.06
N ALA C 240 0.48 14.40 11.97
CA ALA C 240 0.43 13.61 13.20
C ALA C 240 0.83 12.14 12.97
N SER C 241 0.17 11.50 12.00
CA SER C 241 0.44 10.11 11.65
C SER C 241 1.93 9.70 11.64
N LEU C 242 2.76 10.48 10.95
CA LEU C 242 4.17 10.14 10.78
C LEU C 242 5.13 10.62 11.88
N ARG C 243 4.61 11.27 12.93
CA ARG C 243 5.46 11.90 13.96
C ARG C 243 5.56 11.11 15.27
N PHE C 244 4.41 10.62 15.74
CA PHE C 244 4.39 9.82 16.96
C PHE C 244 4.49 8.35 16.55
N ASP C 245 4.58 8.12 15.24
CA ASP C 245 4.29 6.84 14.62
C ASP C 245 2.79 6.56 14.92
N GLY C 246 1.94 6.56 13.89
CA GLY C 246 0.49 6.35 14.05
C GLY C 246 -0.04 4.94 13.77
N ALA C 247 -0.90 4.40 14.66
CA ALA C 247 -1.54 3.08 14.48
C ALA C 247 -2.24 2.94 13.12
N LEU C 248 -2.56 4.08 12.45
CA LEU C 248 -2.68 4.17 10.96
C LEU C 248 -2.09 5.44 10.36
N ASN C 249 -1.90 5.38 9.03
CA ASN C 249 -1.46 6.45 8.10
C ASN C 249 0.10 6.68 8.08
N VAL C 250 0.81 5.61 8.49
CA VAL C 250 2.22 5.60 8.96
C VAL C 250 3.43 5.80 7.96
N ASP C 251 3.16 6.02 6.66
CA ASP C 251 4.20 6.21 5.61
C ASP C 251 3.61 7.06 4.44
N LEU C 252 4.44 7.82 3.69
CA LEU C 252 3.91 8.81 2.71
C LEU C 252 3.02 8.21 1.57
N THR C 253 3.43 7.07 1.00
CA THR C 253 2.52 6.24 0.15
C THR C 253 1.20 5.88 0.91
N GLU C 254 1.19 4.85 1.76
CA GLU C 254 -0.05 4.37 2.43
C GLU C 254 -0.73 5.41 3.34
N PHE C 255 -0.07 6.55 3.47
CA PHE C 255 -0.74 7.75 3.86
C PHE C 255 -1.71 8.18 2.70
N GLN C 256 -1.16 8.40 1.47
CA GLN C 256 -1.92 8.99 0.31
C GLN C 256 -2.42 8.09 -0.84
N THR C 257 -1.77 6.94 -1.07
CA THR C 257 -2.32 5.76 -1.76
C THR C 257 -3.78 5.61 -1.43
N ASN C 258 -4.12 6.24 -0.32
CA ASN C 258 -5.47 6.30 0.22
C ASN C 258 -6.33 7.34 -0.46
N LEU C 259 -5.74 8.50 -0.72
CA LEU C 259 -6.50 9.67 -1.09
C LEU C 259 -6.64 9.93 -2.57
N VAL C 260 -5.56 9.70 -3.31
CA VAL C 260 -5.54 10.04 -4.73
C VAL C 260 -5.68 8.81 -5.62
N PRO C 261 -6.84 8.68 -6.23
CA PRO C 261 -7.10 7.58 -7.14
C PRO C 261 -6.50 7.86 -8.50
N TYR C 262 -6.36 9.14 -8.83
CA TYR C 262 -5.91 9.49 -10.15
C TYR C 262 -4.79 10.51 -10.11
N PRO C 263 -3.80 10.36 -10.98
CA PRO C 263 -2.58 11.17 -10.98
C PRO C 263 -2.83 12.64 -10.77
N ARG C 264 -3.80 13.17 -11.50
CA ARG C 264 -4.09 14.59 -11.44
C ARG C 264 -4.79 14.97 -10.12
N ILE C 265 -6.02 14.51 -9.94
CA ILE C 265 -6.78 14.71 -8.70
C ILE C 265 -5.99 14.49 -7.37
N HIS C 266 -5.23 15.48 -6.89
CA HIS C 266 -4.55 15.42 -5.57
C HIS C 266 -5.43 15.92 -4.47
N PHE C 267 -6.22 16.94 -4.79
CA PHE C 267 -6.62 17.89 -3.80
C PHE C 267 -7.69 17.33 -2.91
N PRO C 268 -7.28 16.94 -1.71
CA PRO C 268 -8.21 16.47 -0.71
C PRO C 268 -8.72 17.70 0.00
N LEU C 269 -9.86 17.53 0.66
CA LEU C 269 -10.51 18.56 1.42
C LEU C 269 -10.32 18.13 2.88
N ALA C 270 -9.73 18.98 3.72
CA ALA C 270 -9.58 18.67 5.15
C ALA C 270 -10.73 19.28 5.98
N THR C 271 -10.97 18.77 7.18
CA THR C 271 -12.03 19.34 8.02
C THR C 271 -11.60 19.12 9.45
N TYR C 272 -11.37 20.17 10.22
CA TYR C 272 -10.93 19.94 11.60
C TYR C 272 -12.11 19.95 12.54
N ALA C 273 -12.00 19.13 13.58
CA ALA C 273 -13.17 18.74 14.36
C ALA C 273 -13.69 19.73 15.40
N PRO C 274 -13.15 19.73 16.63
CA PRO C 274 -13.67 20.61 17.67
C PRO C 274 -12.79 21.87 17.82
N VAL C 275 -13.11 22.89 17.02
CA VAL C 275 -12.54 24.22 17.23
C VAL C 275 -13.46 24.86 18.23
N ILE C 276 -12.95 25.04 19.45
CA ILE C 276 -13.69 25.75 20.45
C ILE C 276 -12.78 26.57 21.36
N SER C 277 -13.24 27.79 21.65
CA SER C 277 -12.44 28.87 22.22
C SER C 277 -12.35 28.88 23.75
N ALA C 278 -11.13 28.91 24.27
CA ALA C 278 -10.87 29.06 25.70
C ALA C 278 -11.49 30.38 26.19
N GLU C 279 -11.71 30.51 27.50
CA GLU C 279 -12.33 31.70 28.09
C GLU C 279 -13.60 32.11 27.35
N GLN C 285 -16.91 18.73 27.57
CA GLN C 285 -16.42 18.73 26.18
C GLN C 285 -17.14 17.70 25.32
N LEU C 286 -16.83 17.71 24.03
CA LEU C 286 -17.65 17.05 23.02
C LEU C 286 -17.53 15.53 22.95
N SER C 287 -18.60 14.90 22.46
CA SER C 287 -18.73 13.44 22.36
C SER C 287 -18.14 12.87 21.08
N VAL C 288 -17.51 11.70 21.21
CA VAL C 288 -16.92 11.01 20.07
C VAL C 288 -17.84 11.05 18.87
N ALA C 289 -19.13 10.89 19.13
CA ALA C 289 -20.15 11.00 18.10
C ALA C 289 -20.15 12.39 17.46
N GLU C 290 -20.44 13.40 18.26
CA GLU C 290 -20.69 14.76 17.77
C GLU C 290 -19.60 15.33 16.87
N ILE C 291 -18.33 15.09 17.22
CA ILE C 291 -17.22 15.64 16.47
C ILE C 291 -17.10 15.01 15.10
N THR C 292 -17.38 13.72 15.02
CA THR C 292 -17.45 13.03 13.73
C THR C 292 -18.55 13.64 12.89
N ASN C 293 -19.67 13.97 13.53
CA ASN C 293 -20.79 14.57 12.83
C ASN C 293 -20.59 16.06 12.54
N ALA C 294 -19.38 16.53 12.78
CA ALA C 294 -19.01 17.90 12.44
C ALA C 294 -18.20 17.92 11.15
N CYS C 295 -17.30 16.95 11.01
CA CYS C 295 -16.45 16.80 9.82
C CYS C 295 -17.21 16.93 8.52
N PHE C 296 -18.49 16.62 8.59
CA PHE C 296 -19.39 16.74 7.46
C PHE C 296 -20.32 17.93 7.67
N GLU C 297 -19.72 19.09 7.86
CA GLU C 297 -20.44 20.34 8.01
C GLU C 297 -19.68 21.39 7.23
N PRO C 298 -20.24 21.80 6.10
CA PRO C 298 -19.64 22.83 5.25
C PRO C 298 -19.00 24.03 6.00
N ALA C 299 -19.56 24.41 7.14
CA ALA C 299 -19.00 25.47 7.97
C ALA C 299 -17.56 25.15 8.41
N ASN C 300 -17.39 23.98 9.01
CA ASN C 300 -16.12 23.54 9.60
C ASN C 300 -15.10 23.10 8.57
N GLN C 301 -15.48 23.24 7.30
CA GLN C 301 -14.64 22.82 6.18
C GLN C 301 -13.31 23.53 6.13
N MET C 302 -12.56 23.29 5.07
CA MET C 302 -11.23 23.80 5.00
C MET C 302 -11.00 24.52 3.71
N VAL C 303 -11.90 24.26 2.76
CA VAL C 303 -11.97 24.95 1.47
C VAL C 303 -13.45 25.33 1.27
N LYS C 304 -13.71 26.60 1.01
CA LYS C 304 -15.08 27.08 0.83
C LYS C 304 -15.69 26.40 -0.39
N CYS C 305 -16.60 25.47 -0.15
CA CYS C 305 -17.34 24.78 -1.20
C CYS C 305 -18.62 24.15 -0.65
N ASP C 306 -19.07 23.04 -1.22
CA ASP C 306 -20.27 22.30 -0.77
C ASP C 306 -20.22 20.86 -1.27
N PRO C 307 -19.83 19.96 -0.40
CA PRO C 307 -19.59 18.57 -0.81
C PRO C 307 -20.82 17.69 -0.70
N ARG C 308 -21.95 18.30 -0.30
CA ARG C 308 -23.23 17.59 -0.20
C ARG C 308 -23.78 17.25 -1.58
N HIS C 309 -23.23 17.95 -2.59
CA HIS C 309 -23.66 17.83 -3.98
C HIS C 309 -22.57 17.27 -4.93
N GLY C 310 -21.30 17.47 -4.59
CA GLY C 310 -20.24 16.73 -5.25
C GLY C 310 -20.18 15.32 -4.67
N LYS C 311 -19.62 14.35 -5.41
CA LYS C 311 -19.49 12.97 -4.89
C LYS C 311 -18.15 12.82 -4.17
N TYR C 312 -18.17 12.06 -3.08
CA TYR C 312 -16.96 11.64 -2.39
C TYR C 312 -16.33 10.53 -3.20
N MET C 313 -14.99 10.48 -3.24
CA MET C 313 -14.32 9.38 -3.95
C MET C 313 -13.20 8.70 -3.20
N ALA C 314 -12.91 9.21 -2.01
CA ALA C 314 -12.04 8.54 -1.04
C ALA C 314 -12.19 9.29 0.27
N CYS C 315 -12.42 8.53 1.34
CA CYS C 315 -12.61 9.11 2.65
C CYS C 315 -11.70 8.58 3.75
N CYS C 316 -11.00 9.49 4.41
CA CYS C 316 -10.21 9.20 5.58
C CYS C 316 -10.74 9.96 6.81
N LEU C 317 -10.63 9.32 7.98
CA LEU C 317 -10.98 9.95 9.26
C LEU C 317 -9.78 9.88 10.18
N LEU C 318 -9.14 11.02 10.39
CA LEU C 318 -8.00 11.07 11.29
C LEU C 318 -8.33 11.54 12.71
N TYR C 319 -8.54 10.56 13.61
CA TYR C 319 -8.81 10.77 15.04
C TYR C 319 -7.54 10.98 15.87
N ARG C 320 -7.66 11.88 16.84
CA ARG C 320 -6.59 12.21 17.77
C ARG C 320 -7.14 12.40 19.19
N GLY C 321 -6.59 11.68 20.16
CA GLY C 321 -6.96 11.87 21.56
C GLY C 321 -7.45 10.60 22.23
N ASP C 322 -8.36 10.78 23.16
CA ASP C 322 -8.91 9.66 23.92
C ASP C 322 -10.10 9.05 23.18
N VAL C 323 -9.88 7.93 22.51
CA VAL C 323 -10.93 7.26 21.74
C VAL C 323 -10.74 5.76 21.67
N VAL C 324 -11.81 5.01 21.95
CA VAL C 324 -11.89 3.59 21.63
C VAL C 324 -12.67 3.47 20.31
N PRO C 325 -12.14 2.70 19.36
CA PRO C 325 -12.84 2.46 18.08
C PRO C 325 -14.28 1.99 18.29
N LYS C 326 -14.54 1.27 19.39
CA LYS C 326 -15.87 0.79 19.75
C LYS C 326 -16.90 1.88 19.53
N ASP C 327 -16.47 3.12 19.75
CA ASP C 327 -17.29 4.31 19.60
C ASP C 327 -17.34 4.78 18.14
N VAL C 328 -16.16 4.97 17.56
CA VAL C 328 -16.03 5.50 16.21
C VAL C 328 -17.03 4.86 15.26
N ASN C 329 -17.18 3.56 15.39
CA ASN C 329 -18.04 2.79 14.50
C ASN C 329 -19.47 3.25 14.47
N ALA C 330 -20.17 3.04 15.58
CA ALA C 330 -21.59 3.35 15.66
C ALA C 330 -21.89 4.81 15.35
N ALA C 331 -20.94 5.70 15.64
CA ALA C 331 -21.04 7.10 15.23
C ALA C 331 -21.05 7.24 13.71
N ILE C 332 -20.15 6.53 13.02
CA ILE C 332 -20.11 6.49 11.56
C ILE C 332 -21.43 5.92 11.04
N ALA C 333 -21.86 4.83 11.65
CA ALA C 333 -23.08 4.14 11.27
C ALA C 333 -24.22 5.10 10.98
N THR C 334 -24.41 6.06 11.88
CA THR C 334 -25.48 7.07 11.76
C THR C 334 -25.02 8.40 11.14
N ILE C 335 -23.81 8.44 10.58
CA ILE C 335 -23.46 9.45 9.58
C ILE C 335 -24.03 9.00 8.20
N LYS C 336 -24.25 7.68 8.04
CA LYS C 336 -24.81 7.07 6.82
C LYS C 336 -26.34 6.98 6.78
N THR C 337 -26.94 6.76 7.95
CA THR C 337 -28.40 6.66 8.09
C THR C 337 -29.08 8.00 8.44
N LYS C 338 -28.30 9.07 8.56
CA LYS C 338 -28.91 10.39 8.74
C LYS C 338 -28.52 11.30 7.59
N ARG C 339 -27.23 11.54 7.43
CA ARG C 339 -26.72 12.52 6.47
C ARG C 339 -26.57 11.97 5.04
N THR C 340 -25.83 12.73 4.22
CA THR C 340 -25.61 12.44 2.80
C THR C 340 -24.36 11.62 2.54
N ILE C 341 -24.61 10.32 2.47
CA ILE C 341 -23.70 9.28 2.00
C ILE C 341 -22.70 9.80 0.95
N GLN C 342 -23.17 9.96 -0.29
CA GLN C 342 -22.52 10.74 -1.37
C GLN C 342 -21.28 10.11 -2.01
N PHE C 343 -21.36 8.81 -2.30
CA PHE C 343 -20.20 8.12 -2.88
C PHE C 343 -20.16 7.97 -4.38
N VAL C 344 -18.94 7.81 -4.89
CA VAL C 344 -18.76 7.69 -6.32
C VAL C 344 -19.29 6.33 -6.80
N ASP C 345 -19.32 6.16 -8.12
CA ASP C 345 -19.72 4.91 -8.77
C ASP C 345 -18.88 3.67 -8.41
N TRP C 346 -17.58 3.86 -8.16
CA TRP C 346 -16.66 2.74 -8.28
C TRP C 346 -15.60 2.53 -7.19
N CYS C 347 -15.69 3.20 -6.05
CA CYS C 347 -14.74 2.95 -4.96
C CYS C 347 -15.46 2.63 -3.63
N PRO C 348 -15.16 1.47 -3.01
CA PRO C 348 -15.92 0.91 -1.87
C PRO C 348 -17.04 1.77 -1.21
N THR C 349 -16.95 2.08 0.08
CA THR C 349 -17.58 3.27 0.73
C THR C 349 -16.66 3.75 1.86
N GLY C 350 -15.38 3.88 1.51
CA GLY C 350 -14.28 4.43 2.29
C GLY C 350 -14.17 4.23 3.78
N PHE C 351 -13.62 5.25 4.44
CA PHE C 351 -13.39 5.31 5.89
C PHE C 351 -12.23 4.45 6.38
N LYS C 352 -11.02 4.75 5.86
CA LYS C 352 -9.78 4.39 6.54
C LYS C 352 -9.85 5.27 7.81
N VAL C 353 -9.60 4.65 8.96
CA VAL C 353 -9.78 5.33 10.23
C VAL C 353 -8.53 5.26 11.08
N GLY C 354 -8.00 6.44 11.41
CA GLY C 354 -6.71 6.56 12.04
C GLY C 354 -6.79 7.05 13.46
N ILE C 355 -6.49 6.15 14.40
CA ILE C 355 -6.54 6.45 15.83
C ILE C 355 -5.15 6.82 16.32
N ASN C 356 -5.02 8.03 16.88
CA ASN C 356 -3.80 8.47 17.56
C ASN C 356 -4.04 8.92 19.01
N TYR C 357 -3.58 8.12 19.98
CA TYR C 357 -3.89 8.29 21.42
C TYR C 357 -3.37 9.57 22.04
N GLN C 358 -2.44 10.21 21.34
CA GLN C 358 -1.82 11.44 21.81
C GLN C 358 -2.81 12.62 21.88
N PRO C 359 -3.14 13.10 23.10
CA PRO C 359 -4.13 14.17 23.28
C PRO C 359 -3.64 15.47 22.67
N PRO C 360 -4.56 16.21 22.02
CA PRO C 360 -4.20 17.40 21.22
C PRO C 360 -3.82 18.59 22.08
N THR C 361 -2.61 19.10 21.86
CA THR C 361 -2.10 20.24 22.61
C THR C 361 -2.32 21.50 21.79
N VAL C 362 -2.76 22.53 22.48
CA VAL C 362 -3.01 23.84 21.88
C VAL C 362 -2.01 24.85 22.40
N VAL C 363 -1.73 25.84 21.56
CA VAL C 363 -0.82 26.94 21.87
C VAL C 363 -1.25 27.66 23.16
N PRO C 364 -0.31 27.95 24.07
CA PRO C 364 -0.61 28.20 25.49
C PRO C 364 -1.66 29.31 25.75
N GLY C 365 -1.27 30.57 25.50
CA GLY C 365 -2.18 31.70 25.58
C GLY C 365 -2.78 31.98 24.22
N GLY C 366 -3.13 30.91 23.51
CA GLY C 366 -3.72 30.96 22.18
C GLY C 366 -5.19 31.30 22.23
N ASP C 367 -5.96 30.78 21.28
CA ASP C 367 -7.39 31.13 21.17
C ASP C 367 -8.31 29.96 21.52
N LEU C 368 -7.82 28.77 21.24
CA LEU C 368 -8.55 27.52 21.39
C LEU C 368 -8.24 26.90 22.75
N ALA C 369 -9.01 25.87 23.13
CA ALA C 369 -8.78 25.19 24.40
C ALA C 369 -8.27 23.77 24.18
N LYS C 370 -7.67 23.21 25.24
CA LYS C 370 -7.24 21.81 25.27
C LYS C 370 -8.46 20.89 25.11
N VAL C 371 -8.43 20.04 24.09
CA VAL C 371 -9.54 19.11 23.89
C VAL C 371 -9.16 17.66 24.20
N GLN C 372 -10.18 16.88 24.50
CA GLN C 372 -10.00 15.47 24.87
C GLN C 372 -9.84 14.60 23.62
N ARG C 373 -10.62 14.94 22.60
CA ARG C 373 -10.64 14.23 21.34
C ARG C 373 -10.92 15.20 20.21
N ALA C 374 -10.27 14.97 19.07
CA ALA C 374 -10.39 15.81 17.89
C ALA C 374 -10.34 14.92 16.67
N VAL C 375 -11.06 15.32 15.62
CA VAL C 375 -11.13 14.50 14.43
C VAL C 375 -10.64 15.31 13.23
N CYS C 376 -10.34 14.63 12.13
CA CYS C 376 -9.71 15.31 11.01
C CYS C 376 -10.14 15.05 9.56
N MET C 377 -10.78 13.93 9.26
CA MET C 377 -11.42 13.74 7.96
C MET C 377 -10.71 14.30 6.73
N LEU C 378 -10.11 13.42 5.95
CA LEU C 378 -9.45 13.79 4.70
C LEU C 378 -10.15 13.12 3.57
N SER C 379 -11.01 13.89 2.92
CA SER C 379 -11.88 13.39 1.87
C SER C 379 -11.44 13.92 0.53
N ASN C 380 -11.53 13.09 -0.51
CA ASN C 380 -11.21 13.59 -1.83
C ASN C 380 -12.47 13.77 -2.61
N THR C 381 -13.17 14.87 -2.35
CA THR C 381 -14.43 15.10 -3.03
C THR C 381 -14.23 15.82 -4.33
N THR C 382 -15.25 15.72 -5.19
CA THR C 382 -15.27 16.35 -6.51
C THR C 382 -15.86 17.72 -6.42
N ALA C 383 -16.17 18.16 -5.21
CA ALA C 383 -16.75 19.48 -5.02
C ALA C 383 -15.64 20.48 -4.70
N ILE C 384 -14.45 19.97 -4.42
CA ILE C 384 -13.33 20.86 -4.21
C ILE C 384 -12.86 21.52 -5.51
N ALA C 385 -13.44 21.12 -6.63
CA ALA C 385 -13.17 21.82 -7.87
C ALA C 385 -14.09 23.02 -8.03
N GLU C 386 -14.89 23.30 -7.01
CA GLU C 386 -15.71 24.51 -6.94
C GLU C 386 -14.79 25.69 -6.85
N ALA C 387 -13.75 25.51 -6.06
CA ALA C 387 -12.75 26.54 -5.84
C ALA C 387 -11.74 26.46 -6.95
N TRP C 388 -11.89 25.48 -7.81
CA TRP C 388 -11.07 25.47 -8.99
C TRP C 388 -11.62 26.41 -10.03
N ALA C 389 -12.91 26.66 -9.98
CA ALA C 389 -13.51 27.59 -10.93
C ALA C 389 -13.62 28.98 -10.35
N ARG C 390 -13.95 29.03 -9.06
CA ARG C 390 -14.15 30.30 -8.36
C ARG C 390 -12.84 31.08 -8.43
N LEU C 391 -11.76 30.38 -8.75
CA LEU C 391 -10.53 31.02 -9.08
C LEU C 391 -10.49 31.29 -10.55
N ASP C 392 -10.48 30.22 -11.33
CA ASP C 392 -10.57 30.29 -12.78
C ASP C 392 -11.32 31.48 -13.32
N HIS C 393 -12.50 31.75 -12.77
CA HIS C 393 -13.37 32.83 -13.26
C HIS C 393 -12.76 34.22 -13.22
N LYS C 394 -12.23 34.61 -12.07
CA LYS C 394 -11.50 35.86 -11.97
C LYS C 394 -10.42 35.91 -13.05
N PHE C 395 -9.50 34.96 -13.01
CA PHE C 395 -8.45 34.87 -14.01
C PHE C 395 -9.01 35.09 -15.39
N ASP C 396 -10.11 34.41 -15.70
CA ASP C 396 -10.75 34.49 -17.00
C ASP C 396 -11.13 35.92 -17.33
N LEU C 397 -11.72 36.59 -16.34
CA LEU C 397 -12.41 37.86 -16.57
C LEU C 397 -11.43 39.01 -16.60
N MET C 398 -10.20 38.71 -16.19
CA MET C 398 -9.10 39.63 -16.23
C MET C 398 -8.34 39.49 -17.54
N TYR C 399 -7.69 38.34 -17.72
CA TYR C 399 -6.91 38.04 -18.92
C TYR C 399 -7.65 38.46 -20.19
N ALA C 400 -8.97 38.34 -20.13
CA ALA C 400 -9.86 38.72 -21.20
C ALA C 400 -9.58 40.14 -21.67
N LYS C 401 -8.92 40.91 -20.81
CA LYS C 401 -8.62 42.30 -21.12
C LYS C 401 -7.12 42.52 -21.01
N ARG C 402 -6.38 41.42 -20.98
CA ARG C 402 -4.96 41.46 -20.70
C ARG C 402 -4.70 42.16 -19.37
N ALA C 403 -5.76 42.61 -18.73
CA ALA C 403 -5.71 43.17 -17.40
C ALA C 403 -4.31 43.57 -16.91
N PHE C 404 -3.60 42.67 -16.23
CA PHE C 404 -2.33 43.03 -15.62
C PHE C 404 -1.13 42.40 -16.31
N VAL C 405 -1.44 41.68 -17.38
CA VAL C 405 -0.47 40.87 -18.08
C VAL C 405 0.87 41.54 -18.23
N HIS C 406 0.86 42.78 -18.67
CA HIS C 406 2.10 43.40 -19.10
C HIS C 406 3.20 43.33 -18.06
N TRP C 407 2.83 43.18 -16.78
CA TRP C 407 3.82 43.07 -15.71
C TRP C 407 4.66 41.78 -15.79
N TYR C 408 4.05 40.78 -16.42
CA TYR C 408 4.61 39.47 -16.54
C TYR C 408 5.44 39.44 -17.78
N VAL C 409 4.81 39.72 -18.92
CA VAL C 409 5.52 39.83 -20.20
C VAL C 409 6.73 40.73 -20.00
N GLY C 410 6.58 41.64 -19.04
CA GLY C 410 7.63 42.54 -18.62
C GLY C 410 8.81 41.78 -18.10
N GLU C 411 8.65 41.10 -16.97
CA GLU C 411 9.79 40.44 -16.36
C GLU C 411 10.41 39.42 -17.25
N GLY C 412 9.61 38.80 -18.11
CA GLY C 412 10.18 38.03 -19.19
C GLY C 412 9.27 36.99 -19.76
N MET C 413 7.99 37.03 -19.38
CA MET C 413 7.12 35.92 -19.73
C MET C 413 6.44 36.01 -21.10
N GLU C 414 5.66 34.97 -21.38
CA GLU C 414 5.03 34.74 -22.69
C GLU C 414 3.50 34.85 -22.66
N GLU C 415 2.97 35.75 -23.47
CA GLU C 415 1.53 35.90 -23.64
C GLU C 415 0.78 34.59 -23.69
N GLY C 416 1.40 33.58 -24.29
CA GLY C 416 0.80 32.27 -24.42
C GLY C 416 0.98 31.29 -23.26
N GLU C 417 1.96 31.55 -22.40
CA GLU C 417 2.17 30.72 -21.22
C GLU C 417 1.01 30.87 -20.26
N PHE C 418 0.30 32.00 -20.39
CA PHE C 418 -0.95 32.30 -19.69
C PHE C 418 -2.12 31.53 -20.25
N SER C 419 -2.26 31.61 -21.58
CA SER C 419 -3.24 30.84 -22.33
C SER C 419 -3.17 29.41 -21.85
N GLU C 420 -1.99 28.85 -22.08
CA GLU C 420 -1.63 27.47 -21.84
C GLU C 420 -1.82 26.97 -20.39
N ALA C 421 -1.88 27.89 -19.41
CA ALA C 421 -2.10 27.50 -18.02
C ALA C 421 -3.58 27.43 -17.71
N ARG C 422 -4.35 28.37 -18.26
CA ARG C 422 -5.79 28.31 -18.11
C ARG C 422 -6.27 27.05 -18.78
N GLU C 423 -5.67 26.75 -19.93
CA GLU C 423 -5.96 25.54 -20.69
C GLU C 423 -5.98 24.32 -19.80
N ASP C 424 -5.04 24.32 -18.86
CA ASP C 424 -4.87 23.20 -17.95
C ASP C 424 -5.99 23.05 -16.95
N MET C 425 -6.40 24.18 -16.35
CA MET C 425 -7.52 24.20 -15.41
C MET C 425 -8.80 23.79 -16.10
N ALA C 426 -9.02 24.35 -17.28
CA ALA C 426 -10.14 23.96 -18.10
C ALA C 426 -10.21 22.45 -18.17
N ALA C 427 -9.12 21.84 -18.63
CA ALA C 427 -9.02 20.38 -18.71
C ALA C 427 -9.19 19.66 -17.36
N LEU C 428 -8.64 20.23 -16.28
CA LEU C 428 -8.75 19.67 -14.93
C LEU C 428 -10.18 19.75 -14.45
N GLU C 429 -10.70 20.99 -14.40
CA GLU C 429 -12.12 21.28 -14.15
C GLU C 429 -13.01 20.28 -14.87
N LYS C 430 -12.45 19.70 -15.93
CA LYS C 430 -13.10 18.70 -16.75
C LYS C 430 -12.96 17.30 -16.16
N ASP C 431 -11.75 16.90 -15.82
CA ASP C 431 -11.54 15.60 -15.22
C ASP C 431 -12.38 15.46 -13.95
N TYR C 432 -12.33 16.48 -13.10
CA TYR C 432 -13.09 16.51 -11.85
C TYR C 432 -14.59 16.38 -12.06
N GLU C 433 -15.07 16.86 -13.20
CA GLU C 433 -16.47 16.73 -13.60
C GLU C 433 -16.72 15.35 -14.16
N GLU C 434 -15.67 14.79 -14.77
CA GLU C 434 -15.70 13.49 -15.46
C GLU C 434 -15.61 12.28 -14.53
N VAL C 435 -15.64 12.52 -13.23
CA VAL C 435 -15.60 11.43 -12.29
C VAL C 435 -16.99 11.19 -11.69
N GLY C 436 -17.99 11.99 -12.08
CA GLY C 436 -19.35 11.78 -11.61
C GLY C 436 -20.04 10.62 -12.30
N VAL C 437 -20.72 9.79 -11.51
CA VAL C 437 -21.57 8.66 -11.96
C VAL C 437 -21.07 7.85 -13.16
N ASP C 438 -21.95 7.05 -13.74
CA ASP C 438 -21.57 6.16 -14.84
C ASP C 438 -22.71 6.00 -15.83
N ARG D 2 12.26 49.06 0.71
CA ARG D 2 13.65 48.61 1.14
C ARG D 2 14.57 49.84 1.36
N GLU D 3 14.28 50.96 0.65
CA GLU D 3 15.04 52.23 0.69
C GLU D 3 14.70 53.09 -0.50
N ILE D 4 14.43 54.37 -0.29
CA ILE D 4 14.01 55.29 -1.38
C ILE D 4 14.73 56.64 -1.40
N VAL D 5 15.22 57.09 -2.54
CA VAL D 5 15.70 58.47 -2.60
C VAL D 5 14.70 59.43 -3.21
N HIS D 6 14.89 60.69 -2.89
CA HIS D 6 13.93 61.70 -3.21
C HIS D 6 14.59 62.80 -4.01
N ILE D 7 14.02 63.09 -5.18
CA ILE D 7 14.46 64.22 -5.97
C ILE D 7 13.36 65.28 -5.91
N GLN D 8 13.77 66.52 -5.73
CA GLN D 8 12.82 67.56 -5.44
C GLN D 8 13.22 68.86 -6.19
N ALA D 9 12.70 69.02 -7.39
CA ALA D 9 13.24 70.03 -8.28
C ALA D 9 12.24 71.09 -8.71
N GLY D 10 12.65 72.34 -8.62
CA GLY D 10 11.75 73.41 -9.01
C GLY D 10 11.04 74.14 -7.88
N GLN D 11 10.90 75.45 -8.03
CA GLN D 11 10.27 76.34 -7.03
C GLN D 11 9.00 75.72 -6.47
N CYS D 12 8.17 75.15 -7.36
CA CYS D 12 6.96 74.47 -6.93
C CYS D 12 7.33 73.10 -6.38
N GLY D 13 8.15 72.37 -7.11
CA GLY D 13 8.63 71.11 -6.58
C GLY D 13 9.24 71.26 -5.21
N ASN D 14 10.05 72.31 -5.03
CA ASN D 14 10.88 72.42 -3.84
C ASN D 14 10.10 72.82 -2.64
N GLN D 15 9.28 73.85 -2.79
CA GLN D 15 8.46 74.31 -1.69
C GLN D 15 7.41 73.27 -1.26
N ILE D 16 7.16 72.26 -2.10
CA ILE D 16 6.33 71.11 -1.69
C ILE D 16 7.21 70.22 -0.88
N GLY D 17 8.41 69.99 -1.43
CA GLY D 17 9.39 69.09 -0.88
C GLY D 17 9.76 69.53 0.50
N ALA D 18 9.90 70.84 0.67
CA ALA D 18 10.16 71.39 1.99
C ALA D 18 9.04 70.96 2.94
N LYS D 19 7.78 71.21 2.57
CA LYS D 19 6.71 70.99 3.52
C LYS D 19 6.54 69.51 3.79
N PHE D 20 6.55 68.71 2.74
CA PHE D 20 6.65 67.25 2.92
C PHE D 20 7.59 66.87 4.06
N TRP D 21 8.87 67.16 3.86
CA TRP D 21 9.96 66.70 4.70
C TRP D 21 9.77 67.04 6.14
N GLU D 22 9.36 68.27 6.42
CA GLU D 22 9.23 68.65 7.80
C GLU D 22 8.01 68.00 8.43
N VAL D 23 7.02 67.58 7.63
CA VAL D 23 5.86 66.90 8.21
C VAL D 23 6.18 65.45 8.54
N ILE D 24 6.83 64.78 7.62
CA ILE D 24 7.23 63.40 7.87
C ILE D 24 8.33 63.40 8.92
N SER D 25 9.14 64.46 8.94
CA SER D 25 10.23 64.55 9.89
C SER D 25 9.72 64.73 11.28
N ASP D 26 8.52 65.31 11.37
CA ASP D 26 7.85 65.40 12.63
C ASP D 26 7.38 64.01 13.06
N GLU D 27 6.64 63.32 12.19
CA GLU D 27 6.05 62.03 12.57
C GLU D 27 7.08 61.14 13.22
N HIS D 28 8.24 61.06 12.60
CA HIS D 28 9.37 60.29 13.12
C HIS D 28 9.98 61.02 14.30
N GLY D 29 9.88 62.34 14.31
CA GLY D 29 10.49 63.14 15.34
C GLY D 29 11.96 63.29 15.06
N ILE D 30 12.33 64.35 14.35
CA ILE D 30 13.73 64.70 14.15
C ILE D 30 13.96 66.19 14.36
N ASP D 31 14.93 66.53 15.23
CA ASP D 31 15.33 67.91 15.50
C ASP D 31 15.65 68.56 14.16
N PRO D 32 15.39 69.84 14.03
CA PRO D 32 15.82 70.58 12.85
C PRO D 32 17.22 70.15 12.39
N THR D 33 18.02 69.55 13.28
CA THR D 33 19.27 68.92 12.87
C THR D 33 19.36 67.51 13.37
N GLY D 34 19.40 67.39 14.69
CA GLY D 34 19.83 66.19 15.37
C GLY D 34 19.04 64.92 15.13
N SER D 35 18.76 64.23 16.22
CA SER D 35 18.13 62.93 16.15
C SER D 35 16.81 62.90 16.89
N TYR D 36 16.38 61.68 17.17
CA TYR D 36 15.06 61.41 17.70
C TYR D 36 14.78 62.20 18.99
N HIS D 37 13.53 62.68 19.11
CA HIS D 37 12.99 63.20 20.34
C HIS D 37 11.48 62.95 20.33
N GLY D 38 11.06 61.90 21.02
CA GLY D 38 9.66 61.50 21.07
C GLY D 38 9.41 60.23 21.87
N ASP D 39 8.28 60.19 22.59
CA ASP D 39 7.94 59.05 23.46
C ASP D 39 7.42 57.80 22.73
N SER D 40 7.06 57.97 21.45
CA SER D 40 6.81 56.84 20.54
C SER D 40 8.14 56.07 20.26
N ASP D 41 8.07 54.87 19.70
CA ASP D 41 9.27 54.07 19.49
C ASP D 41 9.32 53.40 18.14
N LEU D 42 8.14 53.18 17.56
CA LEU D 42 8.02 52.68 16.20
C LEU D 42 8.89 53.52 15.27
N GLN D 43 8.39 54.68 14.86
CA GLN D 43 9.11 55.62 14.00
C GLN D 43 10.27 54.98 13.26
N LEU D 44 11.28 54.65 14.05
CA LEU D 44 12.59 54.25 13.56
C LEU D 44 12.71 52.91 12.78
N GLU D 45 11.69 52.04 12.83
CA GLU D 45 11.68 50.81 12.00
C GLU D 45 11.98 51.11 10.55
N ARG D 46 11.19 52.05 10.04
CA ARG D 46 11.08 52.31 8.64
C ARG D 46 11.63 53.71 8.31
N ILE D 47 12.41 54.28 9.23
CA ILE D 47 13.10 55.55 9.02
C ILE D 47 14.28 55.29 8.15
N ASN D 48 14.69 54.04 8.18
CA ASN D 48 15.67 53.53 7.29
C ASN D 48 15.41 53.95 5.89
N VAL D 49 14.13 54.01 5.55
CA VAL D 49 13.73 54.10 4.17
C VAL D 49 13.88 55.47 3.61
N TYR D 50 13.55 56.50 4.38
CA TYR D 50 13.56 57.84 3.83
C TYR D 50 14.72 58.68 4.31
N TYR D 51 15.48 58.16 5.28
CA TYR D 51 16.60 58.89 5.85
C TYR D 51 17.89 58.07 5.79
N ASN D 52 18.87 58.51 5.00
CA ASN D 52 20.20 57.94 5.10
C ASN D 52 20.86 58.63 6.26
N GLU D 53 21.29 57.88 7.28
CA GLU D 53 21.84 58.45 8.53
C GLU D 53 23.36 58.66 8.53
N ALA D 54 23.80 59.81 9.06
CA ALA D 54 25.22 60.18 9.06
C ALA D 54 25.79 60.25 10.48
N THR D 55 27.08 60.59 10.60
CA THR D 55 27.86 60.47 11.86
C THR D 55 27.33 61.30 13.04
N GLY D 56 27.80 60.99 14.26
CA GLY D 56 27.20 61.52 15.48
C GLY D 56 25.86 60.85 15.77
N ASN D 57 24.87 61.62 16.21
CA ASN D 57 23.51 61.13 16.26
C ASN D 57 23.00 61.21 14.84
N LYS D 58 22.26 62.28 14.54
CA LYS D 58 22.00 62.72 13.17
C LYS D 58 21.22 61.79 12.27
N TYR D 59 20.48 62.36 11.33
CA TYR D 59 19.62 61.53 10.53
C TYR D 59 19.44 61.90 9.05
N VAL D 60 19.77 63.14 8.67
CA VAL D 60 19.74 63.62 7.25
C VAL D 60 18.93 62.87 6.17
N PRO D 61 17.86 63.49 5.68
CA PRO D 61 17.12 62.99 4.53
C PRO D 61 17.97 62.59 3.32
N ARG D 62 17.46 61.59 2.60
CA ARG D 62 18.00 61.16 1.34
C ARG D 62 17.41 62.08 0.30
N ALA D 63 17.91 63.30 0.25
CA ALA D 63 17.25 64.30 -0.57
C ALA D 63 18.20 64.99 -1.54
N ILE D 64 17.67 65.27 -2.74
CA ILE D 64 18.36 66.07 -3.72
C ILE D 64 17.44 67.20 -4.11
N LEU D 65 17.96 68.41 -4.07
CA LEU D 65 17.21 69.60 -4.40
C LEU D 65 17.83 70.24 -5.62
N VAL D 66 17.10 70.21 -6.72
CA VAL D 66 17.56 70.84 -7.92
C VAL D 66 16.74 72.07 -8.24
N ASP D 67 17.44 73.15 -8.56
CA ASP D 67 16.81 74.34 -9.12
C ASP D 67 17.76 74.98 -10.12
N LEU D 68 17.19 75.77 -11.03
CA LEU D 68 17.97 76.50 -12.02
C LEU D 68 18.19 77.98 -11.66
N GLU D 69 18.20 78.26 -10.36
CA GLU D 69 18.54 79.57 -9.80
C GLU D 69 18.55 79.55 -8.25
N PRO D 70 19.56 80.17 -7.61
CA PRO D 70 19.70 80.18 -6.14
C PRO D 70 18.41 80.47 -5.39
N GLY D 71 17.81 81.64 -5.64
CA GLY D 71 16.58 82.07 -5.04
C GLY D 71 15.90 81.12 -4.08
N THR D 72 15.26 80.08 -4.61
CA THR D 72 14.36 79.25 -3.81
C THR D 72 15.06 78.15 -3.00
N MET D 73 16.35 78.02 -3.18
CA MET D 73 17.11 77.02 -2.45
C MET D 73 17.45 77.53 -1.08
N ASP D 74 17.72 78.83 -1.03
CA ASP D 74 18.06 79.52 0.20
C ASP D 74 16.79 79.99 0.95
N SER D 75 15.64 79.54 0.44
CA SER D 75 14.36 79.75 1.11
C SER D 75 14.21 78.64 2.10
N VAL D 76 14.39 77.42 1.62
CA VAL D 76 14.37 76.28 2.46
C VAL D 76 15.45 76.43 3.50
N ARG D 77 16.72 76.51 3.08
CA ARG D 77 17.83 76.53 4.03
C ARG D 77 17.70 77.67 5.08
N SER D 78 16.89 78.67 4.76
CA SER D 78 16.69 79.82 5.63
C SER D 78 15.38 79.77 6.41
N GLY D 79 14.54 78.78 6.12
CA GLY D 79 13.19 78.74 6.68
C GLY D 79 12.93 77.81 7.86
N PRO D 80 12.25 76.69 7.62
CA PRO D 80 11.65 75.91 8.71
C PRO D 80 12.62 74.88 9.25
N PHE D 81 12.63 73.73 8.58
CA PHE D 81 13.59 72.69 8.80
C PHE D 81 14.70 72.94 7.80
N GLY D 82 15.48 73.98 8.09
CA GLY D 82 16.42 74.50 7.14
C GLY D 82 17.60 73.61 6.87
N GLN D 83 18.61 73.77 7.71
CA GLN D 83 19.85 73.06 7.53
C GLN D 83 19.67 71.59 7.90
N ILE D 84 18.58 70.97 7.49
CA ILE D 84 18.45 69.54 7.74
C ILE D 84 19.09 68.74 6.64
N PHE D 85 18.99 69.21 5.40
CA PHE D 85 19.51 68.50 4.24
C PHE D 85 21.01 68.69 4.14
N ARG D 86 21.70 67.67 3.65
CA ARG D 86 23.16 67.69 3.54
C ARG D 86 23.58 68.80 2.57
N PRO D 87 24.39 69.74 3.07
CA PRO D 87 24.84 70.92 2.31
C PRO D 87 25.08 70.75 0.79
N ASP D 88 25.86 69.76 0.36
CA ASP D 88 26.02 69.57 -1.07
C ASP D 88 25.15 68.45 -1.58
N ASN D 89 23.88 68.56 -1.26
CA ASN D 89 22.87 67.82 -1.97
C ASN D 89 22.10 68.89 -2.70
N PHE D 90 22.52 70.14 -2.54
CA PHE D 90 21.90 71.29 -3.18
C PHE D 90 22.54 71.48 -4.54
N VAL D 91 21.77 71.25 -5.60
CA VAL D 91 22.27 71.46 -6.97
C VAL D 91 21.75 72.80 -7.51
N PHE D 92 22.63 73.81 -7.43
CA PHE D 92 22.33 75.21 -7.80
C PHE D 92 22.12 75.41 -9.28
N GLY D 93 21.57 76.56 -9.63
CA GLY D 93 21.25 76.81 -11.02
C GLY D 93 22.02 77.96 -11.63
N GLN D 94 21.96 79.10 -10.94
CA GLN D 94 22.59 80.35 -11.38
C GLN D 94 21.85 81.02 -12.54
N SER D 95 21.56 80.23 -13.57
CA SER D 95 21.09 80.71 -14.86
C SER D 95 19.62 81.14 -14.86
N GLY D 96 19.06 81.35 -16.05
CA GLY D 96 17.62 81.46 -16.18
C GLY D 96 16.95 80.10 -15.95
N ALA D 97 15.64 80.14 -15.80
CA ALA D 97 14.78 78.94 -15.78
C ALA D 97 13.78 79.13 -16.92
N GLY D 98 13.23 80.34 -16.94
CA GLY D 98 12.42 80.82 -18.04
C GLY D 98 10.93 80.60 -17.88
N ASN D 99 10.54 79.68 -16.99
CA ASN D 99 9.17 79.17 -16.93
C ASN D 99 8.89 78.57 -18.30
N ASN D 100 9.92 77.96 -18.84
CA ASN D 100 9.90 77.44 -20.19
C ASN D 100 10.46 76.01 -20.22
N TRP D 101 9.71 75.08 -20.81
CA TRP D 101 10.04 73.65 -20.79
C TRP D 101 11.40 73.35 -21.42
N ALA D 102 11.67 74.00 -22.54
CA ALA D 102 12.86 73.71 -23.31
C ALA D 102 14.13 74.02 -22.54
N LYS D 103 14.22 75.25 -22.03
CA LYS D 103 15.38 75.68 -21.26
C LYS D 103 15.74 74.59 -20.28
N GLY D 104 14.74 74.12 -19.54
CA GLY D 104 14.90 73.10 -18.51
C GLY D 104 15.18 71.70 -19.01
N HIS D 105 14.61 71.37 -20.16
CA HIS D 105 14.79 70.04 -20.72
C HIS D 105 15.92 69.97 -21.73
N TYR D 106 16.26 71.11 -22.33
CA TYR D 106 17.26 71.10 -23.39
C TYR D 106 18.52 71.90 -23.12
N THR D 107 18.40 73.20 -23.06
CA THR D 107 19.59 74.02 -22.94
C THR D 107 20.15 74.10 -21.52
N GLU D 108 19.61 75.01 -20.71
CA GLU D 108 20.12 75.29 -19.35
C GLU D 108 19.97 74.11 -18.40
N GLY D 109 19.13 73.15 -18.77
CA GLY D 109 18.88 71.96 -17.97
C GLY D 109 20.00 71.00 -18.15
N ALA D 110 20.14 70.47 -19.36
CA ALA D 110 21.23 69.57 -19.69
C ALA D 110 22.57 70.19 -19.30
N GLU D 111 22.58 71.50 -19.18
CA GLU D 111 23.74 72.24 -18.68
C GLU D 111 24.11 71.76 -17.30
N LEU D 112 23.10 71.50 -16.47
CA LEU D 112 23.32 71.00 -15.12
C LEU D 112 23.19 69.49 -15.14
N VAL D 113 22.00 68.97 -14.85
CA VAL D 113 21.67 67.55 -15.05
C VAL D 113 22.72 66.60 -14.58
N ASP D 114 23.87 66.63 -15.23
CA ASP D 114 24.95 65.71 -14.90
C ASP D 114 25.46 65.87 -13.47
N SER D 115 25.34 67.08 -12.92
CA SER D 115 25.73 67.31 -11.54
C SER D 115 24.67 66.77 -10.58
N VAL D 116 23.42 66.78 -11.02
CA VAL D 116 22.34 66.15 -10.27
C VAL D 116 22.53 64.64 -10.26
N LEU D 117 22.58 64.04 -11.44
CA LEU D 117 22.87 62.60 -11.58
C LEU D 117 24.01 62.19 -10.67
N ASP D 118 24.94 63.10 -10.44
CA ASP D 118 26.10 62.83 -9.62
C ASP D 118 25.79 62.70 -8.12
N VAL D 119 24.90 63.52 -7.59
CA VAL D 119 24.45 63.35 -6.20
C VAL D 119 23.60 62.07 -6.11
N VAL D 120 22.60 61.96 -6.98
CA VAL D 120 21.68 60.82 -6.97
C VAL D 120 22.43 59.53 -7.09
N ARG D 121 23.39 59.48 -8.02
CA ARG D 121 24.24 58.32 -8.19
C ARG D 121 24.90 58.00 -6.87
N LYS D 122 25.35 59.03 -6.13
CA LYS D 122 26.01 58.82 -4.82
C LYS D 122 25.04 58.16 -3.85
N GLU D 123 23.97 58.89 -3.53
CA GLU D 123 23.03 58.53 -2.49
C GLU D 123 22.49 57.13 -2.71
N SER D 124 22.22 56.85 -3.97
CA SER D 124 21.60 55.60 -4.35
C SER D 124 22.63 54.52 -4.44
N GLU D 125 23.81 54.88 -4.87
CA GLU D 125 24.87 53.93 -4.89
C GLU D 125 25.35 53.64 -3.43
N SER D 126 25.00 54.54 -2.50
CA SER D 126 25.32 54.36 -1.06
C SER D 126 24.24 53.52 -0.36
N CYS D 127 22.99 53.97 -0.55
CA CYS D 127 21.74 53.27 -0.27
C CYS D 127 21.76 51.75 -0.49
N ASP D 128 21.80 50.99 0.61
CA ASP D 128 22.11 49.55 0.59
C ASP D 128 21.20 48.60 -0.25
N CYS D 129 19.93 48.93 -0.41
CA CYS D 129 19.10 48.24 -1.39
C CYS D 129 18.05 49.25 -1.86
N LEU D 130 18.48 50.13 -2.77
CA LEU D 130 17.59 51.17 -3.26
C LEU D 130 16.38 50.57 -3.98
N GLN D 131 15.17 50.94 -3.56
CA GLN D 131 13.98 50.37 -4.15
C GLN D 131 13.44 51.24 -5.27
N GLY D 132 13.64 52.54 -5.14
CA GLY D 132 13.17 53.45 -6.18
C GLY D 132 13.28 54.91 -5.80
N PHE D 133 13.01 55.81 -6.75
CA PHE D 133 13.04 57.21 -6.43
C PHE D 133 11.64 57.68 -6.47
N GLN D 134 11.41 58.78 -5.79
CA GLN D 134 10.23 59.59 -5.99
C GLN D 134 10.66 61.02 -6.33
N LEU D 135 9.80 61.76 -7.02
CA LEU D 135 10.14 63.13 -7.35
C LEU D 135 8.94 64.04 -7.10
N THR D 136 9.18 65.30 -6.80
CA THR D 136 8.10 66.28 -6.70
C THR D 136 8.44 67.42 -7.65
N HIS D 137 7.41 68.07 -8.22
CA HIS D 137 7.60 69.18 -9.19
C HIS D 137 6.35 69.68 -9.91
N SER D 138 6.41 70.95 -10.27
CA SER D 138 5.41 71.59 -11.11
C SER D 138 5.42 71.07 -12.57
N LEU D 139 4.33 71.29 -13.31
CA LEU D 139 4.21 70.76 -14.68
C LEU D 139 4.09 71.89 -15.64
N GLY D 140 3.72 73.07 -15.13
CA GLY D 140 3.66 74.27 -15.94
C GLY D 140 4.76 75.20 -15.50
N GLY D 141 5.90 75.11 -16.16
CA GLY D 141 7.11 75.77 -15.70
C GLY D 141 8.33 74.88 -15.80
N GLY D 142 9.41 75.45 -16.32
CA GLY D 142 10.51 74.71 -16.88
C GLY D 142 11.41 73.92 -15.95
N THR D 143 11.90 74.55 -14.89
CA THR D 143 12.90 73.91 -14.03
C THR D 143 12.40 72.59 -13.37
N GLY D 144 11.10 72.54 -13.04
CA GLY D 144 10.48 71.35 -12.50
C GLY D 144 10.12 70.39 -13.61
N SER D 145 9.12 70.78 -14.40
CA SER D 145 8.58 69.93 -15.44
C SER D 145 9.55 69.58 -16.56
N GLY D 146 10.47 70.48 -16.89
CA GLY D 146 11.42 70.25 -17.97
C GLY D 146 12.65 69.47 -17.53
N MET D 147 13.27 69.93 -16.45
CA MET D 147 14.48 69.32 -15.95
C MET D 147 14.12 68.00 -15.42
N GLY D 148 13.03 67.95 -14.69
CA GLY D 148 12.58 66.71 -14.07
C GLY D 148 12.26 65.59 -15.03
N THR D 149 11.53 65.94 -16.07
CA THR D 149 11.19 64.97 -17.08
C THR D 149 12.44 64.52 -17.74
N LEU D 150 13.43 65.39 -17.82
CA LEU D 150 14.75 64.99 -18.28
C LEU D 150 15.40 64.09 -17.23
N LEU D 151 15.40 64.56 -15.99
CA LEU D 151 15.98 63.81 -14.90
C LEU D 151 15.49 62.38 -15.01
N ILE D 152 14.17 62.21 -14.94
CA ILE D 152 13.57 60.88 -14.92
C ILE D 152 13.98 60.01 -16.11
N SER D 153 14.18 60.64 -17.25
CA SER D 153 14.53 59.92 -18.45
C SER D 153 15.96 59.50 -18.31
N LYS D 154 16.74 60.35 -17.66
CA LYS D 154 18.13 60.07 -17.44
C LYS D 154 18.30 59.21 -16.19
N ILE D 155 17.28 59.28 -15.33
CA ILE D 155 17.20 58.48 -14.09
C ILE D 155 17.02 57.00 -14.39
N ARG D 156 16.01 56.71 -15.20
CA ARG D 156 15.90 55.42 -15.85
C ARG D 156 17.11 55.32 -16.73
N GLU D 157 17.17 54.32 -17.58
CA GLU D 157 18.37 54.14 -18.40
C GLU D 157 19.61 53.87 -17.51
N GLU D 158 19.72 54.65 -16.43
CA GLU D 158 20.73 54.43 -15.41
C GLU D 158 20.23 53.30 -14.46
N TYR D 159 18.93 53.46 -14.13
CA TYR D 159 18.20 52.65 -13.17
C TYR D 159 16.93 52.25 -13.90
N PRO D 160 17.00 51.20 -14.71
CA PRO D 160 15.83 50.76 -15.49
C PRO D 160 14.92 50.05 -14.49
N ASP D 161 15.27 48.79 -14.19
CA ASP D 161 15.49 48.28 -12.86
C ASP D 161 14.59 48.64 -11.70
N ARG D 162 14.68 49.89 -11.26
CA ARG D 162 14.04 50.42 -10.06
C ARG D 162 12.84 51.22 -10.41
N ILE D 163 11.87 51.28 -9.52
CA ILE D 163 10.66 51.95 -9.93
C ILE D 163 10.62 53.51 -9.74
N MET D 164 10.04 54.19 -10.70
CA MET D 164 9.97 55.62 -10.64
C MET D 164 8.58 56.12 -10.18
N ASN D 165 8.45 57.41 -9.88
CA ASN D 165 7.33 57.87 -9.08
C ASN D 165 7.31 59.37 -8.83
N THR D 166 6.19 60.03 -9.08
CA THR D 166 6.19 61.47 -8.91
C THR D 166 4.88 62.00 -8.46
N PHE D 167 4.97 63.07 -7.67
CA PHE D 167 3.85 63.95 -7.41
C PHE D 167 4.14 65.09 -8.33
N SER D 168 3.29 65.24 -9.34
CA SER D 168 3.41 66.35 -10.25
C SER D 168 2.18 67.27 -10.15
N VAL D 169 2.41 68.56 -10.29
CA VAL D 169 1.37 69.53 -10.02
C VAL D 169 0.83 70.10 -11.32
N MET D 170 -0.10 69.36 -11.93
CA MET D 170 -0.86 69.85 -13.08
C MET D 170 -1.33 71.31 -12.85
N PRO D 171 -0.96 72.26 -13.75
CA PRO D 171 -1.27 73.70 -13.56
C PRO D 171 -2.59 74.15 -14.17
N SER D 172 -3.21 75.08 -13.48
CA SER D 172 -4.50 75.51 -13.95
C SER D 172 -4.40 76.86 -14.63
N PRO D 173 -5.37 77.17 -15.50
CA PRO D 173 -5.53 78.52 -16.04
C PRO D 173 -5.77 79.54 -14.94
N LYS D 174 -6.52 79.13 -13.92
CA LYS D 174 -6.76 79.99 -12.76
C LYS D 174 -5.79 79.59 -11.67
N VAL D 175 -5.20 80.61 -11.04
CA VAL D 175 -4.07 80.43 -10.08
C VAL D 175 -2.75 79.79 -10.63
N SER D 176 -2.12 80.68 -11.41
CA SER D 176 -0.86 80.52 -12.12
C SER D 176 -0.25 81.90 -12.53
N ASP D 177 1.03 81.84 -12.91
CA ASP D 177 1.87 82.98 -13.21
C ASP D 177 2.00 83.12 -14.72
N THR D 178 2.10 81.98 -15.40
CA THR D 178 2.48 81.95 -16.82
C THR D 178 1.37 81.60 -17.81
N VAL D 179 1.25 82.46 -18.80
CA VAL D 179 0.43 82.24 -19.98
C VAL D 179 0.66 80.86 -20.63
N VAL D 180 1.91 80.43 -20.73
CA VAL D 180 2.29 79.28 -21.55
C VAL D 180 2.05 77.88 -20.95
N GLU D 181 1.92 77.77 -19.63
CA GLU D 181 1.93 76.47 -18.91
C GLU D 181 1.32 75.25 -19.64
N PRO D 182 0.09 75.37 -20.17
CA PRO D 182 -0.45 74.34 -21.07
C PRO D 182 0.65 73.70 -21.92
N TYR D 183 1.50 74.51 -22.56
CA TYR D 183 2.58 74.01 -23.42
C TYR D 183 3.49 73.17 -22.56
N ASN D 184 3.98 73.75 -21.48
CA ASN D 184 4.90 73.07 -20.59
C ASN D 184 4.34 71.71 -20.15
N ALA D 185 3.04 71.72 -19.84
CA ALA D 185 2.35 70.57 -19.29
C ALA D 185 2.32 69.42 -20.28
N THR D 186 1.81 69.69 -21.47
CA THR D 186 1.62 68.68 -22.49
C THR D 186 2.94 68.01 -22.84
N LEU D 187 4.03 68.76 -22.69
CA LEU D 187 5.36 68.29 -23.04
C LEU D 187 5.97 67.31 -22.06
N SER D 188 5.62 67.49 -20.80
CA SER D 188 6.06 66.61 -19.72
C SER D 188 5.08 65.45 -19.57
N VAL D 189 3.78 65.75 -19.66
CA VAL D 189 2.70 64.76 -19.58
C VAL D 189 3.15 63.62 -20.43
N HIS D 190 3.42 63.96 -21.69
CA HIS D 190 4.07 63.07 -22.64
C HIS D 190 5.27 62.31 -22.02
N GLN D 191 6.26 63.07 -21.57
CA GLN D 191 7.47 62.49 -21.03
C GLN D 191 7.17 61.47 -19.92
N LEU D 192 6.27 61.89 -19.02
CA LEU D 192 5.88 61.12 -17.84
C LEU D 192 5.28 59.77 -18.26
N VAL D 193 4.22 59.86 -19.04
CA VAL D 193 3.44 58.69 -19.46
C VAL D 193 4.26 57.53 -20.07
N GLU D 194 5.58 57.71 -20.22
CA GLU D 194 6.43 56.65 -20.77
C GLU D 194 7.59 56.28 -19.87
N ASN D 195 7.79 57.12 -18.84
CA ASN D 195 8.92 56.99 -17.92
C ASN D 195 8.67 56.78 -16.42
N THR D 196 7.50 57.21 -15.94
CA THR D 196 7.18 56.98 -14.54
C THR D 196 6.36 55.71 -14.38
N ASP D 197 6.13 55.32 -13.13
CA ASP D 197 5.46 54.06 -12.85
C ASP D 197 4.11 54.30 -12.15
N GLU D 198 4.06 55.42 -11.43
CA GLU D 198 2.86 56.03 -10.84
C GLU D 198 3.08 57.54 -10.75
N THR D 199 2.02 58.28 -10.99
CA THR D 199 2.12 59.71 -10.96
C THR D 199 0.90 60.35 -10.32
N TYR D 200 1.10 60.83 -9.09
CA TYR D 200 0.06 61.54 -8.37
C TYR D 200 -0.18 62.85 -9.07
N SER D 201 -1.39 62.91 -9.63
CA SER D 201 -1.97 64.09 -10.24
C SER D 201 -2.50 65.01 -9.15
N ILE D 202 -2.00 66.22 -9.18
CA ILE D 202 -2.42 67.23 -8.21
C ILE D 202 -2.70 68.49 -9.02
N ASP D 203 -3.98 68.83 -9.08
CA ASP D 203 -4.36 70.02 -9.77
C ASP D 203 -4.35 71.17 -8.80
N ASN D 204 -3.88 72.32 -9.29
CA ASN D 204 -3.97 73.52 -8.48
C ASN D 204 -5.36 74.08 -8.59
N GLU D 205 -6.10 73.61 -9.61
CA GLU D 205 -7.54 73.89 -9.72
C GLU D 205 -8.29 73.25 -8.54
N ALA D 206 -7.83 72.06 -8.19
CA ALA D 206 -8.35 71.37 -7.02
C ALA D 206 -7.87 72.11 -5.80
N LEU D 207 -6.56 72.01 -5.57
CA LEU D 207 -5.92 72.54 -4.39
C LEU D 207 -6.51 73.86 -3.97
N TYR D 208 -6.68 74.79 -4.91
CA TYR D 208 -7.28 76.10 -4.61
C TYR D 208 -8.76 75.98 -4.33
N ASP D 209 -9.42 75.04 -5.01
CA ASP D 209 -10.86 74.91 -4.84
C ASP D 209 -11.22 74.32 -3.46
N ILE D 210 -10.40 73.36 -3.00
CA ILE D 210 -10.51 72.82 -1.64
C ILE D 210 -10.41 73.84 -0.47
N CYS D 211 -10.04 75.09 -0.78
CA CYS D 211 -9.76 76.13 0.22
C CYS D 211 -10.80 77.19 0.29
N PHE D 212 -11.47 77.41 -0.83
CA PHE D 212 -12.49 78.46 -0.93
C PHE D 212 -13.90 77.88 -0.95
N ARG D 213 -14.00 76.65 -1.48
CA ARG D 213 -15.25 75.92 -1.56
C ARG D 213 -15.45 75.14 -0.28
N THR D 214 -14.34 74.87 0.38
CA THR D 214 -14.30 73.92 1.48
C THR D 214 -13.45 74.45 2.64
N LEU D 215 -13.19 75.76 2.71
CA LEU D 215 -12.41 76.30 3.83
C LEU D 215 -12.76 77.73 4.24
N LYS D 216 -13.41 78.47 3.34
CA LYS D 216 -13.69 79.92 3.50
C LYS D 216 -12.41 80.78 3.64
N LEU D 217 -11.30 80.25 3.11
CA LEU D 217 -9.99 80.89 3.07
C LEU D 217 -9.89 81.92 1.92
N THR D 218 -9.98 83.23 2.25
CA THR D 218 -10.01 84.28 1.22
C THR D 218 -8.80 84.32 0.29
N THR D 219 -7.64 84.70 0.83
CA THR D 219 -6.39 84.89 0.08
C THR D 219 -5.47 83.67 0.15
N PRO D 220 -5.72 82.65 -0.67
CA PRO D 220 -5.00 81.37 -0.55
C PRO D 220 -3.56 81.44 -1.09
N THR D 221 -2.58 81.21 -0.21
CA THR D 221 -1.18 81.41 -0.54
C THR D 221 -0.78 80.35 -1.48
N TYR D 222 0.51 80.36 -1.78
CA TYR D 222 1.19 79.12 -2.11
C TYR D 222 1.54 78.36 -0.83
N GLY D 223 1.21 78.95 0.31
CA GLY D 223 1.43 78.35 1.61
C GLY D 223 0.33 77.37 1.94
N ASP D 224 -0.70 77.84 2.62
CA ASP D 224 -1.87 77.02 2.87
C ASP D 224 -2.44 76.63 1.51
N LEU D 225 -2.08 75.44 1.05
CA LEU D 225 -2.30 75.01 -0.32
C LEU D 225 -1.13 74.12 -0.70
N ASN D 226 0.08 74.54 -0.34
CA ASN D 226 1.15 73.57 -0.24
C ASN D 226 0.71 72.62 0.85
N HIS D 227 0.33 73.22 1.98
CA HIS D 227 -0.14 72.49 3.16
C HIS D 227 -0.90 71.19 2.88
N LEU D 228 -1.80 71.22 1.89
CA LEU D 228 -2.60 70.08 1.52
C LEU D 228 -1.71 69.00 0.97
N VAL D 229 -1.00 69.33 -0.09
CA VAL D 229 -0.07 68.41 -0.74
C VAL D 229 0.92 67.73 0.23
N SER D 230 1.51 68.56 1.10
CA SER D 230 2.36 68.12 2.20
C SER D 230 1.66 67.05 3.00
N ALA D 231 0.38 67.23 3.30
CA ALA D 231 -0.35 66.25 4.08
C ALA D 231 -0.62 64.97 3.27
N THR D 232 -1.07 65.17 2.03
CA THR D 232 -1.56 64.07 1.20
C THR D 232 -0.44 63.16 0.87
N MET D 233 0.71 63.76 0.67
CA MET D 233 1.97 63.05 0.43
C MET D 233 2.45 62.30 1.63
N SER D 234 2.16 62.80 2.82
CA SER D 234 2.54 62.02 3.95
C SER D 234 1.63 60.83 3.89
N GLY D 235 0.36 61.11 3.59
CA GLY D 235 -0.67 60.08 3.55
C GLY D 235 -0.24 58.84 2.76
N VAL D 236 0.05 59.08 1.49
CA VAL D 236 0.35 58.02 0.57
C VAL D 236 1.54 57.23 0.99
N THR D 237 2.54 57.89 1.55
CA THR D 237 3.83 57.26 1.91
C THR D 237 3.80 56.34 3.12
N THR D 238 3.04 56.77 4.13
CA THR D 238 3.05 56.13 5.44
C THR D 238 3.50 54.67 5.47
N CYS D 239 2.75 53.79 4.81
CA CYS D 239 2.93 52.36 4.99
C CYS D 239 4.08 51.72 4.24
N LEU D 240 4.86 52.53 3.51
CA LEU D 240 6.25 52.12 3.26
C LEU D 240 7.20 52.56 4.37
N ARG D 241 6.80 53.59 5.13
CA ARG D 241 7.64 54.19 6.18
C ARG D 241 7.22 54.00 7.67
N PHE D 242 6.41 52.99 7.99
CA PHE D 242 5.84 52.93 9.36
C PHE D 242 5.52 51.61 10.09
N PRO D 243 4.40 50.92 9.76
CA PRO D 243 3.84 49.92 10.67
C PRO D 243 4.62 48.61 10.55
N GLY D 244 3.97 47.67 9.87
CA GLY D 244 4.47 46.33 9.63
C GLY D 244 3.24 45.47 9.33
N GLN D 245 2.13 46.19 9.04
CA GLN D 245 0.87 45.59 8.70
C GLN D 245 0.66 45.56 7.19
N LEU D 246 1.35 46.43 6.44
CA LEU D 246 1.38 46.24 5.00
C LEU D 246 2.56 45.39 4.57
N ASN D 247 3.31 45.91 3.59
CA ASN D 247 4.77 45.90 3.59
C ASN D 247 5.36 46.35 2.27
N ALA D 248 4.49 46.46 1.28
CA ALA D 248 4.50 47.65 0.41
C ALA D 248 5.73 47.97 -0.47
N ASP D 249 6.26 46.93 -1.13
CA ASP D 249 7.51 46.95 -1.91
C ASP D 249 7.87 48.15 -2.75
N LEU D 250 6.84 48.99 -2.93
CA LEU D 250 6.81 50.08 -3.85
C LEU D 250 6.56 49.50 -5.22
N ARG D 251 7.22 48.39 -5.54
CA ARG D 251 6.93 47.70 -6.78
C ARG D 251 5.62 46.95 -6.66
N LYS D 252 5.52 46.15 -5.60
CA LYS D 252 4.27 45.48 -5.30
C LYS D 252 3.29 46.58 -5.44
N LEU D 253 3.45 47.60 -4.61
CA LEU D 253 2.53 48.72 -4.55
C LEU D 253 2.05 49.22 -5.90
N ALA D 254 2.98 49.21 -6.86
CA ALA D 254 2.67 49.59 -8.22
C ALA D 254 1.93 48.45 -8.96
N VAL D 255 2.56 47.26 -9.04
CA VAL D 255 1.91 46.17 -9.78
C VAL D 255 0.40 46.12 -9.51
N ASN D 256 0.01 46.28 -8.25
CA ASN D 256 -1.38 46.08 -7.85
C ASN D 256 -2.25 47.26 -7.99
N MET D 257 -1.67 48.25 -8.61
CA MET D 257 -2.33 49.49 -8.74
C MET D 257 -2.46 49.77 -10.21
N VAL D 258 -1.54 49.18 -10.99
CA VAL D 258 -1.52 49.47 -12.43
C VAL D 258 -1.85 48.32 -13.38
N PRO D 259 -3.01 48.43 -14.03
CA PRO D 259 -3.49 47.44 -15.02
C PRO D 259 -2.73 47.55 -16.34
N PHE D 260 -2.69 48.77 -16.89
CA PHE D 260 -2.21 49.10 -18.23
C PHE D 260 -1.11 50.16 -18.21
N PRO D 261 0.04 49.82 -18.84
CA PRO D 261 1.36 50.33 -18.44
C PRO D 261 1.48 51.82 -18.68
N ARG D 262 0.71 52.36 -19.63
CA ARG D 262 0.50 53.80 -19.70
C ARG D 262 -0.35 54.17 -18.46
N LEU D 263 -1.21 55.18 -18.57
CA LEU D 263 -2.23 55.42 -17.53
C LEU D 263 -1.83 54.91 -16.12
N HIS D 264 -0.98 55.70 -15.45
CA HIS D 264 -0.68 55.50 -14.02
C HIS D 264 -1.02 56.79 -13.28
N PHE D 265 -2.26 57.21 -13.47
CA PHE D 265 -2.56 58.56 -13.07
C PHE D 265 -3.56 58.63 -11.93
N PHE D 266 -3.08 58.15 -10.79
CA PHE D 266 -3.82 58.27 -9.55
C PHE D 266 -4.14 59.72 -9.20
N MET D 267 -5.41 60.10 -9.32
CA MET D 267 -5.81 61.30 -8.65
C MET D 267 -6.04 60.91 -7.19
N PRO D 268 -5.44 61.67 -6.25
CA PRO D 268 -5.55 61.36 -4.82
C PRO D 268 -6.62 62.17 -4.05
N GLY D 269 -6.63 62.02 -2.74
CA GLY D 269 -7.65 62.63 -1.90
C GLY D 269 -7.33 62.47 -0.42
N PHE D 270 -8.00 63.30 0.39
CA PHE D 270 -7.74 63.32 1.83
C PHE D 270 -8.98 63.36 2.72
N ALA D 271 -8.74 63.05 3.99
CA ALA D 271 -9.79 62.96 4.99
C ALA D 271 -10.20 64.34 5.55
N PRO D 272 -9.49 64.83 6.56
CA PRO D 272 -9.74 66.18 7.09
C PRO D 272 -8.84 67.33 6.53
N LEU D 273 -9.08 68.54 6.98
CA LEU D 273 -8.52 69.72 6.30
C LEU D 273 -8.44 71.04 7.13
N THR D 274 -8.14 72.17 6.46
CA THR D 274 -7.82 73.50 7.05
C THR D 274 -6.40 73.53 7.72
N SER D 275 -5.95 74.71 8.19
CA SER D 275 -4.80 74.79 9.11
C SER D 275 -5.01 75.80 10.24
N ARG D 276 -5.45 77.02 9.87
CA ARG D 276 -5.61 78.15 10.80
C ARG D 276 -6.88 78.05 11.70
N GLY D 277 -7.57 79.17 11.91
CA GLY D 277 -8.74 79.29 12.82
C GLY D 277 -9.99 78.43 12.59
N SER D 278 -9.77 77.27 11.95
CA SER D 278 -10.77 76.19 11.75
C SER D 278 -10.30 74.80 12.25
N GLN D 279 -11.27 74.09 12.84
CA GLN D 279 -11.06 72.98 13.78
C GLN D 279 -11.62 71.64 13.28
N GLN D 280 -11.88 70.74 14.23
CA GLN D 280 -12.80 69.61 14.08
C GLN D 280 -13.32 69.28 15.49
N TYR D 281 -14.63 69.36 15.69
CA TYR D 281 -15.29 69.09 16.98
C TYR D 281 -15.23 67.59 17.34
N ARG D 282 -13.99 67.08 17.36
CA ARG D 282 -13.64 65.66 17.48
C ARG D 282 -14.14 64.86 16.25
N ALA D 283 -15.34 65.26 15.77
CA ALA D 283 -16.26 64.46 14.93
C ALA D 283 -15.79 63.82 13.57
N LEU D 284 -14.52 63.37 13.49
CA LEU D 284 -14.04 62.51 12.39
C LEU D 284 -14.36 61.07 12.79
N THR D 285 -15.27 60.40 12.07
CA THR D 285 -15.98 59.24 12.64
C THR D 285 -15.72 57.81 12.11
N VAL D 286 -15.10 57.68 10.92
CA VAL D 286 -14.98 56.44 10.12
C VAL D 286 -16.04 56.42 8.97
N PRO D 287 -17.35 56.33 9.26
CA PRO D 287 -18.37 56.62 8.25
C PRO D 287 -18.10 57.98 7.64
N GLU D 288 -18.30 59.02 8.45
CA GLU D 288 -18.03 60.41 8.07
C GLU D 288 -16.55 60.61 7.64
N LEU D 289 -15.73 59.56 7.76
CA LEU D 289 -14.37 59.58 7.21
C LEU D 289 -14.27 58.87 5.87
N THR D 290 -15.24 58.02 5.56
CA THR D 290 -15.18 57.25 4.31
C THR D 290 -15.93 57.95 3.17
N GLN D 291 -17.21 58.24 3.36
CA GLN D 291 -17.95 59.00 2.35
C GLN D 291 -17.41 60.46 2.21
N GLN D 292 -16.11 60.61 2.44
CA GLN D 292 -15.43 61.91 2.46
C GLN D 292 -14.13 61.85 1.64
N MET D 293 -13.52 60.67 1.66
CA MET D 293 -12.37 60.38 0.81
C MET D 293 -12.94 59.70 -0.43
N PHE D 294 -14.25 59.77 -0.54
CA PHE D 294 -14.90 59.28 -1.71
C PHE D 294 -15.82 60.28 -2.29
N ASP D 295 -15.82 61.47 -1.69
CA ASP D 295 -16.47 62.63 -2.32
C ASP D 295 -15.46 63.29 -3.23
N SER D 296 -15.90 63.51 -4.47
CA SER D 296 -15.16 64.25 -5.48
C SER D 296 -14.59 65.55 -4.90
N LYS D 297 -15.48 66.48 -4.50
CA LYS D 297 -15.11 67.69 -3.77
C LYS D 297 -14.07 67.46 -2.62
N ASN D 298 -13.46 66.28 -2.57
CA ASN D 298 -12.25 66.08 -1.77
C ASN D 298 -11.13 65.31 -2.50
N MET D 299 -11.03 65.60 -3.81
CA MET D 299 -10.06 64.99 -4.71
C MET D 299 -8.88 65.90 -5.00
N MET D 300 -7.68 65.29 -5.01
CA MET D 300 -6.42 66.01 -5.22
C MET D 300 -6.13 66.41 -6.69
N ALA D 301 -6.63 65.64 -7.65
CA ALA D 301 -6.85 66.21 -8.99
C ALA D 301 -8.31 66.80 -9.13
N ALA D 302 -8.49 67.78 -10.01
CA ALA D 302 -9.84 68.22 -10.38
C ALA D 302 -10.44 67.35 -11.50
N CYS D 303 -10.98 66.17 -11.11
CA CYS D 303 -11.80 65.34 -12.00
C CYS D 303 -13.22 65.36 -11.47
N ASP D 304 -13.86 64.19 -11.44
CA ASP D 304 -15.08 63.97 -10.64
C ASP D 304 -15.40 62.54 -10.87
N PRO D 305 -14.81 61.70 -10.03
CA PRO D 305 -14.87 60.22 -10.16
C PRO D 305 -16.33 59.71 -10.16
N ARG D 306 -17.13 60.48 -10.89
CA ARG D 306 -18.41 60.06 -11.38
C ARG D 306 -18.30 59.66 -12.87
N HIS D 307 -18.46 60.61 -13.80
CA HIS D 307 -18.29 60.28 -15.22
C HIS D 307 -16.89 59.73 -15.44
N GLY D 308 -16.76 58.40 -15.57
CA GLY D 308 -15.46 57.77 -15.49
C GLY D 308 -15.36 56.92 -14.23
N ARG D 309 -14.82 55.73 -14.41
CA ARG D 309 -14.95 54.64 -13.43
C ARG D 309 -13.61 54.21 -12.83
N TYR D 310 -13.58 53.91 -11.54
CA TYR D 310 -12.30 53.61 -10.90
C TYR D 310 -11.74 52.31 -11.47
N LEU D 311 -10.50 52.34 -11.94
CA LEU D 311 -9.82 51.10 -12.27
C LEU D 311 -9.57 50.36 -10.98
N THR D 312 -8.60 50.86 -10.22
CA THR D 312 -8.27 50.38 -8.88
C THR D 312 -8.36 51.54 -7.86
N VAL D 313 -8.54 51.19 -6.59
CA VAL D 313 -8.66 52.19 -5.52
C VAL D 313 -7.96 51.70 -4.24
N ALA D 314 -6.89 52.38 -3.84
CA ALA D 314 -6.29 52.16 -2.51
C ALA D 314 -6.76 53.22 -1.49
N ALA D 315 -6.87 52.81 -0.23
CA ALA D 315 -7.00 53.77 0.86
C ALA D 315 -6.24 53.26 2.09
N VAL D 316 -5.55 54.15 2.79
CA VAL D 316 -4.93 53.82 4.09
C VAL D 316 -5.46 54.72 5.19
N PHE D 317 -5.68 54.08 6.34
CA PHE D 317 -6.39 54.66 7.50
C PHE D 317 -5.46 54.87 8.71
N ARG D 318 -5.57 56.06 9.30
CA ARG D 318 -4.69 56.52 10.37
C ARG D 318 -5.48 56.79 11.65
N GLY D 319 -5.05 56.17 12.76
CA GLY D 319 -5.64 56.46 14.06
C GLY D 319 -6.06 55.24 14.84
N ARG D 320 -5.59 55.13 16.09
CA ARG D 320 -5.85 53.95 16.91
C ARG D 320 -7.35 53.70 16.99
N MET D 321 -7.91 53.24 15.88
CA MET D 321 -9.33 52.95 15.78
C MET D 321 -9.50 51.53 15.25
N SER D 322 -10.69 50.98 15.40
CA SER D 322 -10.98 49.60 15.00
C SER D 322 -11.20 49.49 13.49
N MET D 323 -10.56 48.49 12.89
CA MET D 323 -10.78 48.17 11.49
C MET D 323 -11.93 47.18 11.34
N LYS D 324 -12.48 46.75 12.48
CA LYS D 324 -13.74 46.03 12.48
C LYS D 324 -14.90 46.87 11.91
N GLU D 325 -14.76 48.20 11.98
CA GLU D 325 -15.69 49.11 11.33
C GLU D 325 -15.27 49.36 9.87
N VAL D 326 -13.98 49.59 9.66
CA VAL D 326 -13.40 50.06 8.37
C VAL D 326 -13.84 49.28 7.13
N ASP D 327 -13.74 47.97 7.21
CA ASP D 327 -14.08 47.12 6.08
C ASP D 327 -15.59 47.15 5.86
N GLU D 328 -16.31 47.23 6.98
CA GLU D 328 -17.75 47.27 6.99
C GLU D 328 -18.25 48.57 6.33
N GLN D 329 -17.60 49.70 6.65
CA GLN D 329 -17.89 50.98 6.00
C GLN D 329 -17.47 50.93 4.54
N MET D 330 -16.27 50.39 4.33
CA MET D 330 -15.64 50.24 3.01
C MET D 330 -16.63 49.56 2.07
N LEU D 331 -17.01 48.33 2.45
CA LEU D 331 -18.07 47.59 1.75
C LEU D 331 -19.21 48.50 1.44
N ASN D 332 -19.84 49.06 2.48
CA ASN D 332 -20.98 49.92 2.31
C ASN D 332 -20.88 50.76 1.04
N VAL D 333 -19.78 51.50 0.87
CA VAL D 333 -19.68 52.43 -0.27
C VAL D 333 -19.63 51.75 -1.66
N GLN D 334 -18.87 50.63 -1.74
CA GLN D 334 -18.91 49.68 -2.88
C GLN D 334 -20.34 49.19 -3.27
N ASN D 335 -21.30 49.33 -2.36
CA ASN D 335 -22.67 48.92 -2.58
C ASN D 335 -23.42 50.18 -2.85
N LYS D 336 -23.10 51.23 -2.09
CA LYS D 336 -23.79 52.53 -2.19
C LYS D 336 -23.41 53.29 -3.46
N ASN D 337 -22.12 53.17 -3.84
CA ASN D 337 -21.64 53.56 -5.18
C ASN D 337 -20.97 52.35 -5.81
N SER D 338 -21.77 51.29 -5.98
CA SER D 338 -21.40 50.01 -6.63
C SER D 338 -21.18 50.13 -8.15
N SER D 339 -22.05 50.94 -8.78
CA SER D 339 -22.04 51.26 -10.21
C SER D 339 -20.60 51.53 -10.70
N TYR D 340 -19.99 52.58 -10.12
CA TYR D 340 -18.72 53.14 -10.58
C TYR D 340 -17.45 52.52 -10.00
N PHE D 341 -17.48 51.21 -9.90
CA PHE D 341 -16.24 50.46 -9.95
C PHE D 341 -16.30 49.66 -11.22
N VAL D 342 -15.15 49.24 -11.72
CA VAL D 342 -15.09 48.33 -12.83
C VAL D 342 -15.30 46.91 -12.27
N GLU D 343 -15.93 46.01 -13.05
CA GLU D 343 -16.08 44.62 -12.62
C GLU D 343 -14.84 43.83 -12.92
N TRP D 344 -14.28 44.01 -14.12
CA TRP D 344 -13.34 43.05 -14.70
C TRP D 344 -12.01 42.80 -13.96
N ILE D 345 -11.57 43.76 -13.15
CA ILE D 345 -10.58 43.40 -12.15
C ILE D 345 -11.30 43.24 -10.81
N PRO D 346 -11.25 42.01 -10.27
CA PRO D 346 -12.19 41.54 -9.26
C PRO D 346 -12.23 42.33 -7.97
N ASN D 347 -11.22 42.16 -7.13
CA ASN D 347 -11.28 42.78 -5.82
C ASN D 347 -10.52 44.07 -5.76
N ASN D 348 -10.99 45.00 -6.59
CA ASN D 348 -10.23 46.18 -7.01
C ASN D 348 -10.21 47.37 -6.05
N VAL D 349 -10.81 47.22 -4.87
CA VAL D 349 -10.65 48.24 -3.82
C VAL D 349 -10.31 47.67 -2.45
N LYS D 350 -9.01 47.68 -2.17
CA LYS D 350 -8.47 47.20 -0.92
C LYS D 350 -7.89 48.33 -0.07
N THR D 351 -8.10 48.18 1.24
CA THR D 351 -7.68 49.15 2.25
C THR D 351 -6.99 48.52 3.46
N ALA D 352 -6.03 49.25 4.00
CA ALA D 352 -5.40 48.89 5.24
C ALA D 352 -5.28 50.10 6.18
N VAL D 353 -4.89 49.83 7.42
CA VAL D 353 -4.93 50.80 8.52
C VAL D 353 -3.65 50.80 9.35
N CYS D 354 -3.07 51.98 9.51
CA CYS D 354 -1.93 52.20 10.41
C CYS D 354 -2.38 53.24 11.46
N ASP D 355 -2.02 52.99 12.72
CA ASP D 355 -2.69 53.63 13.87
C ASP D 355 -2.00 54.83 14.52
N ILE D 356 -0.97 55.39 13.88
CA ILE D 356 -0.28 56.55 14.46
C ILE D 356 -0.52 57.84 13.65
N PRO D 357 -1.30 58.76 14.23
CA PRO D 357 -1.84 59.94 13.52
C PRO D 357 -0.79 60.97 13.10
N PRO D 358 -1.18 62.00 12.33
CA PRO D 358 -0.23 63.06 11.93
C PRO D 358 -0.12 64.19 12.96
N ARG D 359 0.54 65.30 12.60
CA ARG D 359 0.54 66.51 13.41
C ARG D 359 -0.92 67.03 13.50
N GLY D 360 -1.42 67.22 14.72
CA GLY D 360 -2.85 67.49 14.98
C GLY D 360 -3.68 66.24 14.69
N LEU D 361 -4.99 66.41 14.52
CA LEU D 361 -5.87 65.38 13.90
C LEU D 361 -5.74 63.90 14.41
N LYS D 362 -6.75 63.42 15.13
CA LYS D 362 -6.72 62.09 15.77
C LYS D 362 -7.02 60.88 14.84
N MET D 363 -7.77 61.13 13.78
CA MET D 363 -8.19 60.13 12.78
C MET D 363 -8.03 60.70 11.37
N SER D 364 -7.74 59.85 10.38
CA SER D 364 -7.48 60.35 9.03
C SER D 364 -7.34 59.31 7.92
N ALA D 365 -7.90 59.65 6.77
CA ALA D 365 -7.84 58.78 5.60
C ALA D 365 -7.23 59.42 4.35
N THR D 366 -6.44 58.61 3.67
CA THR D 366 -5.80 59.05 2.46
C THR D 366 -6.16 58.07 1.32
N PHE D 367 -6.51 58.64 0.18
CA PHE D 367 -7.05 57.89 -0.94
C PHE D 367 -6.10 57.96 -2.15
N ILE D 368 -5.70 56.83 -2.69
CA ILE D 368 -5.03 56.83 -3.98
C ILE D 368 -6.08 56.40 -4.95
N GLY D 369 -6.03 56.85 -6.21
CA GLY D 369 -7.18 56.59 -7.10
C GLY D 369 -7.14 56.68 -8.65
N ASN D 370 -6.83 55.51 -9.25
CA ASN D 370 -6.74 55.28 -10.71
C ASN D 370 -8.11 55.38 -11.40
N SER D 371 -8.66 56.57 -11.42
CA SER D 371 -9.95 56.74 -12.06
C SER D 371 -9.67 57.19 -13.47
N THR D 372 -10.41 56.63 -14.42
CA THR D 372 -10.38 57.10 -15.82
C THR D 372 -10.95 58.49 -15.93
N ALA D 373 -11.66 58.92 -14.88
CA ALA D 373 -12.17 60.29 -14.73
C ALA D 373 -11.06 61.31 -14.72
N ILE D 374 -9.82 60.81 -14.61
CA ILE D 374 -8.57 61.55 -14.81
C ILE D 374 -8.48 62.14 -16.23
N GLN D 375 -9.07 61.42 -17.18
CA GLN D 375 -9.32 61.86 -18.55
C GLN D 375 -9.92 63.24 -18.54
N GLU D 376 -10.80 63.47 -17.56
CA GLU D 376 -11.31 64.79 -17.22
C GLU D 376 -10.18 65.84 -17.14
N LEU D 377 -9.15 65.53 -16.34
CA LEU D 377 -8.00 66.43 -16.13
C LEU D 377 -7.20 66.62 -17.42
N PHE D 378 -6.63 65.54 -17.96
CA PHE D 378 -5.90 65.62 -19.23
C PHE D 378 -6.60 66.50 -20.30
N LYS D 379 -7.87 66.19 -20.56
CA LYS D 379 -8.65 66.86 -21.58
C LYS D 379 -8.83 68.34 -21.27
N ARG D 380 -8.46 68.75 -20.07
CA ARG D 380 -8.64 70.16 -19.63
C ARG D 380 -7.51 71.09 -20.12
N ILE D 381 -6.29 70.52 -20.15
CA ILE D 381 -5.05 71.20 -20.56
C ILE D 381 -4.91 71.12 -22.09
N SER D 382 -5.01 69.89 -22.61
CA SER D 382 -5.04 69.61 -24.04
C SER D 382 -6.12 70.44 -24.70
N GLU D 383 -7.09 70.81 -23.85
CA GLU D 383 -8.21 71.66 -24.19
C GLU D 383 -7.76 73.10 -24.46
N GLN D 384 -7.03 73.71 -23.51
CA GLN D 384 -6.52 75.11 -23.67
C GLN D 384 -5.19 75.19 -24.49
N PHE D 385 -4.52 74.05 -24.65
CA PHE D 385 -3.25 73.97 -25.37
C PHE D 385 -3.47 74.19 -26.86
N THR D 386 -4.42 73.45 -27.42
CA THR D 386 -4.74 73.48 -28.84
C THR D 386 -5.38 74.80 -29.20
N ALA D 387 -5.88 75.48 -28.17
CA ALA D 387 -6.41 76.83 -28.33
C ALA D 387 -5.29 77.88 -28.43
N MET D 388 -4.05 77.42 -28.16
CA MET D 388 -2.86 78.28 -28.16
C MET D 388 -1.95 77.92 -29.33
N PHE D 389 -1.76 76.62 -29.54
CA PHE D 389 -1.08 76.11 -30.73
C PHE D 389 -1.98 76.36 -31.95
N ARG D 390 -3.22 76.76 -31.68
CA ARG D 390 -4.14 77.35 -32.66
C ARG D 390 -3.33 77.91 -33.84
N ARG D 391 -3.31 79.25 -34.01
CA ARG D 391 -2.36 79.92 -34.90
C ARG D 391 -1.10 80.23 -34.07
N LYS D 392 -0.45 79.11 -33.71
CA LYS D 392 0.80 79.00 -32.95
C LYS D 392 1.28 80.28 -32.30
N ALA D 393 0.80 80.55 -31.08
CA ALA D 393 1.29 81.71 -30.38
C ALA D 393 2.66 81.47 -29.69
N PHE D 394 2.72 81.55 -28.36
CA PHE D 394 3.97 81.77 -27.62
C PHE D 394 5.17 80.94 -28.03
N LEU D 395 4.93 80.07 -29.00
CA LEU D 395 5.85 79.01 -29.39
C LEU D 395 7.24 79.47 -29.81
N HIS D 396 7.37 80.71 -30.27
CA HIS D 396 8.65 81.22 -30.74
C HIS D 396 9.75 81.25 -29.65
N TRP D 397 9.38 80.92 -28.41
CA TRP D 397 10.34 80.78 -27.32
C TRP D 397 10.94 79.39 -27.29
N TYR D 398 10.28 78.48 -28.00
CA TYR D 398 10.69 77.09 -28.11
C TYR D 398 11.25 76.88 -29.52
N THR D 399 10.64 77.54 -30.51
CA THR D 399 11.17 77.66 -31.88
C THR D 399 12.70 77.79 -31.87
N GLY D 400 13.16 78.97 -31.48
CA GLY D 400 14.57 79.32 -31.56
C GLY D 400 15.44 78.71 -30.49
N GLU D 401 14.84 78.13 -29.45
CA GLU D 401 15.62 77.56 -28.35
C GLU D 401 16.38 76.34 -28.81
N GLY D 402 15.76 75.57 -29.70
CA GLY D 402 16.34 74.34 -30.19
C GLY D 402 15.31 73.22 -30.26
N MET D 403 14.07 73.62 -30.54
CA MET D 403 12.96 72.70 -30.61
C MET D 403 12.32 72.79 -31.98
N ASP D 404 11.60 71.74 -32.37
CA ASP D 404 10.86 71.76 -33.63
C ASP D 404 9.37 72.21 -33.54
N GLU D 405 8.84 72.62 -34.69
CA GLU D 405 7.41 72.83 -34.90
C GLU D 405 6.61 71.52 -34.65
N MET D 406 6.96 70.45 -35.39
CA MET D 406 6.30 69.13 -35.29
C MET D 406 6.27 68.54 -33.87
N GLU D 407 7.29 68.87 -33.07
CA GLU D 407 7.50 68.31 -31.73
C GLU D 407 6.32 68.55 -30.79
N PHE D 408 5.70 69.74 -30.87
CA PHE D 408 4.54 70.09 -30.05
C PHE D 408 3.37 69.15 -30.37
N THR D 409 3.05 69.07 -31.65
CA THR D 409 2.07 68.13 -32.18
C THR D 409 2.41 66.65 -31.90
N GLU D 410 3.69 66.30 -31.97
CA GLU D 410 4.18 64.93 -31.71
C GLU D 410 3.93 64.41 -30.30
N ALA D 411 3.84 65.35 -29.37
CA ALA D 411 3.43 65.04 -28.01
C ALA D 411 2.03 65.61 -27.69
N GLU D 412 1.49 66.49 -28.56
CA GLU D 412 0.09 66.92 -28.42
C GLU D 412 -0.75 65.72 -28.75
N SER D 413 -0.33 65.02 -29.80
CA SER D 413 -0.86 63.72 -30.18
C SER D 413 -0.85 62.69 -29.05
N ASN D 414 0.35 62.26 -28.63
CA ASN D 414 0.53 61.25 -27.56
C ASN D 414 -0.43 61.37 -26.37
N MET D 415 -0.85 62.59 -26.10
CA MET D 415 -1.84 62.88 -25.07
C MET D 415 -3.25 62.52 -25.55
N ASN D 416 -3.59 62.95 -26.76
CA ASN D 416 -4.89 62.63 -27.37
C ASN D 416 -5.19 61.16 -27.41
N ASP D 417 -4.13 60.37 -27.41
CA ASP D 417 -4.26 58.95 -27.40
C ASP D 417 -4.61 58.51 -26.00
N LEU D 418 -3.71 58.80 -25.06
CA LEU D 418 -4.00 58.56 -23.66
C LEU D 418 -5.44 58.99 -23.30
N VAL D 419 -5.97 60.04 -23.92
CA VAL D 419 -7.34 60.52 -23.64
C VAL D 419 -8.33 59.40 -23.98
N SER D 420 -8.28 58.91 -25.21
CA SER D 420 -9.32 58.01 -25.73
C SER D 420 -8.95 56.58 -25.50
N GLU D 421 -8.13 56.38 -24.48
CA GLU D 421 -7.74 55.05 -24.04
C GLU D 421 -8.39 54.85 -22.70
N TYR D 422 -8.39 55.92 -21.92
CA TYR D 422 -9.16 56.05 -20.69
C TYR D 422 -10.68 56.08 -21.03
N GLN D 423 -11.04 56.72 -22.14
CA GLN D 423 -12.41 56.63 -22.68
C GLN D 423 -12.69 55.26 -23.29
N GLN D 424 -11.68 54.70 -23.92
CA GLN D 424 -11.74 53.33 -24.42
C GLN D 424 -11.60 52.35 -23.24
N TYR D 425 -11.64 52.87 -22.02
CA TYR D 425 -11.80 52.00 -20.85
C TYR D 425 -13.04 52.38 -20.03
N GLN D 426 -14.11 52.61 -20.75
CA GLN D 426 -15.43 52.38 -20.20
C GLN D 426 -15.96 51.11 -20.90
N ASP D 427 -15.40 49.98 -20.40
CA ASP D 427 -15.22 48.68 -21.08
C ASP D 427 -16.42 47.69 -21.18
N ALA D 428 -16.19 46.42 -20.87
CA ALA D 428 -17.23 45.38 -20.97
C ALA D 428 -16.87 44.13 -20.17
N ALA E 1 -22.50 -85.59 1.57
CA ALA E 1 -23.78 -86.34 1.39
C ALA E 1 -23.68 -87.89 1.57
N ASP E 2 -22.50 -88.40 1.99
CA ASP E 2 -22.14 -89.86 2.10
C ASP E 2 -21.51 -90.50 0.79
N MET E 3 -20.17 -90.47 0.73
CA MET E 3 -19.43 -90.21 -0.53
C MET E 3 -18.30 -91.14 -1.03
N GLU E 4 -17.41 -91.55 -0.13
CA GLU E 4 -16.12 -92.19 -0.47
C GLU E 4 -15.05 -91.19 -0.86
N VAL E 5 -13.86 -91.43 -0.30
CA VAL E 5 -12.70 -90.55 -0.37
C VAL E 5 -11.61 -91.20 -1.21
N ILE E 6 -10.77 -90.39 -1.82
CA ILE E 6 -9.58 -90.89 -2.51
C ILE E 6 -8.38 -90.45 -1.70
N GLU E 7 -7.69 -91.41 -1.10
CA GLU E 7 -6.54 -91.14 -0.23
C GLU E 7 -5.34 -90.60 -1.01
N LEU E 8 -5.04 -89.32 -0.81
CA LEU E 8 -3.95 -88.70 -1.57
C LEU E 8 -2.77 -88.31 -0.66
N ASN E 9 -2.09 -89.33 -0.11
CA ASN E 9 -0.84 -89.14 0.66
C ASN E 9 -0.91 -89.19 2.21
N LYS E 10 0.19 -89.70 2.78
CA LYS E 10 0.43 -89.76 4.22
C LYS E 10 1.94 -89.64 4.39
N CYS E 11 2.39 -88.58 5.06
CA CYS E 11 3.79 -88.48 5.46
C CYS E 11 3.90 -88.29 6.96
N THR E 12 5.07 -87.82 7.39
CA THR E 12 5.43 -87.78 8.80
C THR E 12 4.38 -87.10 9.71
N SER E 13 4.05 -85.85 9.34
CA SER E 13 3.27 -84.88 10.15
C SER E 13 1.94 -84.49 9.44
N GLY E 14 1.31 -85.47 8.80
CA GLY E 14 0.09 -85.23 8.06
C GLY E 14 -0.58 -86.38 7.33
N GLN E 15 -1.62 -86.04 6.57
CA GLN E 15 -2.41 -86.94 5.72
C GLN E 15 -3.34 -86.06 4.87
N SER E 16 -3.49 -86.39 3.58
CA SER E 16 -4.44 -85.69 2.72
C SER E 16 -5.38 -86.72 2.15
N PHE E 17 -6.46 -86.25 1.55
CA PHE E 17 -7.38 -87.12 0.87
C PHE E 17 -8.45 -86.31 0.17
N GLU E 18 -8.77 -86.64 -1.09
CA GLU E 18 -9.91 -86.02 -1.78
C GLU E 18 -11.22 -86.53 -1.17
N VAL E 19 -12.33 -85.83 -1.36
CA VAL E 19 -13.63 -86.35 -0.91
C VAL E 19 -14.76 -86.06 -1.95
N ILE E 20 -14.57 -86.57 -3.18
CA ILE E 20 -15.49 -86.32 -4.31
C ILE E 20 -16.93 -86.73 -3.99
N LEU E 21 -17.86 -85.84 -4.33
CA LEU E 21 -19.21 -85.90 -3.81
C LEU E 21 -20.30 -86.29 -4.83
N LYS E 22 -20.37 -85.57 -5.96
CA LYS E 22 -21.33 -85.82 -7.03
C LYS E 22 -20.72 -85.47 -8.39
N PRO E 23 -20.05 -86.44 -9.02
CA PRO E 23 -19.27 -86.28 -10.27
C PRO E 23 -19.54 -85.05 -11.13
N PRO E 24 -18.47 -84.51 -11.72
CA PRO E 24 -18.48 -83.20 -12.40
C PRO E 24 -19.54 -82.95 -13.52
N SER E 25 -20.03 -83.99 -14.20
CA SER E 25 -20.86 -83.91 -15.44
C SER E 25 -20.33 -82.94 -16.54
N PHE E 26 -19.73 -83.51 -17.60
CA PHE E 26 -18.88 -82.78 -18.57
C PHE E 26 -19.52 -81.54 -19.19
N ASP E 27 -18.77 -80.43 -19.25
CA ASP E 27 -19.26 -79.14 -19.81
C ASP E 27 -19.59 -79.24 -21.30
N PRO E 42 3.05 -64.25 -21.78
CA PRO E 42 4.33 -64.01 -22.48
C PRO E 42 5.05 -62.74 -21.97
N SER E 43 5.46 -62.81 -20.69
CA SER E 43 6.07 -61.73 -19.90
C SER E 43 6.74 -60.53 -20.63
N LEU E 44 7.71 -60.82 -21.50
CA LEU E 44 8.42 -59.84 -22.35
C LEU E 44 9.41 -58.94 -21.62
N GLU E 45 10.70 -59.05 -21.95
CA GLU E 45 11.75 -58.17 -21.39
C GLU E 45 11.77 -56.73 -21.97
N GLU E 46 11.72 -56.61 -23.31
CA GLU E 46 11.74 -55.33 -24.04
C GLU E 46 11.10 -54.11 -23.36
N ILE E 47 10.39 -54.31 -22.23
CA ILE E 47 9.74 -53.24 -21.43
C ILE E 47 10.53 -52.75 -20.19
N GLN E 48 11.61 -52.03 -20.49
CA GLN E 48 12.55 -51.41 -19.56
C GLN E 48 12.85 -50.09 -20.27
N LYS E 49 12.42 -50.04 -21.52
CA LYS E 49 12.38 -48.85 -22.34
C LYS E 49 11.03 -48.21 -22.09
N LYS E 50 10.10 -48.97 -21.53
CA LYS E 50 8.81 -48.42 -21.11
C LYS E 50 9.00 -47.48 -19.92
N LEU E 51 9.95 -47.86 -19.07
CA LEU E 51 10.28 -47.15 -17.83
C LEU E 51 11.09 -45.84 -18.06
N GLU E 52 11.76 -45.71 -19.22
CA GLU E 52 12.40 -44.45 -19.57
C GLU E 52 11.66 -43.77 -20.72
N ALA E 53 10.37 -44.09 -20.85
CA ALA E 53 9.39 -43.26 -21.54
C ALA E 53 8.61 -42.51 -20.46
N ALA E 54 8.47 -43.14 -19.30
CA ALA E 54 7.94 -42.52 -18.09
C ALA E 54 8.76 -41.33 -17.69
N GLU E 55 10.07 -41.50 -17.86
CA GLU E 55 11.06 -40.46 -17.64
C GLU E 55 11.17 -39.52 -18.85
N GLU E 56 10.67 -39.97 -19.99
CA GLU E 56 10.58 -39.10 -21.14
C GLU E 56 9.65 -37.95 -20.84
N ARG E 57 8.55 -38.22 -20.13
CA ARG E 57 7.51 -37.21 -19.95
C ARG E 57 7.64 -36.41 -18.67
N ARG E 58 8.34 -36.93 -17.67
CA ARG E 58 8.65 -36.11 -16.50
C ARG E 58 9.67 -35.06 -16.90
N LYS E 59 10.83 -35.48 -17.41
CA LYS E 59 11.91 -34.55 -17.78
C LYS E 59 11.49 -33.50 -18.83
N TYR E 60 10.31 -33.72 -19.43
CA TYR E 60 9.70 -32.77 -20.35
C TYR E 60 8.90 -31.79 -19.56
N GLN E 61 8.04 -32.28 -18.67
CA GLN E 61 7.20 -31.40 -17.90
C GLN E 61 8.02 -30.52 -16.98
N GLU E 62 8.94 -31.11 -16.23
CA GLU E 62 9.67 -30.31 -15.27
C GLU E 62 10.55 -29.21 -15.97
N ALA E 63 11.25 -29.55 -17.07
CA ALA E 63 12.08 -28.59 -17.84
C ALA E 63 11.26 -27.63 -18.75
N GLU E 64 9.96 -27.59 -18.50
CA GLU E 64 9.01 -26.68 -19.18
C GLU E 64 8.33 -25.76 -18.18
N LEU E 65 8.01 -26.28 -17.01
CA LEU E 65 7.65 -25.45 -15.86
C LEU E 65 8.97 -24.89 -15.32
N LEU E 66 10.01 -25.00 -16.16
CA LEU E 66 11.29 -24.34 -15.98
C LEU E 66 11.41 -23.26 -17.08
N LYS E 67 11.17 -23.61 -18.33
CA LYS E 67 11.11 -22.60 -19.40
C LYS E 67 9.79 -21.78 -19.47
N HIS E 68 8.78 -22.12 -18.66
CA HIS E 68 7.62 -21.23 -18.45
C HIS E 68 7.95 -20.36 -17.20
N LEU E 69 8.98 -20.73 -16.48
CA LEU E 69 9.32 -20.02 -15.26
C LEU E 69 10.56 -19.20 -15.39
N ALA E 70 11.50 -19.67 -16.21
CA ALA E 70 12.63 -18.88 -16.68
C ALA E 70 12.06 -17.91 -17.70
N GLU E 71 10.79 -17.56 -17.47
CA GLU E 71 9.99 -16.65 -18.29
C GLU E 71 9.48 -15.50 -17.43
N LYS E 72 8.54 -15.85 -16.54
CA LYS E 72 8.04 -14.97 -15.50
C LYS E 72 9.25 -14.32 -14.80
N ARG E 73 10.44 -14.77 -15.17
CA ARG E 73 11.64 -14.20 -14.61
C ARG E 73 12.02 -13.01 -15.43
N GLU E 74 12.73 -13.19 -16.54
CA GLU E 74 13.23 -12.03 -17.28
C GLU E 74 12.13 -11.20 -17.98
N HIS E 75 10.86 -11.39 -17.58
CA HIS E 75 9.83 -10.39 -17.80
C HIS E 75 9.90 -9.42 -16.62
N GLU E 76 10.14 -9.97 -15.43
CA GLU E 76 10.53 -9.22 -14.23
C GLU E 76 11.71 -8.29 -14.54
N ARG E 77 12.58 -8.70 -15.46
CA ARG E 77 13.64 -7.84 -15.91
C ARG E 77 12.98 -6.52 -16.32
N GLU E 78 11.94 -6.59 -17.16
CA GLU E 78 11.21 -5.40 -17.68
C GLU E 78 10.55 -4.58 -16.61
N VAL E 79 9.34 -4.97 -16.22
CA VAL E 79 8.69 -4.38 -15.09
C VAL E 79 9.72 -3.65 -14.24
N ILE E 80 10.66 -4.37 -13.61
CA ILE E 80 11.70 -3.77 -12.75
C ILE E 80 12.40 -2.56 -13.37
N GLN E 81 12.83 -2.72 -14.62
CA GLN E 81 13.63 -1.72 -15.31
C GLN E 81 12.89 -0.91 -16.40
N LYS E 82 11.93 -1.52 -17.08
CA LYS E 82 11.04 -0.77 -17.99
C LYS E 82 10.17 0.18 -17.18
N ALA E 83 10.57 0.38 -15.93
CA ALA E 83 9.99 1.36 -15.03
C ALA E 83 11.04 2.40 -14.80
N ILE E 84 12.15 1.98 -14.20
CA ILE E 84 13.31 2.83 -14.10
C ILE E 84 13.54 3.52 -15.44
N GLU E 85 13.54 2.75 -16.52
CA GLU E 85 13.79 3.27 -17.86
C GLU E 85 12.68 4.25 -18.28
N GLU E 86 11.47 4.03 -17.78
CA GLU E 86 10.36 4.95 -18.01
C GLU E 86 10.33 6.09 -16.96
N ASN E 87 11.28 6.09 -16.03
CA ASN E 87 11.37 7.19 -15.07
C ASN E 87 12.32 8.30 -15.47
N ASN E 88 13.58 7.95 -15.76
CA ASN E 88 14.48 8.96 -16.32
C ASN E 88 13.92 9.50 -17.64
N ASN E 89 12.87 8.84 -18.16
CA ASN E 89 12.14 9.29 -19.35
C ASN E 89 11.45 10.61 -19.08
N PHE E 90 11.40 10.95 -17.81
CA PHE E 90 10.70 12.11 -17.37
C PHE E 90 11.75 13.11 -16.92
N ILE E 91 12.62 12.69 -16.01
CA ILE E 91 13.68 13.56 -15.53
C ILE E 91 14.34 14.31 -16.70
N LYS E 92 14.83 13.56 -17.69
CA LYS E 92 15.52 14.12 -18.85
C LYS E 92 14.54 14.42 -19.99
N MET E 93 13.27 14.55 -19.64
CA MET E 93 12.32 15.30 -20.46
C MET E 93 12.28 16.69 -19.81
N ALA E 94 12.09 16.74 -18.50
CA ALA E 94 11.90 18.03 -17.83
C ALA E 94 13.17 18.64 -17.25
N LYS E 95 14.34 18.19 -17.69
CA LYS E 95 15.56 18.93 -17.39
C LYS E 95 15.70 20.00 -18.46
N GLU E 96 14.93 19.87 -19.54
CA GLU E 96 14.96 20.85 -20.62
C GLU E 96 13.59 21.50 -20.89
N LYS E 97 12.53 20.82 -20.50
CA LYS E 97 11.25 21.50 -20.31
C LYS E 97 11.47 22.66 -19.32
N LEU E 98 12.69 22.71 -18.77
CA LEU E 98 13.11 23.79 -17.89
C LEU E 98 14.13 24.60 -18.62
N ALA E 99 15.40 24.43 -18.30
CA ALA E 99 16.43 25.34 -18.79
C ALA E 99 16.50 25.55 -20.34
N GLN E 100 15.42 25.19 -21.04
CA GLN E 100 15.22 25.51 -22.48
C GLN E 100 13.90 26.26 -22.68
N LYS E 101 13.09 26.28 -21.62
CA LYS E 101 11.94 27.16 -21.50
C LYS E 101 12.43 28.38 -20.71
N MET E 102 13.64 28.30 -20.16
CA MET E 102 14.10 29.33 -19.27
C MET E 102 15.34 30.04 -19.76
N GLU E 103 15.88 29.56 -20.86
CA GLU E 103 16.88 30.32 -21.58
C GLU E 103 16.20 30.84 -22.83
N SER E 104 14.90 30.60 -22.93
CA SER E 104 14.06 31.35 -23.84
C SER E 104 13.53 32.58 -23.12
N ASN E 105 13.60 32.52 -21.80
CA ASN E 105 13.23 33.64 -20.98
C ASN E 105 14.36 34.66 -20.98
N LYS E 106 15.54 34.21 -20.53
CA LYS E 106 16.74 35.04 -20.50
C LYS E 106 16.92 35.82 -21.79
N GLU E 107 16.70 35.20 -22.95
CA GLU E 107 16.84 35.93 -24.22
C GLU E 107 15.62 36.81 -24.47
N ASN E 108 14.47 36.39 -23.93
CA ASN E 108 13.20 37.09 -24.12
C ASN E 108 13.10 38.44 -23.42
N ARG E 109 13.41 38.47 -22.14
CA ARG E 109 13.52 39.77 -21.52
C ARG E 109 14.69 40.53 -22.10
N GLU E 110 15.89 40.00 -22.00
CA GLU E 110 17.13 40.73 -22.29
C GLU E 110 17.07 41.60 -23.53
N ALA E 111 16.19 41.26 -24.46
CA ALA E 111 15.93 42.10 -25.63
C ALA E 111 14.66 43.00 -25.52
N HIS E 112 13.97 42.93 -24.37
CA HIS E 112 12.91 43.87 -23.97
C HIS E 112 13.49 44.98 -23.07
N LEU E 113 14.74 44.76 -22.64
CA LEU E 113 15.59 45.76 -21.97
C LEU E 113 16.19 46.64 -23.06
N ALA E 114 16.97 46.03 -23.99
CA ALA E 114 17.50 46.69 -25.19
C ALA E 114 16.43 47.52 -25.94
N ALA E 115 15.22 46.96 -26.06
CA ALA E 115 14.04 47.66 -26.61
C ALA E 115 13.66 48.87 -25.77
N MET E 116 13.94 48.75 -24.47
CA MET E 116 13.80 49.83 -23.50
C MET E 116 14.79 50.93 -23.82
N LEU E 117 16.06 50.54 -23.86
CA LEU E 117 17.16 51.49 -23.93
C LEU E 117 17.40 52.17 -25.29
N GLU E 118 17.29 51.44 -26.40
CA GLU E 118 17.51 52.02 -27.75
C GLU E 118 16.40 52.99 -28.21
N ARG E 119 15.34 53.06 -27.40
CA ARG E 119 14.30 54.10 -27.48
C ARG E 119 14.77 55.34 -26.71
N LEU E 120 15.82 55.17 -25.91
CA LEU E 120 16.38 56.26 -25.13
C LEU E 120 17.46 57.01 -25.89
N GLN E 121 18.52 56.30 -26.29
CA GLN E 121 19.50 56.82 -27.25
C GLN E 121 18.83 57.45 -28.49
N GLU E 122 17.49 57.48 -28.48
CA GLU E 122 16.61 57.94 -29.57
C GLU E 122 15.64 59.06 -29.14
N LYS E 123 15.46 59.22 -27.84
CA LYS E 123 15.00 60.48 -27.36
C LYS E 123 16.24 61.26 -26.92
N ASP E 124 17.39 60.58 -27.03
CA ASP E 124 18.69 61.14 -26.64
C ASP E 124 19.54 61.60 -27.84
N LYS E 125 19.85 60.71 -28.80
CA LYS E 125 20.46 61.14 -30.06
C LYS E 125 19.49 61.97 -30.93
N HIS E 126 18.34 62.34 -30.34
CA HIS E 126 17.40 63.35 -30.86
C HIS E 126 17.57 64.68 -30.09
N ALA E 127 17.81 64.57 -28.79
CA ALA E 127 18.04 65.75 -27.94
C ALA E 127 19.38 66.43 -28.22
N GLU E 128 20.34 65.67 -28.75
CA GLU E 128 21.68 66.16 -29.07
C GLU E 128 21.68 67.00 -30.33
N GLU E 129 21.06 66.48 -31.38
CA GLU E 129 21.05 67.15 -32.68
C GLU E 129 20.16 68.40 -32.75
N VAL E 130 19.24 68.61 -31.79
CA VAL E 130 18.48 69.89 -31.69
C VAL E 130 19.04 70.89 -30.66
N ARG E 131 20.34 70.79 -30.42
CA ARG E 131 21.13 71.85 -29.80
C ARG E 131 22.15 72.28 -30.84
N LYS E 132 22.61 71.32 -31.63
CA LYS E 132 23.31 71.62 -32.87
C LYS E 132 22.37 72.41 -33.80
N ASN E 133 21.09 72.47 -33.41
CA ASN E 133 20.05 73.25 -34.10
C ASN E 133 19.71 74.57 -33.37
N LYS E 134 19.97 74.61 -32.06
CA LYS E 134 19.92 75.86 -31.30
C LYS E 134 21.16 76.69 -31.59
N GLU E 135 22.35 76.12 -31.42
CA GLU E 135 23.60 76.79 -31.78
C GLU E 135 23.80 76.80 -33.30
N LEU E 136 22.73 77.19 -34.00
CA LEU E 136 22.71 77.41 -35.44
C LEU E 136 21.50 78.27 -35.87
N LYS E 137 20.53 78.46 -34.97
CA LYS E 137 19.30 79.20 -35.30
C LYS E 137 19.46 80.71 -35.19
PG GTP F . 4.03 -46.25 2.56
O1G GTP F . 3.70 -45.64 3.87
O2G GTP F . 5.53 -46.50 2.47
O3G GTP F . 3.51 -45.36 1.40
O3B GTP F . 3.40 -47.70 2.40
PB GTP F . 2.61 -48.04 1.02
O1B GTP F . 2.75 -49.49 0.75
O2B GTP F . 3.07 -47.09 -0.13
O3A GTP F . 1.07 -47.75 1.42
PA GTP F . 0.27 -48.57 2.55
O1A GTP F . 0.06 -47.74 3.76
O2A GTP F . 1.06 -49.88 2.76
O5' GTP F . -1.17 -48.93 1.93
C5' GTP F . -2.34 -48.25 2.31
C4' GTP F . -3.46 -49.28 2.37
O4' GTP F . -2.94 -50.31 3.15
C3' GTP F . -4.70 -48.81 3.12
O3' GTP F . -5.76 -49.65 2.73
C2' GTP F . -4.37 -49.07 4.57
O2' GTP F . -5.54 -49.40 5.27
C1' GTP F . -3.56 -50.34 4.43
N9 GTP F . -2.62 -50.61 5.54
C8 GTP F . -1.58 -49.82 5.96
N7 GTP F . -0.95 -50.46 6.99
C5 GTP F . -1.56 -51.63 7.21
C6 GTP F . -1.34 -52.64 8.13
O6 GTP F . -0.44 -52.53 8.96
N1 GTP F . -2.15 -53.74 8.13
C2 GTP F . -3.17 -53.81 7.23
N2 GTP F . -3.99 -54.84 7.17
N3 GTP F . -3.38 -52.80 6.33
C4 GTP F . -2.60 -51.73 6.31
MG MG G . 3.14 -45.63 -0.43
PB GDP H . 2.01 -6.15 4.25
O1B GDP H . 2.09 -7.61 4.07
O2B GDP H . 2.68 -5.66 5.55
O3B GDP H . 2.59 -5.33 3.07
O3A GDP H . 0.42 -5.94 4.36
PA GDP H . -0.37 -5.96 5.77
O1A GDP H . 0.54 -6.69 6.69
O2A GDP H . -0.76 -4.54 6.29
O5' GDP H . -1.70 -6.81 5.48
C5' GDP H . -2.79 -6.16 4.88
C4' GDP H . -4.03 -7.01 4.98
O4' GDP H . -3.78 -8.00 5.95
C3' GDP H . -5.20 -6.15 5.46
O3' GDP H . -6.36 -6.53 4.77
C2' GDP H . -5.42 -6.53 6.89
O2' GDP H . -6.80 -6.78 7.15
C1' GDP H . -4.55 -7.77 7.13
N9 GDP H . -3.73 -7.65 8.36
C8 GDP H . -2.91 -6.60 8.75
N7 GDP H . -2.37 -6.90 9.97
C5 GDP H . -2.81 -8.11 10.37
C6 GDP H . -2.58 -8.89 11.51
O6 GDP H . -1.56 -8.69 12.17
N1 GDP H . -3.21 -10.11 11.64
C2 GDP H . -4.07 -10.57 10.64
N2 GDP H . -5.09 -11.33 10.99
N3 GDP H . -4.28 -9.80 9.52
C4 GDP H . -3.67 -8.59 9.38
MG MG I . 1.26 -1.87 6.44
CAA K2N J . 2.65 -27.59 6.45
CAB K2N J . -4.98 -31.83 9.00
NAC K2N J . -4.03 -31.79 3.75
OAD K2N J . 0.55 -26.99 5.55
CAE K2N J . -6.45 -37.20 7.60
CAF K2N J . -5.41 -37.00 6.71
CAG K2N J . -6.88 -36.15 8.40
CAH K2N J . -4.83 -35.74 6.63
CAI K2N J . -6.30 -34.89 8.30
CAJ K2N J . -1.77 -30.40 6.84
CAK K2N J . 1.73 -28.69 7.04
NAL K2N J . -4.28 -32.97 6.09
NAM K2N J . -2.41 -30.29 4.59
NAN K2N J . -0.86 -28.74 5.28
NAO K2N J . -2.82 -32.08 8.25
OAP K2N J . 0.35 -28.32 7.25
CAQ K2N J . -0.02 -28.00 6.00
CAR K2N J . -4.58 -33.48 7.27
CAS K2N J . -5.27 -34.66 7.39
CAT K2N J . -3.28 -31.33 4.75
CAU K2N J . -1.63 -29.82 5.57
CAV K2N J . -2.68 -31.47 7.02
CAW K2N J . -3.47 -31.92 5.97
CAX K2N J . -4.01 -32.85 8.52
PG GTP K . 6.58 37.90 -0.38
O1G GTP K . 6.13 38.63 0.82
O2G GTP K . 8.10 37.84 -0.32
O3G GTP K . 6.11 38.56 -1.68
O3B GTP K . 6.03 36.40 -0.34
PB GTP K . 5.14 36.03 -1.59
O1B GTP K . 5.08 34.58 -1.74
O2B GTP K . 5.67 36.78 -2.83
O3A GTP K . 3.70 36.65 -1.16
PA GTP K . 2.70 36.04 -0.03
O1A GTP K . 2.06 37.03 0.86
O2A GTP K . 3.61 35.06 0.74
O5' GTP K . 1.50 35.29 -0.82
C5' GTP K . 0.22 35.89 -1.01
C4' GTP K . -0.83 35.18 -0.17
O4' GTP K . -0.25 34.97 1.08
C3' GTP K . -2.09 36.04 0.09
O3' GTP K . -3.29 35.32 -0.20
C2' GTP K . -2.06 36.38 1.56
O2' GTP K . -3.35 36.39 2.13
C1' GTP K . -1.27 35.18 2.03
N9 GTP K . -0.68 35.26 3.35
C8 GTP K . 0.34 36.06 3.78
N7 GTP K . 0.58 35.76 5.07
C5 GTP K . -0.25 34.77 5.46
C6 GTP K . -0.44 34.09 6.66
O6 GTP K . 0.23 34.37 7.64
N1 GTP K . -1.41 33.10 6.73
C2 GTP K . -2.18 32.77 5.64
N2 GTP K . -3.11 31.80 5.72
N3 GTP K . -2.00 33.46 4.46
C4 GTP K . -1.05 34.43 4.38
MG MG L . 6.25 38.13 -3.50
PB GDP M . 9.60 76.09 -12.22
O1B GDP M . 10.04 74.68 -12.10
O2B GDP M . 10.12 76.89 -11.02
O3B GDP M . 10.13 76.77 -13.50
O3A GDP M . 8.00 76.04 -12.25
PA GDP M . 7.20 76.88 -11.17
O1A GDP M . 8.02 76.78 -9.95
O2A GDP M . 6.98 78.34 -11.64
O5' GDP M . 5.83 76.08 -10.87
C5' GDP M . 4.92 75.80 -11.90
C4' GDP M . 3.48 76.06 -11.51
O4' GDP M . 3.14 75.41 -10.30
C3' GDP M . 3.20 77.53 -11.31
O3' GDP M . 2.77 78.03 -12.53
C2' GDP M . 2.05 77.54 -10.35
O2' GDP M . 0.82 77.51 -11.05
C1' GDP M . 2.29 76.26 -9.56
N9 GDP M . 3.02 76.61 -8.34
C8 GDP M . 3.94 77.61 -8.24
N7 GDP M . 4.40 77.61 -6.97
C5 GDP M . 3.79 76.63 -6.26
C6 GDP M . 3.89 76.26 -4.93
O6 GDP M . 4.27 77.10 -4.10
N1 GDP M . 3.12 75.20 -4.50
C2 GDP M . 2.23 74.55 -5.33
N2 GDP M . 1.11 74.13 -4.76
N3 GDP M . 2.15 74.95 -6.65
C4 GDP M . 2.90 75.98 -7.11
CAA K2N N . 7.37 56.17 -3.19
CAB K2N N . -1.47 54.42 -0.64
NAC K2N N . 0.75 52.17 -5.06
OAD K2N N . 5.16 57.53 -3.58
CAE K2N N . -3.06 48.87 0.03
CAF K2N N . -1.75 48.66 -0.41
CAG K2N N . -3.65 50.16 -0.01
CAH K2N N . -1.04 49.76 -0.88
CAI K2N N . -2.93 51.27 -0.48
CAJ K2N N . 2.13 54.79 -2.19
CAK K2N N . 6.26 55.09 -3.30
NAL K2N N . -0.11 51.93 -2.51
NAM K2N N . 2.12 54.05 -4.41
NAN K2N N . 3.44 56.03 -3.74
NAO K2N N . 0.78 53.66 -0.57
OAP K2N N . 5.24 55.57 -2.47
CAQ K2N N . 4.62 56.44 -3.27
CAR K2N N . -0.81 52.06 -1.37
CAS K2N N . -1.62 51.04 -0.93
CAT K2N N . 1.22 53.03 -4.14
CAU K2N N . 2.63 54.93 -3.48
CAV K2N N . 1.23 53.77 -1.87
CAW K2N N . 0.76 52.90 -2.85
CAX K2N N . -0.58 53.23 -0.40
#